data_4QG0
#
_entry.id   4QG0
#
_cell.length_a   87.856
_cell.length_b   146.596
_cell.length_c   98.686
_cell.angle_alpha   90.00
_cell.angle_beta   114.62
_cell.angle_gamma   90.00
#
_symmetry.space_group_name_H-M   'P 1 21 1'
#
loop_
_entity.id
_entity.type
_entity.pdbx_description
1 polymer 'Deoxynucleoside triphosphate triphosphohydrolase SAMHD1'
2 non-polymer "2'-DEOXYGUANOSINE-5'-TRIPHOSPHATE"
3 non-polymer "DEOXYURIDINE-5'-TRIPHOSPHATE"
4 non-polymer 'MAGNESIUM ION'
5 non-polymer 1,2-ETHANEDIOL
6 water water
#
_entity_poly.entity_id   1
_entity_poly.type   'polypeptide(L)'
_entity_poly.pdbx_seq_one_letter_code
;MGSSHHHHHHSSGLVPRGSHMASMTGGQQMGRDPNSDTMKVINDPIHGHIELHPLLVRIIDTPQFQRLRYIKQLGGGYYV
FPGASHNRFEHSLGVGYLAGCLVHALGEKQPELQISERDVLCVQIAGLCRNLGHGPFSHMFDGRFIPLARPEVKWTHEQG
SVMMFEHLINSNGIKPVMEQYGLIPEEDICFIKEQIVGPLESPVEDSLWPYKGRPENKSFLYEIVSNKRNGIDVDKWDYF
ARDCHHLGIQNNFDYKRFIKFARVCEVDNELRICARDKEVGNLYDMFHTRNSLHRRAYQHKVGNIIDTMITDAFLKADDY
IEITGAGGKKYRISTAIDDMEAYTKLTDNIFLEILYSTDPKLKDAREILKQIEYRNLFKYVGETQPTGQIKIKREDYESL
PKEVASAKPKVLLDVKLKAEDFIVDVINMDYGMQEKNPIDHVSFYCKTAPNRAIRITKNQVSQLLPEKFAEQLIRVYCKK
VDRKSLYAARQYFVQWCADRNFTKPQDGDVIAPLITPQKKEWNDSTSVQNPTRLREASKSRVQLFKDDPM
;
_entity_poly.pdbx_strand_id   A,B,C,D
#
# COMPACT_ATOMS: atom_id res chain seq x y z
N ASP A 37 -6.24 -35.60 -4.65
CA ASP A 37 -5.98 -34.54 -3.69
C ASP A 37 -4.80 -33.66 -4.11
N THR A 38 -5.07 -32.39 -4.38
CA THR A 38 -4.07 -31.51 -4.96
C THR A 38 -3.77 -30.31 -4.07
N MET A 39 -2.84 -29.48 -4.52
CA MET A 39 -2.55 -28.21 -3.87
C MET A 39 -3.79 -27.34 -3.86
N LYS A 40 -3.98 -26.57 -2.79
CA LYS A 40 -4.96 -25.50 -2.84
C LYS A 40 -4.25 -24.16 -2.78
N VAL A 41 -4.78 -23.14 -3.43
CA VAL A 41 -4.19 -21.82 -3.35
C VAL A 41 -5.12 -20.94 -2.52
N ILE A 42 -4.54 -20.25 -1.55
CA ILE A 42 -5.30 -19.31 -0.72
C ILE A 42 -4.79 -17.88 -0.92
N ASN A 43 -5.70 -16.94 -1.14
CA ASN A 43 -5.32 -15.54 -1.21
C ASN A 43 -5.33 -14.83 0.13
N ASP A 44 -4.14 -14.38 0.54
CA ASP A 44 -3.96 -13.67 1.79
C ASP A 44 -3.54 -12.24 1.45
N PRO A 45 -4.15 -11.25 2.13
CA PRO A 45 -3.82 -9.84 1.91
C PRO A 45 -2.36 -9.52 2.23
N ILE A 46 -1.75 -10.25 3.15
CA ILE A 46 -0.35 -10.01 3.50
C ILE A 46 0.63 -10.62 2.49
N HIS A 47 0.47 -11.90 2.19
CA HIS A 47 1.48 -12.64 1.40
C HIS A 47 1.06 -12.93 -0.03
N GLY A 48 -0.20 -12.67 -0.37
CA GLY A 48 -0.69 -12.94 -1.71
C GLY A 48 -1.18 -14.37 -1.81
N HIS A 49 -0.93 -14.99 -2.95
CA HIS A 49 -1.36 -16.37 -3.19
C HIS A 49 -0.37 -17.37 -2.60
N ILE A 50 -0.84 -18.07 -1.58
CA ILE A 50 -0.10 -19.07 -0.82
C ILE A 50 -0.54 -20.46 -1.28
N GLU A 51 0.41 -21.29 -1.69
CA GLU A 51 0.13 -22.67 -2.07
C GLU A 51 0.17 -23.58 -0.86
N LEU A 52 -0.86 -24.40 -0.72
CA LEU A 52 -0.95 -25.36 0.37
C LEU A 52 -0.91 -26.80 -0.15
N HIS A 53 0.14 -27.51 0.27
CA HIS A 53 0.29 -28.94 0.01
C HIS A 53 -0.87 -29.71 0.63
N PRO A 54 -1.36 -30.76 -0.05
CA PRO A 54 -2.57 -31.48 0.41
C PRO A 54 -2.53 -31.97 1.85
N LEU A 55 -1.37 -32.35 2.37
CA LEU A 55 -1.25 -32.76 3.77
C LEU A 55 -1.57 -31.59 4.72
N LEU A 56 -0.99 -30.42 4.42
CA LEU A 56 -1.30 -29.19 5.15
C LEU A 56 -2.79 -28.90 5.08
N VAL A 57 -3.36 -29.10 3.90
CA VAL A 57 -4.81 -28.92 3.72
C VAL A 57 -5.58 -29.83 4.68
N ARG A 58 -5.15 -31.09 4.77
CA ARG A 58 -5.78 -32.04 5.69
C ARG A 58 -5.70 -31.58 7.14
N ILE A 59 -4.52 -31.13 7.56
CA ILE A 59 -4.34 -30.60 8.91
C ILE A 59 -5.23 -29.37 9.20
N ILE A 60 -5.37 -28.51 8.20
CA ILE A 60 -6.11 -27.26 8.33
C ILE A 60 -7.61 -27.51 8.43
N ASP A 61 -8.10 -28.44 7.63
CA ASP A 61 -9.53 -28.74 7.64
C ASP A 61 -9.92 -29.68 8.80
N THR A 62 -9.66 -29.25 10.02
CA THR A 62 -10.07 -29.96 11.24
C THR A 62 -10.72 -28.98 12.23
N PRO A 63 -11.55 -29.50 13.17
CA PRO A 63 -12.13 -28.60 14.18
C PRO A 63 -11.04 -27.92 14.99
N GLN A 64 -9.97 -28.66 15.25
CA GLN A 64 -8.86 -28.17 16.06
C GLN A 64 -8.16 -26.98 15.42
N PHE A 65 -8.06 -26.96 14.09
CA PHE A 65 -7.41 -25.83 13.43
C PHE A 65 -8.41 -24.72 13.14
N GLN A 66 -9.61 -25.09 12.73
CA GLN A 66 -10.61 -24.13 12.35
C GLN A 66 -11.06 -23.30 13.57
N ARG A 67 -10.89 -23.87 14.77
CA ARG A 67 -11.12 -23.16 16.03
C ARG A 67 -10.46 -21.76 16.06
N LEU A 68 -9.28 -21.65 15.44
CA LEU A 68 -8.52 -20.40 15.47
C LEU A 68 -9.20 -19.25 14.75
N ARG A 69 -10.19 -19.55 13.94
CA ARG A 69 -11.02 -18.51 13.34
C ARG A 69 -11.81 -17.73 14.39
N TYR A 70 -11.92 -18.25 15.60
CA TYR A 70 -12.78 -17.61 16.61
C TYR A 70 -11.99 -17.15 17.81
N ILE A 71 -10.74 -16.76 17.55
CA ILE A 71 -9.85 -16.19 18.56
C ILE A 71 -9.09 -14.98 18.00
N LYS A 72 -9.44 -13.77 18.45
CA LYS A 72 -8.82 -12.54 17.96
C LYS A 72 -7.33 -12.52 18.26
N GLN A 73 -6.52 -12.24 17.24
CA GLN A 73 -5.07 -12.13 17.39
C GLN A 73 -4.67 -11.18 18.52
N LEU A 74 -5.32 -10.02 18.56
CA LEU A 74 -4.91 -8.96 19.48
C LEU A 74 -5.88 -8.80 20.65
N GLY A 75 -6.76 -9.79 20.80
CA GLY A 75 -7.71 -9.83 21.90
C GLY A 75 -8.56 -8.57 21.98
N GLY A 76 -8.46 -7.87 23.10
CA GLY A 76 -9.25 -6.66 23.32
C GLY A 76 -8.80 -5.44 22.56
N GLY A 77 -7.72 -5.57 21.79
CA GLY A 77 -7.17 -4.44 21.04
C GLY A 77 -8.13 -3.99 19.95
N TYR A 78 -8.94 -4.92 19.48
CA TYR A 78 -9.99 -4.64 18.52
C TYR A 78 -10.97 -3.60 19.06
N TYR A 79 -11.03 -3.46 20.37
CA TYR A 79 -11.95 -2.52 20.97
C TYR A 79 -11.34 -1.11 21.03
N VAL A 80 -10.08 -1.00 20.62
CA VAL A 80 -9.39 0.29 20.48
C VAL A 80 -9.04 0.60 19.02
N PHE A 81 -8.52 -0.41 18.33
CA PHE A 81 -8.25 -0.35 16.90
C PHE A 81 -9.28 -1.20 16.16
N PRO A 82 -10.32 -0.59 15.62
CA PRO A 82 -11.41 -1.33 14.98
C PRO A 82 -10.95 -2.09 13.72
N GLY A 83 -9.76 -1.79 13.22
CA GLY A 83 -9.24 -2.54 12.09
C GLY A 83 -8.71 -3.90 12.53
N ALA A 84 -8.39 -4.04 13.81
CA ALA A 84 -7.75 -5.27 14.31
C ALA A 84 -8.76 -6.40 14.57
N SER A 85 -9.46 -6.82 13.52
CA SER A 85 -10.46 -7.87 13.61
C SER A 85 -9.90 -9.25 13.22
N HIS A 86 -8.62 -9.30 12.86
CA HIS A 86 -8.02 -10.56 12.45
C HIS A 86 -7.93 -11.63 13.56
N ASN A 87 -7.91 -12.88 13.13
CA ASN A 87 -7.93 -14.01 14.04
C ASN A 87 -6.68 -14.85 13.89
N ARG A 88 -6.43 -15.72 14.85
CA ARG A 88 -5.22 -16.55 14.89
C ARG A 88 -5.10 -17.49 13.69
N PHE A 89 -6.23 -17.83 13.09
CA PHE A 89 -6.27 -18.65 11.89
C PHE A 89 -5.37 -18.11 10.72
N GLU A 90 -5.71 -16.93 10.22
CA GLU A 90 -4.98 -16.33 9.10
C GLU A 90 -3.51 -16.05 9.47
N HIS A 91 -3.29 -15.65 10.71
CA HIS A 91 -1.92 -15.49 11.19
C HIS A 91 -1.14 -16.81 11.08
N SER A 92 -1.75 -17.93 11.48
CA SER A 92 -1.09 -19.24 11.44
C SER A 92 -0.77 -19.66 10.00
N LEU A 93 -1.73 -19.44 9.10
CA LEU A 93 -1.46 -19.67 7.68
C LEU A 93 -0.22 -18.90 7.28
N GLY A 94 -0.15 -17.62 7.68
CA GLY A 94 1.02 -16.80 7.38
C GLY A 94 2.33 -17.37 7.90
N VAL A 95 2.33 -17.82 9.15
CA VAL A 95 3.53 -18.42 9.73
C VAL A 95 3.98 -19.68 8.97
N GLY A 96 3.05 -20.57 8.65
CA GLY A 96 3.40 -21.74 7.85
C GLY A 96 4.00 -21.33 6.51
N TYR A 97 3.40 -20.32 5.88
CA TYR A 97 3.94 -19.83 4.61
C TYR A 97 5.39 -19.37 4.75
N LEU A 98 5.64 -18.47 5.70
CA LEU A 98 6.99 -17.95 5.87
C LEU A 98 8.04 -19.02 6.24
N ALA A 99 7.65 -19.97 7.10
CA ALA A 99 8.54 -21.08 7.44
C ALA A 99 8.94 -21.82 6.16
N GLY A 100 7.93 -22.19 5.37
CA GLY A 100 8.20 -22.74 4.04
C GLY A 100 9.19 -21.91 3.20
N CYS A 101 8.96 -20.60 3.11
CA CYS A 101 9.83 -19.74 2.28
C CYS A 101 11.27 -19.74 2.75
N LEU A 102 11.47 -19.61 4.06
CA LEU A 102 12.83 -19.58 4.58
C LEU A 102 13.55 -20.93 4.37
N VAL A 103 12.88 -22.02 4.72
CA VAL A 103 13.53 -23.32 4.53
C VAL A 103 13.86 -23.59 3.06
N HIS A 104 12.90 -23.32 2.17
CA HIS A 104 13.15 -23.51 0.74
CA HIS A 104 13.12 -23.47 0.73
C HIS A 104 14.31 -22.65 0.27
N ALA A 105 14.36 -21.38 0.69
CA ALA A 105 15.44 -20.48 0.27
C ALA A 105 16.82 -20.98 0.71
N LEU A 106 16.89 -21.45 1.96
CA LEU A 106 18.13 -22.05 2.45
C LEU A 106 18.55 -23.28 1.62
N GLY A 107 17.61 -24.19 1.39
CA GLY A 107 17.91 -25.39 0.61
C GLY A 107 18.35 -25.06 -0.80
N GLU A 108 17.72 -24.06 -1.39
CA GLU A 108 18.01 -23.62 -2.74
C GLU A 108 19.41 -23.03 -2.84
N LYS A 109 19.77 -22.15 -1.91
CA LYS A 109 21.12 -21.57 -1.95
C LYS A 109 22.23 -22.56 -1.58
N GLN A 110 21.95 -23.49 -0.67
CA GLN A 110 22.98 -24.40 -0.18
C GLN A 110 22.56 -25.86 -0.22
N PRO A 111 22.74 -26.50 -1.39
CA PRO A 111 22.43 -27.91 -1.60
C PRO A 111 23.17 -28.82 -0.63
N GLU A 112 24.36 -28.41 -0.20
CA GLU A 112 25.16 -29.25 0.69
C GLU A 112 24.52 -29.48 2.05
N LEU A 113 23.41 -28.78 2.31
CA LEU A 113 22.70 -28.96 3.58
C LEU A 113 21.81 -30.21 3.53
N GLN A 114 21.50 -30.67 2.32
CA GLN A 114 20.62 -31.82 2.12
C GLN A 114 19.28 -31.66 2.83
N ILE A 115 18.65 -30.51 2.65
CA ILE A 115 17.30 -30.29 3.13
C ILE A 115 16.36 -31.05 2.20
N SER A 116 15.50 -31.88 2.79
CA SER A 116 14.57 -32.69 2.02
C SER A 116 13.21 -32.02 1.93
N GLU A 117 12.33 -32.59 1.10
CA GLU A 117 10.96 -32.11 0.99
C GLU A 117 10.21 -32.40 2.28
N ARG A 118 10.63 -33.48 2.95
CA ARG A 118 10.10 -33.90 4.23
C ARG A 118 10.39 -32.86 5.31
N ASP A 119 11.63 -32.38 5.35
CA ASP A 119 12.03 -31.30 6.24
C ASP A 119 11.17 -30.06 6.02
N VAL A 120 10.97 -29.74 4.75
CA VAL A 120 10.21 -28.57 4.34
C VAL A 120 8.80 -28.67 4.87
N LEU A 121 8.16 -29.80 4.62
CA LEU A 121 6.81 -30.06 5.12
C LEU A 121 6.72 -29.98 6.62
N CYS A 122 7.73 -30.51 7.31
CA CYS A 122 7.71 -30.55 8.77
C CYS A 122 7.82 -29.14 9.35
N VAL A 123 8.68 -28.32 8.76
CA VAL A 123 8.84 -26.93 9.16
C VAL A 123 7.54 -26.16 8.87
N GLN A 124 6.94 -26.43 7.71
CA GLN A 124 5.63 -25.88 7.37
C GLN A 124 4.57 -26.21 8.44
N ILE A 125 4.49 -27.47 8.83
CA ILE A 125 3.48 -27.91 9.81
C ILE A 125 3.74 -27.27 11.17
N ALA A 126 5.00 -27.23 11.56
CA ALA A 126 5.36 -26.53 12.79
C ALA A 126 4.91 -25.07 12.74
N GLY A 127 5.10 -24.41 11.59
CA GLY A 127 4.73 -23.01 11.44
C GLY A 127 3.22 -22.82 11.49
N LEU A 128 2.48 -23.73 10.88
CA LEU A 128 1.03 -23.70 10.91
C LEU A 128 0.48 -23.91 12.31
N CYS A 129 1.12 -24.78 13.09
CA CYS A 129 0.49 -25.25 14.32
C CYS A 129 0.98 -24.66 15.63
N ARG A 130 1.97 -23.77 15.59
CA ARG A 130 2.49 -23.23 16.84
C ARG A 130 1.54 -22.25 17.55
N ASN A 131 0.45 -21.84 16.89
CA ASN A 131 -0.58 -21.02 17.55
C ASN A 131 -1.81 -21.83 17.99
N LEU A 132 -1.77 -23.15 17.85
CA LEU A 132 -2.93 -23.97 18.22
C LEU A 132 -3.35 -23.86 19.67
N GLY A 133 -2.46 -23.41 20.56
CA GLY A 133 -2.75 -23.45 21.98
C GLY A 133 -3.30 -22.18 22.59
N HIS A 134 -3.49 -21.14 21.79
CA HIS A 134 -4.03 -19.89 22.31
C HIS A 134 -5.48 -20.07 22.72
N GLY A 135 -5.86 -19.37 23.79
CA GLY A 135 -7.21 -19.41 24.29
C GLY A 135 -7.91 -18.13 23.89
N PRO A 136 -9.13 -17.95 24.39
CA PRO A 136 -9.96 -16.77 24.12
C PRO A 136 -9.17 -15.47 24.25
N PHE A 137 -9.24 -14.61 23.25
CA PHE A 137 -8.56 -13.31 23.27
C PHE A 137 -7.05 -13.41 23.41
N SER A 138 -6.49 -14.56 23.01
CA SER A 138 -5.04 -14.76 22.93
C SER A 138 -4.30 -14.51 24.24
N HIS A 139 -3.40 -13.52 24.22
CA HIS A 139 -2.49 -13.29 25.34
C HIS A 139 -3.16 -12.83 26.65
N MET A 140 -4.41 -12.41 26.57
CA MET A 140 -5.20 -12.18 27.76
C MET A 140 -5.33 -13.48 28.58
N PHE A 141 -5.53 -14.59 27.88
CA PHE A 141 -5.89 -15.85 28.53
C PHE A 141 -4.72 -16.50 29.26
N ASP A 142 -3.57 -16.61 28.60
CA ASP A 142 -2.39 -17.14 29.27
C ASP A 142 -1.63 -16.08 30.07
N GLY A 143 -1.85 -14.81 29.74
CA GLY A 143 -1.14 -13.73 30.41
C GLY A 143 -1.85 -13.20 31.64
N ARG A 144 -3.16 -13.27 31.67
CA ARG A 144 -3.91 -12.68 32.77
C ARG A 144 -4.84 -13.68 33.45
N PHE A 145 -5.73 -14.29 32.67
CA PHE A 145 -6.75 -15.15 33.24
C PHE A 145 -6.22 -16.39 33.95
N ILE A 146 -5.48 -17.22 33.23
CA ILE A 146 -4.96 -18.45 33.82
C ILE A 146 -4.12 -18.25 35.10
N PRO A 147 -3.14 -17.32 35.09
CA PRO A 147 -2.35 -17.11 36.31
C PRO A 147 -3.19 -16.67 37.52
N LEU A 148 -4.36 -16.09 37.29
CA LEU A 148 -5.22 -15.69 38.40
C LEU A 148 -6.16 -16.81 38.83
N ALA A 149 -6.71 -17.51 37.84
CA ALA A 149 -7.71 -18.55 38.09
C ALA A 149 -7.06 -19.80 38.66
N ARG A 150 -5.86 -20.11 38.19
CA ARG A 150 -5.13 -21.28 38.66
C ARG A 150 -3.65 -20.99 38.88
N PRO A 151 -3.33 -20.29 39.98
CA PRO A 151 -1.98 -19.82 40.36
C PRO A 151 -0.94 -20.93 40.48
N GLU A 152 -1.39 -22.14 40.79
CA GLU A 152 -0.47 -23.25 41.05
C GLU A 152 0.13 -23.82 39.76
N VAL A 153 -0.68 -23.85 38.71
CA VAL A 153 -0.28 -24.48 37.46
C VAL A 153 0.49 -23.48 36.60
N LYS A 154 1.41 -23.96 35.77
CA LYS A 154 2.17 -23.09 34.90
C LYS A 154 1.94 -23.43 33.43
N TRP A 155 0.93 -22.78 32.87
CA TRP A 155 0.45 -23.01 31.52
C TRP A 155 1.03 -21.97 30.59
N THR A 156 1.36 -22.39 29.37
CA THR A 156 1.75 -21.48 28.30
C THR A 156 1.02 -21.91 27.06
N HIS A 157 0.84 -21.00 26.11
CA HIS A 157 0.19 -21.32 24.85
C HIS A 157 1.03 -22.29 24.02
N GLU A 158 2.34 -22.38 24.28
CA GLU A 158 3.19 -23.34 23.57
C GLU A 158 2.87 -24.80 23.92
N GLN A 159 2.73 -25.07 25.22
CA GLN A 159 2.33 -26.39 25.69
C GLN A 159 0.95 -26.73 25.15
N GLY A 160 0.07 -25.73 25.21
CA GLY A 160 -1.27 -25.85 24.63
C GLY A 160 -1.19 -26.20 23.16
N SER A 161 -0.20 -25.64 22.46
CA SER A 161 0.01 -25.97 21.04
C SER A 161 0.43 -27.44 20.86
N VAL A 162 1.40 -27.91 21.64
CA VAL A 162 1.78 -29.33 21.55
C VAL A 162 0.62 -30.28 21.84
N MET A 163 -0.12 -30.01 22.92
CA MET A 163 -1.24 -30.86 23.28
C MET A 163 -2.34 -30.83 22.22
N MET A 164 -2.64 -29.63 21.74
CA MET A 164 -3.69 -29.46 20.74
C MET A 164 -3.31 -30.12 19.43
N PHE A 165 -2.02 -30.06 19.08
CA PHE A 165 -1.53 -30.70 17.88
C PHE A 165 -1.64 -32.22 17.99
N GLU A 166 -1.29 -32.74 19.16
CA GLU A 166 -1.40 -34.17 19.38
C GLU A 166 -2.87 -34.62 19.23
N HIS A 167 -3.76 -33.85 19.84
CA HIS A 167 -5.20 -34.12 19.72
C HIS A 167 -5.72 -34.01 18.27
N LEU A 168 -5.18 -33.09 17.47
CA LEU A 168 -5.60 -32.93 16.07
C LEU A 168 -5.18 -34.17 15.26
N ILE A 169 -3.89 -34.50 15.38
CA ILE A 169 -3.34 -35.68 14.71
C ILE A 169 -4.14 -36.92 15.06
N ASN A 170 -4.34 -37.14 16.36
CA ASN A 170 -4.99 -38.36 16.84
C ASN A 170 -6.47 -38.42 16.54
N SER A 171 -7.13 -37.27 16.53
CA SER A 171 -8.56 -37.25 16.32
C SER A 171 -8.93 -37.22 14.85
N ASN A 172 -7.98 -36.95 13.97
CA ASN A 172 -8.37 -36.86 12.56
C ASN A 172 -7.72 -37.81 11.57
N GLY A 173 -7.00 -38.81 12.06
CA GLY A 173 -6.34 -39.77 11.19
C GLY A 173 -5.21 -39.19 10.35
N ILE A 174 -4.47 -38.23 10.88
CA ILE A 174 -3.39 -37.60 10.12
C ILE A 174 -2.14 -38.48 9.91
N LYS A 175 -1.77 -39.31 10.89
CA LYS A 175 -0.55 -40.14 10.76
C LYS A 175 -0.39 -40.93 9.44
N PRO A 176 -1.43 -41.68 9.02
CA PRO A 176 -1.31 -42.38 7.73
C PRO A 176 -1.27 -41.46 6.51
N VAL A 177 -1.82 -40.25 6.63
CA VAL A 177 -1.71 -39.27 5.55
C VAL A 177 -0.26 -38.77 5.47
N MET A 178 0.30 -38.51 6.65
CA MET A 178 1.72 -38.24 6.79
C MET A 178 2.56 -39.29 6.06
N GLU A 179 2.41 -40.56 6.43
CA GLU A 179 3.27 -41.57 5.79
C GLU A 179 2.96 -41.68 4.29
N GLN A 180 1.71 -41.47 3.93
CA GLN A 180 1.31 -41.39 2.54
C GLN A 180 2.09 -40.32 1.77
N TYR A 181 2.51 -39.25 2.45
CA TYR A 181 3.36 -38.25 1.77
C TYR A 181 4.87 -38.34 2.06
N GLY A 182 5.33 -39.49 2.54
CA GLY A 182 6.75 -39.69 2.76
C GLY A 182 7.26 -39.07 4.05
N LEU A 183 6.37 -38.88 5.01
CA LEU A 183 6.80 -38.46 6.33
C LEU A 183 6.84 -39.68 7.23
N ILE A 184 7.69 -39.64 8.24
CA ILE A 184 7.79 -40.73 9.20
C ILE A 184 7.25 -40.24 10.53
N PRO A 185 6.02 -40.66 10.87
CA PRO A 185 5.24 -40.15 12.00
C PRO A 185 6.02 -40.04 13.31
N GLU A 186 6.70 -41.11 13.68
CA GLU A 186 7.42 -41.17 14.94
C GLU A 186 8.40 -40.02 15.11
N GLU A 187 9.39 -39.96 14.22
CA GLU A 187 10.41 -38.92 14.28
C GLU A 187 9.82 -37.52 14.02
N ASP A 188 9.03 -37.40 12.95
CA ASP A 188 8.58 -36.09 12.49
C ASP A 188 7.58 -35.39 13.40
N ILE A 189 6.64 -36.12 13.98
CA ILE A 189 5.75 -35.51 14.97
C ILE A 189 6.56 -34.93 16.13
N CYS A 190 7.53 -35.71 16.59
CA CYS A 190 8.45 -35.28 17.63
C CYS A 190 9.17 -33.99 17.22
N PHE A 191 9.69 -33.98 15.99
CA PHE A 191 10.33 -32.81 15.39
C PHE A 191 9.44 -31.57 15.42
N ILE A 192 8.19 -31.74 15.00
CA ILE A 192 7.22 -30.66 14.97
C ILE A 192 7.01 -30.06 16.37
N LYS A 193 6.66 -30.95 17.30
CA LYS A 193 6.55 -30.56 18.72
C LYS A 193 7.78 -29.82 19.23
N GLU A 194 8.96 -30.33 18.93
CA GLU A 194 10.21 -29.70 19.36
C GLU A 194 10.37 -28.29 18.80
N GLN A 195 10.08 -28.13 17.50
CA GLN A 195 10.14 -26.82 16.86
C GLN A 195 9.23 -25.88 17.62
N ILE A 196 8.08 -26.40 18.06
CA ILE A 196 7.11 -25.55 18.75
C ILE A 196 7.46 -25.18 20.20
N VAL A 197 7.97 -26.14 20.97
CA VAL A 197 8.11 -25.91 22.41
C VAL A 197 9.54 -26.17 22.90
N GLY A 198 10.45 -26.40 21.97
CA GLY A 198 11.82 -26.71 22.34
C GLY A 198 11.95 -28.14 22.81
N PRO A 199 13.11 -28.48 23.40
CA PRO A 199 13.41 -29.86 23.79
C PRO A 199 12.38 -30.41 24.78
N LEU A 200 11.94 -31.64 24.53
CA LEU A 200 10.88 -32.25 25.33
C LEU A 200 11.34 -32.62 26.74
N GLU A 201 12.66 -32.73 26.93
CA GLU A 201 13.22 -32.82 28.28
C GLU A 201 14.06 -31.59 28.63
N LEU A 208 25.77 -30.88 24.97
CA LEU A 208 24.97 -32.06 24.66
C LEU A 208 23.79 -31.67 23.77
N TRP A 209 23.53 -32.46 22.73
CA TRP A 209 22.47 -32.15 21.76
C TRP A 209 21.10 -32.69 22.22
N PRO A 210 20.19 -31.78 22.63
CA PRO A 210 18.94 -32.09 23.32
C PRO A 210 17.76 -32.46 22.43
N TYR A 211 17.89 -32.31 21.12
CA TYR A 211 16.78 -32.59 20.21
C TYR A 211 16.88 -34.01 19.67
N LYS A 212 15.74 -34.70 19.62
CA LYS A 212 15.70 -36.05 19.07
C LYS A 212 15.08 -36.10 17.69
N GLY A 213 14.36 -35.05 17.31
CA GLY A 213 13.70 -35.00 16.02
C GLY A 213 14.65 -34.90 14.84
N ARG A 214 15.77 -34.20 15.04
CA ARG A 214 16.78 -34.01 14.00
C ARG A 214 18.17 -33.91 14.63
N PRO A 215 19.22 -34.27 13.88
CA PRO A 215 20.60 -34.22 14.37
C PRO A 215 21.17 -32.82 14.38
N GLU A 216 22.39 -32.66 14.88
CA GLU A 216 23.04 -31.36 14.92
C GLU A 216 23.23 -30.77 13.52
N ASN A 217 23.42 -31.66 12.55
CA ASN A 217 23.71 -31.19 11.19
C ASN A 217 22.49 -30.60 10.50
N LYS A 218 21.39 -30.49 11.22
CA LYS A 218 20.21 -29.79 10.72
C LYS A 218 19.65 -28.87 11.80
N SER A 219 20.53 -28.49 12.73
CA SER A 219 20.20 -27.58 13.83
C SER A 219 19.43 -26.33 13.38
N PHE A 220 19.83 -25.78 12.24
CA PHE A 220 19.23 -24.56 11.71
C PHE A 220 17.72 -24.65 11.52
N LEU A 221 17.22 -25.87 11.32
CA LEU A 221 15.77 -26.05 11.15
C LEU A 221 15.01 -25.59 12.38
N TYR A 222 15.65 -25.69 13.54
CA TYR A 222 15.04 -25.31 14.81
C TYR A 222 15.08 -23.82 15.05
N GLU A 223 15.70 -23.07 14.14
CA GLU A 223 15.77 -21.62 14.31
C GLU A 223 14.67 -20.90 13.54
N ILE A 224 13.86 -21.64 12.80
CA ILE A 224 12.92 -21.03 11.85
C ILE A 224 11.58 -20.63 12.47
N VAL A 225 10.88 -21.60 13.06
CA VAL A 225 9.54 -21.37 13.57
C VAL A 225 9.48 -20.64 14.92
N SER A 226 10.20 -21.18 15.91
CA SER A 226 10.25 -20.52 17.22
C SER A 226 11.68 -20.50 17.72
N ASN A 227 12.34 -19.36 17.56
CA ASN A 227 13.77 -19.26 17.81
C ASN A 227 14.10 -19.00 19.28
N LYS A 228 14.41 -20.05 20.01
CA LYS A 228 14.74 -19.96 21.44
C LYS A 228 16.05 -19.21 21.65
N ARG A 229 16.93 -19.25 20.66
CA ARG A 229 18.26 -18.66 20.78
C ARG A 229 18.26 -17.12 20.83
N ASN A 230 17.68 -16.49 19.82
CA ASN A 230 17.69 -15.02 19.77
C ASN A 230 16.32 -14.39 19.46
N GLY A 231 15.29 -15.22 19.32
CA GLY A 231 13.95 -14.73 19.09
C GLY A 231 13.68 -14.23 17.68
N ILE A 232 14.61 -14.50 16.76
CA ILE A 232 14.40 -14.09 15.37
C ILE A 232 13.83 -15.21 14.54
N ASP A 233 12.52 -15.15 14.32
CA ASP A 233 11.80 -16.20 13.62
C ASP A 233 10.61 -15.66 12.81
N VAL A 234 10.03 -16.52 11.97
CA VAL A 234 9.02 -16.11 11.00
C VAL A 234 7.64 -15.74 11.61
N ASP A 235 7.44 -16.13 12.87
CA ASP A 235 6.22 -15.77 13.57
C ASP A 235 6.16 -14.25 13.76
N LYS A 236 7.25 -13.71 14.31
CA LYS A 236 7.43 -12.27 14.43
C LYS A 236 7.18 -11.58 13.11
N TRP A 237 7.74 -12.12 12.04
CA TRP A 237 7.63 -11.48 10.74
C TRP A 237 6.16 -11.38 10.30
N ASP A 238 5.46 -12.51 10.40
CA ASP A 238 4.06 -12.49 9.98
C ASP A 238 3.25 -11.51 10.84
N TYR A 239 3.42 -11.56 12.16
CA TYR A 239 2.59 -10.64 12.95
C TYR A 239 2.96 -9.16 12.81
N PHE A 240 4.23 -8.86 12.56
CA PHE A 240 4.63 -7.50 12.19
C PHE A 240 3.79 -7.04 11.01
N ALA A 241 3.93 -7.76 9.88
CA ALA A 241 3.20 -7.32 8.68
C ALA A 241 1.68 -7.27 8.86
N ARG A 242 1.10 -8.36 9.37
CA ARG A 242 -0.36 -8.53 9.49
C ARG A 242 -0.99 -7.56 10.49
N ASP A 243 -0.40 -7.48 11.68
CA ASP A 243 -0.88 -6.57 12.69
C ASP A 243 -0.80 -5.16 12.15
N CYS A 244 0.32 -4.79 11.53
CA CYS A 244 0.39 -3.45 10.94
C CYS A 244 -0.71 -3.15 9.89
N HIS A 245 -0.94 -4.13 9.01
CA HIS A 245 -1.97 -4.03 7.98
C HIS A 245 -3.36 -3.80 8.58
N HIS A 246 -3.68 -4.49 9.66
CA HIS A 246 -5.02 -4.32 10.26
C HIS A 246 -5.15 -3.14 11.24
N LEU A 247 -4.06 -2.77 11.88
CA LEU A 247 -4.08 -1.73 12.90
C LEU A 247 -4.08 -0.35 12.28
N GLY A 248 -3.52 -0.24 11.08
CA GLY A 248 -3.45 1.04 10.39
C GLY A 248 -2.26 1.86 10.87
N ILE A 249 -1.22 1.16 11.28
CA ILE A 249 0.04 1.79 11.63
C ILE A 249 1.09 0.95 10.94
N GLN A 250 2.24 1.53 10.63
CA GLN A 250 3.15 0.81 9.76
C GLN A 250 4.51 0.48 10.37
N ASN A 251 5.15 -0.57 9.84
CA ASN A 251 6.48 -1.03 10.28
C ASN A 251 7.48 -1.06 9.13
N ASN A 252 8.75 -0.78 9.42
CA ASN A 252 9.76 -0.81 8.36
C ASN A 252 10.68 -2.03 8.38
N PHE A 253 10.22 -3.14 8.94
CA PHE A 253 11.03 -4.35 8.84
C PHE A 253 10.76 -5.15 7.57
N ASP A 254 11.84 -5.45 6.86
CA ASP A 254 11.75 -6.12 5.57
C ASP A 254 12.26 -7.55 5.73
N TYR A 255 11.35 -8.49 5.96
CA TYR A 255 11.71 -9.90 6.16
C TYR A 255 12.23 -10.55 4.88
N LYS A 256 11.72 -10.10 3.73
CA LYS A 256 12.16 -10.63 2.44
C LYS A 256 13.66 -10.36 2.22
N ARG A 257 14.08 -9.16 2.58
CA ARG A 257 15.49 -8.81 2.54
C ARG A 257 16.28 -9.76 3.43
N PHE A 258 15.81 -9.93 4.66
CA PHE A 258 16.50 -10.82 5.59
C PHE A 258 16.67 -12.21 5.02
N ILE A 259 15.60 -12.76 4.44
CA ILE A 259 15.64 -14.08 3.83
C ILE A 259 16.65 -14.13 2.69
N LYS A 260 16.70 -13.07 1.89
CA LYS A 260 17.69 -13.01 0.83
C LYS A 260 19.14 -13.17 1.33
N PHE A 261 19.47 -12.54 2.45
CA PHE A 261 20.86 -12.58 2.96
C PHE A 261 21.13 -13.66 4.00
N ALA A 262 20.17 -14.55 4.23
CA ALA A 262 20.35 -15.60 5.22
C ALA A 262 21.20 -16.74 4.67
N ARG A 263 22.13 -17.24 5.48
CA ARG A 263 22.96 -18.38 5.08
C ARG A 263 23.05 -19.36 6.23
N VAL A 264 23.53 -20.56 5.97
CA VAL A 264 23.83 -21.46 7.08
C VAL A 264 25.35 -21.58 7.20
N CYS A 265 25.86 -21.31 8.40
CA CYS A 265 27.30 -21.39 8.68
C CYS A 265 27.56 -22.19 9.95
N GLU A 266 28.79 -22.62 10.14
CA GLU A 266 29.13 -23.45 11.31
C GLU A 266 29.55 -22.63 12.54
N VAL A 267 28.91 -22.92 13.67
CA VAL A 267 29.23 -22.28 14.96
C VAL A 267 29.19 -23.32 16.07
N ASP A 268 30.22 -23.32 16.92
CA ASP A 268 30.30 -24.17 18.11
C ASP A 268 29.95 -25.62 17.80
N ASN A 269 30.41 -26.10 16.64
CA ASN A 269 30.11 -27.45 16.16
C ASN A 269 28.64 -27.68 15.84
N GLU A 270 27.93 -26.61 15.48
CA GLU A 270 26.56 -26.69 14.99
C GLU A 270 26.41 -25.89 13.71
N LEU A 271 25.54 -26.35 12.82
CA LEU A 271 25.15 -25.55 11.67
C LEU A 271 24.01 -24.61 12.06
N ARG A 272 24.28 -23.31 12.07
CA ARG A 272 23.27 -22.31 12.44
C ARG A 272 23.02 -21.29 11.34
N ILE A 273 21.87 -20.63 11.40
CA ILE A 273 21.56 -19.56 10.45
C ILE A 273 22.36 -18.30 10.80
N CYS A 274 22.98 -17.73 9.79
CA CYS A 274 23.75 -16.51 9.94
C CYS A 274 23.22 -15.42 9.04
N ALA A 275 23.27 -14.20 9.54
CA ALA A 275 22.89 -13.04 8.76
C ALA A 275 24.13 -12.38 8.18
N ARG A 276 23.99 -11.70 7.05
CA ARG A 276 25.07 -10.93 6.48
C ARG A 276 25.43 -9.81 7.45
N ASP A 277 26.73 -9.53 7.58
CA ASP A 277 27.19 -8.50 8.52
C ASP A 277 26.51 -7.15 8.37
N LYS A 278 26.48 -6.63 7.14
CA LYS A 278 25.88 -5.32 6.86
C LYS A 278 24.42 -5.20 7.32
N GLU A 279 23.78 -6.33 7.60
CA GLU A 279 22.39 -6.32 8.06
C GLU A 279 22.19 -6.11 9.57
N VAL A 280 23.29 -6.06 10.32
CA VAL A 280 23.17 -5.89 11.78
C VAL A 280 22.29 -4.69 12.21
N GLY A 281 22.47 -3.54 11.57
CA GLY A 281 21.66 -2.37 11.83
C GLY A 281 20.17 -2.64 11.70
N ASN A 282 19.81 -3.45 10.71
CA ASN A 282 18.43 -3.81 10.48
C ASN A 282 17.89 -4.73 11.57
N LEU A 283 18.73 -5.64 12.05
CA LEU A 283 18.31 -6.56 13.10
C LEU A 283 17.93 -5.78 14.37
N TYR A 284 18.79 -4.82 14.73
CA TYR A 284 18.48 -3.93 15.83
C TYR A 284 17.13 -3.26 15.60
N ASP A 285 16.91 -2.76 14.39
CA ASP A 285 15.67 -2.04 14.12
C ASP A 285 14.50 -3.01 14.27
N MET A 286 14.72 -4.28 13.96
CA MET A 286 13.66 -5.26 14.09
C MET A 286 13.11 -5.19 15.52
N PHE A 287 14.02 -5.24 16.48
CA PHE A 287 13.55 -5.29 17.85
C PHE A 287 12.92 -3.96 18.23
N HIS A 288 13.48 -2.88 17.69
CA HIS A 288 12.91 -1.56 17.92
C HIS A 288 11.46 -1.57 17.47
N THR A 289 11.22 -2.13 16.29
CA THR A 289 9.86 -2.21 15.75
C THR A 289 8.96 -2.96 16.73
N ARG A 290 9.45 -4.08 17.24
CA ARG A 290 8.68 -4.87 18.19
C ARG A 290 8.29 -3.95 19.34
N ASN A 291 9.29 -3.27 19.90
CA ASN A 291 9.03 -2.43 21.06
C ASN A 291 8.00 -1.36 20.68
N SER A 292 8.13 -0.80 19.47
CA SER A 292 7.23 0.26 19.05
C SER A 292 5.82 -0.28 19.00
N LEU A 293 5.69 -1.48 18.43
CA LEU A 293 4.36 -2.06 18.27
C LEU A 293 3.76 -2.31 19.65
N HIS A 294 4.61 -2.65 20.62
CA HIS A 294 4.10 -2.86 21.97
C HIS A 294 3.71 -1.52 22.59
N ARG A 295 4.48 -0.48 22.28
CA ARG A 295 4.19 0.81 22.89
C ARG A 295 2.87 1.37 22.39
N ARG A 296 2.64 1.28 21.08
CA ARG A 296 1.46 1.86 20.45
C ARG A 296 0.18 1.01 20.56
N ALA A 297 0.31 -0.30 20.39
CA ALA A 297 -0.89 -1.11 20.25
C ALA A 297 -1.05 -2.21 21.30
N TYR A 298 -0.05 -3.06 21.45
CA TYR A 298 -0.23 -4.29 22.22
C TYR A 298 -0.38 -4.00 23.70
N GLN A 299 0.16 -2.86 24.14
CA GLN A 299 0.08 -2.45 25.53
C GLN A 299 -0.61 -1.11 25.64
N HIS A 300 -1.48 -0.79 24.69
CA HIS A 300 -2.26 0.43 24.79
C HIS A 300 -2.99 0.36 26.14
N LYS A 301 -2.97 1.46 26.87
CA LYS A 301 -3.52 1.51 28.23
CA LYS A 301 -3.52 1.50 28.23
C LYS A 301 -5.00 1.07 28.29
N VAL A 302 -5.77 1.53 27.32
CA VAL A 302 -7.19 1.19 27.28
C VAL A 302 -7.42 -0.26 26.82
N GLY A 303 -6.64 -0.71 25.84
CA GLY A 303 -6.75 -2.08 25.38
C GLY A 303 -6.46 -3.04 26.52
N ASN A 304 -5.44 -2.70 27.29
CA ASN A 304 -5.06 -3.50 28.46
C ASN A 304 -6.15 -3.46 29.52
N ILE A 305 -6.75 -2.29 29.72
CA ILE A 305 -7.82 -2.26 30.70
C ILE A 305 -9.04 -3.07 30.23
N ILE A 306 -9.21 -3.21 28.91
CA ILE A 306 -10.31 -4.01 28.39
C ILE A 306 -10.05 -5.52 28.52
N ASP A 307 -8.81 -5.93 28.24
CA ASP A 307 -8.36 -7.28 28.55
C ASP A 307 -8.52 -7.60 30.06
N THR A 308 -8.29 -6.58 30.90
CA THR A 308 -8.43 -6.75 32.35
C THR A 308 -9.89 -6.90 32.77
N MET A 309 -10.78 -6.09 32.18
CA MET A 309 -12.21 -6.20 32.50
C MET A 309 -12.80 -7.52 31.98
N ILE A 310 -12.33 -7.97 30.83
CA ILE A 310 -12.81 -9.24 30.29
C ILE A 310 -12.32 -10.40 31.15
N THR A 311 -11.04 -10.34 31.53
CA THR A 311 -10.49 -11.31 32.49
C THR A 311 -11.35 -11.36 33.77
N ASP A 312 -11.68 -10.17 34.28
CA ASP A 312 -12.53 -10.02 35.45
C ASP A 312 -13.90 -10.71 35.27
N ALA A 313 -14.52 -10.50 34.12
CA ALA A 313 -15.82 -11.13 33.87
C ALA A 313 -15.68 -12.65 33.79
N PHE A 314 -14.58 -13.10 33.19
CA PHE A 314 -14.34 -14.52 33.06
C PHE A 314 -14.19 -15.16 34.43
N LEU A 315 -13.54 -14.46 35.36
CA LEU A 315 -13.36 -15.00 36.71
C LEU A 315 -14.70 -15.10 37.47
N LYS A 316 -15.57 -14.10 37.30
CA LYS A 316 -16.91 -14.14 37.90
C LYS A 316 -17.81 -15.20 37.27
N ALA A 317 -17.39 -15.76 36.14
CA ALA A 317 -18.25 -16.69 35.42
C ALA A 317 -17.75 -18.11 35.50
N ASP A 318 -16.48 -18.26 35.86
CA ASP A 318 -15.78 -19.55 35.80
C ASP A 318 -16.56 -20.75 36.40
N ASP A 319 -17.27 -20.53 37.50
CA ASP A 319 -17.97 -21.61 38.19
C ASP A 319 -19.21 -22.11 37.46
N TYR A 320 -19.71 -21.30 36.54
CA TYR A 320 -21.06 -21.50 36.03
C TYR A 320 -21.13 -21.94 34.58
N ILE A 321 -20.09 -21.61 33.82
CA ILE A 321 -20.03 -21.97 32.42
C ILE A 321 -19.56 -23.41 32.27
N GLU A 322 -20.41 -24.27 31.69
CA GLU A 322 -20.07 -25.66 31.50
C GLU A 322 -19.58 -25.93 30.07
N ILE A 323 -18.41 -26.56 29.96
CA ILE A 323 -17.89 -26.95 28.66
C ILE A 323 -17.70 -28.46 28.61
N THR A 324 -18.43 -29.12 27.72
CA THR A 324 -18.38 -30.58 27.65
C THR A 324 -17.08 -31.08 27.05
N GLY A 325 -16.39 -31.95 27.78
CA GLY A 325 -15.16 -32.54 27.31
C GLY A 325 -15.31 -33.97 26.84
N ALA A 326 -14.22 -34.73 26.89
CA ALA A 326 -14.20 -36.11 26.41
C ALA A 326 -15.11 -37.00 27.25
N GLY A 327 -15.67 -38.03 26.62
CA GLY A 327 -16.59 -38.92 27.30
C GLY A 327 -17.93 -38.28 27.64
N GLY A 328 -17.87 -37.06 28.17
CA GLY A 328 -19.06 -36.34 28.55
C GLY A 328 -18.79 -35.52 29.79
N LYS A 329 -17.54 -35.60 30.29
CA LYS A 329 -17.12 -34.85 31.47
C LYS A 329 -17.19 -33.34 31.24
N LYS A 330 -17.79 -32.63 32.18
CA LYS A 330 -17.96 -31.18 32.03
C LYS A 330 -16.81 -30.40 32.65
N TYR A 331 -16.46 -29.28 32.01
CA TYR A 331 -15.33 -28.48 32.47
C TYR A 331 -15.71 -27.02 32.61
N ARG A 332 -14.82 -26.27 33.23
CA ARG A 332 -14.99 -24.84 33.37
C ARG A 332 -13.98 -24.16 32.44
N ILE A 333 -14.08 -22.84 32.32
CA ILE A 333 -13.15 -22.10 31.48
C ILE A 333 -11.72 -22.39 31.91
N SER A 334 -11.48 -22.34 33.22
CA SER A 334 -10.15 -22.54 33.78
C SER A 334 -9.65 -23.97 33.68
N THR A 335 -10.56 -24.93 33.55
CA THR A 335 -10.17 -26.34 33.53
C THR A 335 -10.18 -26.95 32.13
N ALA A 336 -10.71 -26.22 31.16
CA ALA A 336 -10.76 -26.71 29.78
C ALA A 336 -9.37 -27.04 29.24
N ILE A 337 -8.34 -26.36 29.74
CA ILE A 337 -6.96 -26.65 29.35
C ILE A 337 -6.51 -28.06 29.75
N ASP A 338 -7.33 -28.76 30.51
CA ASP A 338 -6.99 -30.12 30.92
C ASP A 338 -7.51 -31.16 29.93
N ASP A 339 -8.44 -30.76 29.07
CA ASP A 339 -9.03 -31.69 28.11
C ASP A 339 -9.23 -31.03 26.75
N MET A 340 -8.42 -31.46 25.77
CA MET A 340 -8.37 -30.82 24.47
C MET A 340 -9.70 -30.83 23.71
N GLU A 341 -10.52 -31.83 23.97
CA GLU A 341 -11.88 -31.85 23.42
C GLU A 341 -12.70 -30.65 23.93
N ALA A 342 -12.54 -30.31 25.20
CA ALA A 342 -13.25 -29.17 25.77
C ALA A 342 -12.59 -27.87 25.34
N TYR A 343 -11.27 -27.90 25.20
CA TYR A 343 -10.51 -26.70 24.86
C TYR A 343 -10.80 -26.29 23.41
N THR A 344 -11.10 -27.27 22.57
CA THR A 344 -11.46 -27.06 21.17
C THR A 344 -12.66 -26.14 21.08
N LYS A 345 -13.57 -26.27 22.05
CA LYS A 345 -14.77 -25.44 22.08
C LYS A 345 -14.60 -24.16 22.94
N LEU A 346 -13.39 -23.89 23.39
CA LEU A 346 -13.16 -22.68 24.20
C LEU A 346 -12.57 -21.53 23.37
N THR A 347 -13.41 -20.55 23.00
CA THR A 347 -13.00 -19.45 22.12
C THR A 347 -13.59 -18.12 22.58
N ASP A 348 -13.44 -17.07 21.76
CA ASP A 348 -14.01 -15.75 22.05
C ASP A 348 -15.53 -15.77 22.26
N ASN A 349 -16.17 -16.80 21.72
CA ASN A 349 -17.61 -17.00 21.84
C ASN A 349 -18.15 -16.86 23.28
N ILE A 350 -17.38 -17.30 24.27
CA ILE A 350 -17.91 -17.27 25.63
C ILE A 350 -18.14 -15.84 26.11
N PHE A 351 -17.37 -14.90 25.56
CA PHE A 351 -17.66 -13.50 25.80
C PHE A 351 -19.15 -13.28 25.54
N LEU A 352 -19.60 -13.58 24.34
CA LEU A 352 -21.01 -13.36 24.02
C LEU A 352 -21.91 -14.28 24.86
N GLU A 353 -21.41 -15.46 25.16
CA GLU A 353 -22.23 -16.37 25.94
C GLU A 353 -22.52 -15.71 27.27
N ILE A 354 -21.52 -15.02 27.80
CA ILE A 354 -21.72 -14.35 29.08
C ILE A 354 -22.61 -13.14 28.84
N LEU A 355 -22.39 -12.44 27.73
CA LEU A 355 -23.11 -11.19 27.49
C LEU A 355 -24.61 -11.46 27.31
N TYR A 356 -24.94 -12.52 26.59
CA TYR A 356 -26.34 -12.80 26.23
C TYR A 356 -27.13 -13.57 27.30
N SER A 357 -26.46 -14.01 28.35
CA SER A 357 -27.09 -14.86 29.38
C SER A 357 -28.16 -14.13 30.17
N THR A 358 -29.01 -14.89 30.86
CA THR A 358 -30.08 -14.32 31.67
C THR A 358 -30.04 -14.80 33.11
N ASP A 359 -29.18 -15.78 33.41
CA ASP A 359 -29.13 -16.35 34.74
C ASP A 359 -28.48 -15.43 35.78
N PRO A 360 -29.13 -15.30 36.96
CA PRO A 360 -28.63 -14.50 38.08
C PRO A 360 -27.19 -14.84 38.48
N LYS A 361 -26.83 -16.11 38.45
CA LYS A 361 -25.47 -16.52 38.76
C LYS A 361 -24.40 -15.89 37.85
N LEU A 362 -24.83 -15.39 36.69
CA LEU A 362 -23.92 -14.74 35.73
C LEU A 362 -24.06 -13.23 35.73
N LYS A 363 -24.99 -12.71 36.53
CA LYS A 363 -25.27 -11.28 36.57
C LYS A 363 -23.98 -10.45 36.68
N ASP A 364 -23.19 -10.73 37.70
CA ASP A 364 -21.94 -9.99 37.92
C ASP A 364 -20.99 -10.09 36.74
N ALA A 365 -20.94 -11.26 36.11
CA ALA A 365 -20.10 -11.40 34.93
C ALA A 365 -20.72 -10.51 33.87
N ARG A 366 -22.02 -10.73 33.66
CA ARG A 366 -22.73 -10.06 32.60
C ARG A 366 -22.54 -8.56 32.67
N GLU A 367 -22.84 -7.99 33.82
CA GLU A 367 -22.73 -6.54 34.01
C GLU A 367 -21.38 -5.97 33.63
N ILE A 368 -20.29 -6.69 33.96
CA ILE A 368 -18.98 -6.17 33.63
C ILE A 368 -18.87 -6.01 32.11
N LEU A 369 -19.30 -7.05 31.39
CA LEU A 369 -19.24 -7.01 29.94
C LEU A 369 -20.09 -5.87 29.43
N LYS A 370 -21.18 -5.57 30.13
CA LYS A 370 -22.05 -4.52 29.66
C LYS A 370 -21.39 -3.17 29.87
N GLN A 371 -20.57 -3.06 30.92
CA GLN A 371 -19.80 -1.86 31.14
C GLN A 371 -18.89 -1.63 29.94
N ILE A 372 -18.46 -2.72 29.31
CA ILE A 372 -17.64 -2.57 28.13
C ILE A 372 -18.49 -2.01 26.99
N GLU A 373 -19.71 -2.54 26.82
CA GLU A 373 -20.57 -2.11 25.72
C GLU A 373 -20.95 -0.63 25.82
N TYR A 374 -21.23 -0.19 27.05
CA TYR A 374 -21.57 1.20 27.30
C TYR A 374 -20.35 2.11 27.37
N ARG A 375 -19.17 1.52 27.25
CA ARG A 375 -17.91 2.25 27.36
C ARG A 375 -17.75 2.96 28.70
N ASN A 376 -18.18 2.29 29.77
CA ASN A 376 -17.96 2.79 31.11
C ASN A 376 -16.75 2.08 31.70
N LEU A 377 -15.59 2.33 31.11
CA LEU A 377 -14.38 1.60 31.48
C LEU A 377 -13.78 2.12 32.78
N PHE A 378 -12.96 1.31 33.43
CA PHE A 378 -12.14 1.82 34.53
C PHE A 378 -11.34 3.01 34.00
N LYS A 379 -11.10 3.99 34.86
CA LYS A 379 -10.40 5.20 34.45
C LYS A 379 -8.90 5.05 34.62
N TYR A 380 -8.16 5.37 33.58
CA TYR A 380 -6.70 5.38 33.62
C TYR A 380 -6.25 6.57 34.46
N VAL A 381 -5.36 6.31 35.41
CA VAL A 381 -4.90 7.35 36.30
C VAL A 381 -3.53 7.85 35.85
N GLY A 382 -2.64 6.92 35.49
CA GLY A 382 -1.35 7.38 35.00
C GLY A 382 -0.24 6.36 34.92
N GLU A 383 0.90 6.78 34.38
CA GLU A 383 2.01 5.86 34.14
C GLU A 383 3.28 6.39 34.78
N THR A 384 4.07 5.50 35.36
CA THR A 384 5.35 5.85 35.93
C THR A 384 6.32 4.68 35.80
N GLN A 385 7.58 4.89 36.14
CA GLN A 385 8.57 3.83 36.13
C GLN A 385 9.42 3.88 37.40
N PRO A 386 9.96 2.72 37.81
CA PRO A 386 11.00 2.71 38.85
C PRO A 386 12.30 3.30 38.32
N THR A 387 13.20 3.70 39.23
CA THR A 387 14.48 4.25 38.84
C THR A 387 15.62 3.39 39.38
N GLY A 388 16.85 3.70 38.98
CA GLY A 388 17.98 2.88 39.34
C GLY A 388 17.87 1.51 38.69
N GLN A 389 18.62 0.55 39.21
CA GLN A 389 18.46 -0.84 38.78
C GLN A 389 17.52 -1.53 39.75
N ILE A 390 16.42 -0.84 40.05
CA ILE A 390 15.39 -1.30 40.95
C ILE A 390 14.19 -1.80 40.14
N LYS A 391 13.87 -3.09 40.28
CA LYS A 391 12.73 -3.62 39.55
C LYS A 391 11.69 -4.30 40.45
N ILE A 392 10.46 -4.33 39.97
CA ILE A 392 9.34 -4.93 40.67
C ILE A 392 9.15 -6.37 40.19
N LYS A 393 9.28 -7.32 41.10
CA LYS A 393 9.09 -8.71 40.75
C LYS A 393 7.64 -9.15 40.95
N ARG A 394 7.35 -10.37 40.54
CA ARG A 394 6.00 -10.86 40.40
C ARG A 394 5.21 -10.94 41.71
N GLU A 395 5.89 -11.25 42.80
CA GLU A 395 5.22 -11.42 44.09
C GLU A 395 4.67 -10.13 44.69
N ASP A 396 5.18 -8.99 44.23
CA ASP A 396 4.75 -7.70 44.77
C ASP A 396 3.56 -7.09 44.03
N TYR A 397 3.16 -7.70 42.92
CA TYR A 397 2.10 -7.14 42.07
C TYR A 397 0.77 -6.93 42.80
N GLU A 398 0.46 -7.80 43.76
CA GLU A 398 -0.84 -7.72 44.43
C GLU A 398 -0.83 -6.82 45.66
N SER A 399 0.37 -6.41 46.09
CA SER A 399 0.51 -5.52 47.23
C SER A 399 0.46 -4.04 46.82
N LEU A 400 0.39 -3.79 45.52
CA LEU A 400 0.50 -2.44 44.97
C LEU A 400 -0.73 -1.53 45.11
N PRO A 401 -1.94 -2.06 44.81
CA PRO A 401 -3.15 -1.26 45.03
C PRO A 401 -3.21 -0.74 46.45
N LYS A 402 -2.83 -1.58 47.41
CA LYS A 402 -2.80 -1.20 48.82
C LYS A 402 -1.86 -0.02 49.06
N GLU A 403 -0.67 -0.08 48.46
CA GLU A 403 0.30 1.01 48.57
C GLU A 403 -0.26 2.31 48.06
N VAL A 404 -0.79 2.27 46.84
CA VAL A 404 -1.39 3.46 46.24
C VAL A 404 -2.46 4.03 47.18
N ALA A 405 -3.26 3.14 47.76
CA ALA A 405 -4.31 3.55 48.68
C ALA A 405 -3.75 4.05 50.02
N SER A 406 -2.49 3.74 50.31
CA SER A 406 -1.91 4.08 51.61
C SER A 406 -1.16 5.41 51.61
N ALA A 407 -1.16 6.10 50.47
CA ALA A 407 -0.47 7.37 50.35
C ALA A 407 -1.26 8.50 51.02
N LYS A 408 -0.54 9.51 51.50
CA LYS A 408 -1.19 10.61 52.21
C LYS A 408 -1.00 11.95 51.50
N PRO A 409 -1.74 12.17 50.41
CA PRO A 409 -1.66 13.47 49.73
C PRO A 409 -2.18 14.57 50.64
N LYS A 410 -1.29 15.48 51.05
CA LYS A 410 -1.70 16.63 51.86
C LYS A 410 -2.58 17.56 51.04
N VAL A 411 -3.75 17.04 50.66
CA VAL A 411 -4.77 17.77 49.92
C VAL A 411 -6.09 17.36 50.54
N LEU A 412 -7.09 18.22 50.45
CA LEU A 412 -8.39 17.93 51.02
C LEU A 412 -9.24 17.24 49.96
N LEU A 413 -9.67 16.01 50.24
CA LEU A 413 -10.44 15.22 49.28
C LEU A 413 -11.88 15.08 49.78
N ASP A 414 -12.82 14.95 48.84
CA ASP A 414 -14.23 14.78 49.19
C ASP A 414 -14.57 13.34 49.53
N VAL A 415 -13.74 12.41 49.04
CA VAL A 415 -13.94 10.99 49.28
C VAL A 415 -12.65 10.32 49.75
N LYS A 416 -12.79 9.10 50.25
CA LYS A 416 -11.64 8.26 50.54
C LYS A 416 -11.69 7.02 49.66
N LEU A 417 -10.55 6.66 49.08
CA LEU A 417 -10.47 5.47 48.24
C LEU A 417 -9.75 4.37 49.01
N LYS A 418 -10.11 3.12 48.70
CA LYS A 418 -9.46 1.97 49.31
C LYS A 418 -8.71 1.17 48.25
N ALA A 419 -7.91 0.20 48.68
CA ALA A 419 -7.08 -0.61 47.78
C ALA A 419 -7.88 -1.21 46.64
N GLU A 420 -9.05 -1.76 46.97
CA GLU A 420 -9.90 -2.40 45.99
C GLU A 420 -10.30 -1.46 44.84
N ASP A 421 -10.18 -0.16 45.06
CA ASP A 421 -10.55 0.83 44.05
C ASP A 421 -9.46 1.06 43.00
N PHE A 422 -8.28 0.49 43.22
CA PHE A 422 -7.18 0.69 42.29
C PHE A 422 -6.79 -0.59 41.54
N ILE A 423 -6.29 -0.42 40.33
CA ILE A 423 -5.62 -1.49 39.59
C ILE A 423 -4.23 -1.00 39.20
N VAL A 424 -3.23 -1.85 39.47
CA VAL A 424 -1.86 -1.55 39.11
C VAL A 424 -1.37 -2.62 38.15
N ASP A 425 -0.96 -2.20 36.96
CA ASP A 425 -0.55 -3.11 35.91
C ASP A 425 0.91 -2.84 35.55
N VAL A 426 1.74 -3.86 35.76
CA VAL A 426 3.18 -3.79 35.51
C VAL A 426 3.56 -4.47 34.18
N ILE A 427 4.01 -3.69 33.22
CA ILE A 427 4.38 -4.26 31.93
C ILE A 427 5.88 -4.30 31.73
N ASN A 428 6.39 -5.50 31.46
CA ASN A 428 7.80 -5.64 31.13
C ASN A 428 8.05 -5.46 29.64
N MET A 429 8.87 -4.47 29.31
CA MET A 429 9.25 -4.20 27.94
C MET A 429 10.72 -4.57 27.79
N ASP A 430 11.01 -5.52 26.91
CA ASP A 430 12.39 -5.92 26.68
C ASP A 430 12.65 -6.27 25.22
N TYR A 431 13.86 -6.73 24.94
CA TYR A 431 14.21 -7.17 23.60
C TYR A 431 14.11 -8.68 23.48
N GLY A 432 13.31 -9.28 24.35
CA GLY A 432 12.95 -10.68 24.22
C GLY A 432 13.85 -11.67 24.93
N MET A 433 14.88 -11.17 25.62
CA MET A 433 15.75 -12.02 26.41
C MET A 433 16.11 -11.32 27.71
N GLN A 434 15.08 -10.96 28.47
CA GLN A 434 15.24 -10.26 29.74
C GLN A 434 16.14 -9.02 29.61
N GLU A 435 17.33 -9.08 30.21
CA GLU A 435 18.25 -7.95 30.21
C GLU A 435 19.27 -8.05 29.07
N LYS A 436 19.31 -9.20 28.42
CA LYS A 436 20.31 -9.46 27.39
C LYS A 436 20.04 -8.71 26.09
N ASN A 437 21.12 -8.48 25.36
CA ASN A 437 21.05 -8.02 23.98
C ASN A 437 20.96 -9.26 23.08
N PRO A 438 19.87 -9.39 22.31
CA PRO A 438 19.75 -10.57 21.46
C PRO A 438 20.71 -10.56 20.28
N ILE A 439 21.20 -9.38 19.90
CA ILE A 439 22.15 -9.29 18.79
C ILE A 439 23.53 -9.87 19.21
N ASP A 440 23.75 -9.98 20.51
CA ASP A 440 24.95 -10.66 20.98
C ASP A 440 24.85 -12.16 20.70
N HIS A 441 23.64 -12.61 20.38
CA HIS A 441 23.39 -14.03 20.15
C HIS A 441 23.05 -14.33 18.70
N VAL A 442 23.42 -13.42 17.81
CA VAL A 442 23.28 -13.63 16.38
C VAL A 442 24.65 -13.86 15.76
N SER A 443 24.73 -14.75 14.79
CA SER A 443 25.96 -14.95 14.04
C SER A 443 25.90 -14.28 12.67
N PHE A 444 27.00 -13.68 12.27
CA PHE A 444 27.09 -13.01 10.98
C PHE A 444 28.13 -13.63 10.06
N TYR A 445 28.05 -13.29 8.78
CA TYR A 445 29.08 -13.70 7.85
C TYR A 445 29.39 -12.51 6.98
N CYS A 446 30.62 -12.46 6.47
CA CYS A 446 31.00 -11.34 5.63
C CYS A 446 31.18 -11.77 4.18
N LYS A 447 30.95 -10.83 3.28
CA LYS A 447 31.02 -11.01 1.83
C LYS A 447 32.33 -11.68 1.36
N THR A 448 33.44 -11.44 2.06
CA THR A 448 34.73 -11.98 1.65
C THR A 448 34.95 -13.45 2.07
N ALA A 449 34.23 -13.90 3.09
CA ALA A 449 34.30 -15.29 3.53
C ALA A 449 32.95 -15.79 4.01
N PRO A 450 32.03 -16.04 3.08
CA PRO A 450 30.61 -16.31 3.40
C PRO A 450 30.38 -17.60 4.18
N ASN A 451 31.43 -18.38 4.44
CA ASN A 451 31.28 -19.59 5.24
C ASN A 451 31.76 -19.40 6.67
N ARG A 452 32.29 -18.22 6.98
CA ARG A 452 32.86 -17.98 8.29
C ARG A 452 31.97 -17.13 9.20
N ALA A 453 31.50 -17.74 10.28
CA ALA A 453 30.69 -17.03 11.27
C ALA A 453 31.55 -16.12 12.11
N ILE A 454 31.01 -14.95 12.43
CA ILE A 454 31.70 -13.98 13.27
C ILE A 454 30.66 -13.34 14.18
N ARG A 455 31.15 -12.52 15.11
CA ARG A 455 30.30 -11.81 16.05
C ARG A 455 30.45 -10.31 15.85
N ILE A 456 29.39 -9.56 16.13
CA ILE A 456 29.46 -8.12 16.07
C ILE A 456 28.93 -7.53 17.37
N THR A 457 29.75 -6.75 18.06
CA THR A 457 29.33 -6.16 19.34
C THR A 457 28.62 -4.84 19.09
N LYS A 458 28.00 -4.31 20.14
CA LYS A 458 27.18 -3.11 20.02
C LYS A 458 27.96 -1.86 19.59
N ASN A 459 29.17 -1.68 20.11
CA ASN A 459 29.95 -0.51 19.69
C ASN A 459 30.71 -0.71 18.38
N GLN A 460 30.46 -1.84 17.72
CA GLN A 460 30.89 -2.02 16.35
C GLN A 460 29.80 -1.54 15.42
N VAL A 461 28.67 -1.14 15.99
CA VAL A 461 27.54 -0.73 15.17
C VAL A 461 27.20 0.75 15.28
N SER A 462 26.86 1.20 16.48
CA SER A 462 26.44 2.59 16.68
C SER A 462 26.38 2.96 18.16
N GLN A 463 26.57 4.25 18.46
CA GLN A 463 26.51 4.74 19.82
C GLN A 463 25.10 5.22 20.17
N LEU A 464 24.22 5.23 19.18
CA LEU A 464 22.88 5.79 19.33
C LEU A 464 21.90 4.71 19.74
N LEU A 465 22.41 3.52 20.01
CA LEU A 465 21.58 2.39 20.37
C LEU A 465 21.23 2.47 21.85
N PRO A 466 20.24 1.67 22.30
CA PRO A 466 19.87 1.72 23.71
C PRO A 466 20.97 1.18 24.63
N GLU A 467 21.02 1.74 25.84
CA GLU A 467 21.99 1.33 26.84
C GLU A 467 21.56 0.08 27.57
N LYS A 468 20.26 -0.01 27.83
CA LYS A 468 19.68 -1.20 28.45
C LYS A 468 18.73 -1.87 27.48
N PHE A 469 18.24 -3.05 27.84
CA PHE A 469 17.41 -3.83 26.94
C PHE A 469 16.18 -4.37 27.65
N ALA A 470 15.94 -3.89 28.86
CA ALA A 470 14.75 -4.22 29.64
C ALA A 470 14.34 -3.05 30.52
N GLU A 471 13.03 -2.89 30.71
CA GLU A 471 12.50 -1.85 31.58
C GLU A 471 11.06 -2.17 31.94
N GLN A 472 10.54 -1.47 32.94
CA GLN A 472 9.18 -1.73 33.40
C GLN A 472 8.31 -0.48 33.33
N LEU A 473 7.05 -0.68 32.95
CA LEU A 473 6.07 0.38 32.91
C LEU A 473 5.05 0.10 33.99
N ILE A 474 4.60 1.14 34.68
CA ILE A 474 3.59 0.97 35.71
C ILE A 474 2.39 1.84 35.42
N ARG A 475 1.26 1.19 35.12
CA ARG A 475 0.01 1.92 34.89
C ARG A 475 -0.95 1.75 36.07
N VAL A 476 -1.63 2.83 36.42
CA VAL A 476 -2.58 2.83 37.51
C VAL A 476 -3.94 3.29 36.98
N TYR A 477 -4.96 2.52 37.34
CA TYR A 477 -6.35 2.76 36.95
C TYR A 477 -7.27 2.80 38.16
N CYS A 478 -8.37 3.54 38.04
CA CYS A 478 -9.35 3.63 39.12
C CYS A 478 -10.71 3.07 38.71
N LYS A 479 -11.27 2.19 39.55
CA LYS A 479 -12.55 1.57 39.27
C LYS A 479 -13.73 2.49 39.55
N LYS A 480 -13.49 3.56 40.31
CA LYS A 480 -14.50 4.58 40.56
C LYS A 480 -14.36 5.65 39.49
N VAL A 481 -15.42 5.90 38.73
CA VAL A 481 -15.29 6.70 37.52
C VAL A 481 -15.89 8.11 37.62
N ASP A 482 -16.35 8.49 38.80
CA ASP A 482 -16.88 9.84 38.98
C ASP A 482 -15.75 10.85 39.13
N ARG A 483 -16.10 12.12 38.93
CA ARG A 483 -15.14 13.23 38.95
C ARG A 483 -14.27 13.27 40.21
N LYS A 484 -14.94 13.36 41.35
CA LYS A 484 -14.30 13.43 42.66
C LYS A 484 -13.28 12.32 42.88
N SER A 485 -13.74 11.09 42.69
CA SER A 485 -12.93 9.91 42.95
C SER A 485 -11.70 9.85 42.06
N LEU A 486 -11.80 10.40 40.86
CA LEU A 486 -10.69 10.41 39.91
C LEU A 486 -9.70 11.52 40.24
N TYR A 487 -10.21 12.65 40.73
CA TYR A 487 -9.33 13.70 41.26
C TYR A 487 -8.50 13.13 42.41
N ALA A 488 -9.23 12.52 43.34
CA ALA A 488 -8.62 11.89 44.50
C ALA A 488 -7.60 10.87 44.06
N ALA A 489 -7.96 10.08 43.06
CA ALA A 489 -7.11 9.00 42.56
C ALA A 489 -5.82 9.58 42.00
N ARG A 490 -5.93 10.71 41.31
CA ARG A 490 -4.75 11.36 40.79
C ARG A 490 -3.85 11.85 41.92
N GLN A 491 -4.45 12.40 42.97
CA GLN A 491 -3.66 12.81 44.13
C GLN A 491 -2.91 11.63 44.79
N TYR A 492 -3.65 10.57 45.10
CA TYR A 492 -3.06 9.37 45.68
C TYR A 492 -1.93 8.89 44.79
N PHE A 493 -2.18 8.86 43.48
CA PHE A 493 -1.23 8.31 42.53
C PHE A 493 0.08 9.10 42.51
N VAL A 494 -0.03 10.40 42.24
CA VAL A 494 1.17 11.22 42.14
C VAL A 494 1.92 11.20 43.46
N GLN A 495 1.17 11.24 44.56
CA GLN A 495 1.80 11.16 45.88
C GLN A 495 2.59 9.85 46.03
N TRP A 496 2.00 8.76 45.57
CA TRP A 496 2.62 7.45 45.64
C TRP A 496 3.89 7.41 44.80
N CYS A 497 3.87 8.12 43.67
CA CYS A 497 5.04 8.24 42.82
C CYS A 497 6.16 8.99 43.53
N ALA A 498 5.80 10.09 44.18
CA ALA A 498 6.77 10.89 44.95
C ALA A 498 7.37 10.09 46.10
N ASP A 499 6.52 9.39 46.87
CA ASP A 499 6.99 8.62 48.02
C ASP A 499 7.99 7.53 47.64
N ARG A 500 7.80 6.90 46.49
CA ARG A 500 8.68 5.79 46.09
C ARG A 500 9.76 6.19 45.11
N ASN A 501 9.95 7.51 44.95
CA ASN A 501 10.95 8.05 44.03
C ASN A 501 10.89 7.45 42.63
N PHE A 502 9.67 7.26 42.12
CA PHE A 502 9.47 6.85 40.73
C PHE A 502 9.58 8.07 39.81
N THR A 503 9.50 7.83 38.51
CA THR A 503 9.56 8.93 37.54
C THR A 503 8.31 9.81 37.63
N LYS A 504 8.51 11.10 37.42
CA LYS A 504 7.42 12.05 37.45
C LYS A 504 6.48 11.82 36.25
N PRO A 505 5.20 11.56 36.54
CA PRO A 505 4.17 11.43 35.49
C PRO A 505 4.23 12.62 34.57
N GLN A 506 4.02 12.40 33.28
CA GLN A 506 4.20 13.44 32.29
C GLN A 506 3.25 14.61 32.52
N ASP A 507 2.05 14.31 32.98
CA ASP A 507 1.03 15.31 33.22
C ASP A 507 0.91 15.58 34.72
N GLY A 508 1.96 15.25 35.45
CA GLY A 508 1.96 15.45 36.91
C GLY A 508 1.64 16.87 37.34
N ASP A 509 2.27 17.86 36.70
CA ASP A 509 2.06 19.26 37.06
C ASP A 509 0.65 19.74 36.75
N VAL A 510 -0.12 18.95 36.02
CA VAL A 510 -1.46 19.35 35.63
C VAL A 510 -2.53 18.66 36.49
N ILE A 511 -2.31 17.39 36.80
CA ILE A 511 -3.29 16.63 37.58
C ILE A 511 -3.07 16.68 39.09
N ALA A 512 -1.90 17.14 39.52
CA ALA A 512 -1.63 17.30 40.96
C ALA A 512 -0.65 18.43 41.26
N PRO A 513 -1.07 19.69 41.03
CA PRO A 513 -0.21 20.87 41.19
C PRO A 513 0.22 21.05 42.64
N LEU A 514 -0.64 20.65 43.58
CA LEU A 514 -0.33 20.79 45.00
C LEU A 514 0.73 19.76 45.44
N ILE A 515 0.88 18.69 44.67
CA ILE A 515 1.71 17.56 45.05
C ILE A 515 3.13 17.60 44.51
N THR A 516 3.28 17.89 43.22
CA THR A 516 4.59 17.82 42.59
C THR A 516 5.74 18.71 43.16
N PRO A 517 5.44 19.95 43.60
CA PRO A 517 6.43 20.81 44.27
C PRO A 517 7.14 20.17 45.45
N GLN A 518 6.51 19.24 46.17
CA GLN A 518 7.18 18.65 47.34
C GLN A 518 8.39 17.81 46.92
N LYS A 519 8.41 17.44 45.64
CA LYS A 519 9.48 16.64 45.08
C LYS A 519 10.42 17.57 44.31
N LYS A 520 11.55 17.91 44.93
CA LYS A 520 12.46 18.91 44.37
C LYS A 520 13.12 18.43 43.08
N GLU A 521 13.25 17.11 42.97
CA GLU A 521 13.89 16.46 41.84
C GLU A 521 13.00 16.51 40.61
N TRP A 522 11.82 17.13 40.76
CA TRP A 522 10.87 17.28 39.68
C TRP A 522 10.74 18.75 39.31
N ASN A 523 11.66 19.57 39.83
CA ASN A 523 11.58 21.02 39.73
C ASN A 523 10.27 21.56 40.31
N THR B 38 30.00 -12.32 -8.77
CA THR B 38 28.84 -12.90 -8.09
C THR B 38 27.52 -12.23 -8.42
N MET B 39 26.45 -12.78 -7.84
CA MET B 39 25.09 -12.29 -8.04
C MET B 39 24.89 -10.90 -7.42
N LYS B 40 23.90 -10.17 -7.90
CA LYS B 40 23.57 -8.90 -7.23
C LYS B 40 22.10 -8.83 -6.86
N VAL B 41 21.81 -8.15 -5.77
CA VAL B 41 20.45 -7.94 -5.32
C VAL B 41 20.07 -6.47 -5.49
N ILE B 42 18.91 -6.23 -6.10
CA ILE B 42 18.44 -4.86 -6.29
C ILE B 42 17.08 -4.67 -5.63
N ASN B 43 16.93 -3.62 -4.84
CA ASN B 43 15.65 -3.33 -4.22
C ASN B 43 14.78 -2.45 -5.10
N ASP B 44 13.72 -3.04 -5.64
CA ASP B 44 12.76 -2.33 -6.45
C ASP B 44 11.48 -2.12 -5.65
N PRO B 45 10.91 -0.90 -5.71
CA PRO B 45 9.66 -0.59 -5.01
C PRO B 45 8.50 -1.48 -5.43
N ILE B 46 8.50 -1.95 -6.67
CA ILE B 46 7.41 -2.78 -7.15
C ILE B 46 7.55 -4.23 -6.74
N HIS B 47 8.71 -4.82 -7.01
CA HIS B 47 8.89 -6.27 -6.85
C HIS B 47 9.65 -6.68 -5.59
N GLY B 48 10.19 -5.72 -4.84
CA GLY B 48 11.01 -6.06 -3.70
C GLY B 48 12.44 -6.36 -4.11
N HIS B 49 13.05 -7.34 -3.44
CA HIS B 49 14.46 -7.66 -3.67
C HIS B 49 14.67 -8.66 -4.79
N ILE B 50 15.15 -8.19 -5.93
CA ILE B 50 15.34 -9.04 -7.09
C ILE B 50 16.80 -9.46 -7.30
N GLU B 51 17.01 -10.73 -7.62
CA GLU B 51 18.35 -11.25 -7.86
C GLU B 51 18.72 -11.25 -9.34
N LEU B 52 19.85 -10.64 -9.64
CA LEU B 52 20.42 -10.65 -10.99
C LEU B 52 21.69 -11.49 -11.09
N HIS B 53 21.60 -12.51 -11.94
CA HIS B 53 22.72 -13.33 -12.39
C HIS B 53 23.84 -12.43 -12.94
N PRO B 54 25.11 -12.80 -12.69
CA PRO B 54 26.26 -12.01 -13.15
C PRO B 54 26.23 -11.65 -14.63
N LEU B 55 25.76 -12.56 -15.48
CA LEU B 55 25.63 -12.27 -16.90
C LEU B 55 24.71 -11.06 -17.13
N LEU B 56 23.53 -11.10 -16.50
CA LEU B 56 22.57 -9.99 -16.55
C LEU B 56 23.22 -8.70 -16.08
N VAL B 57 23.97 -8.78 -14.98
CA VAL B 57 24.71 -7.62 -14.45
C VAL B 57 25.67 -7.03 -15.49
N ARG B 58 26.37 -7.92 -16.18
CA ARG B 58 27.30 -7.50 -17.21
C ARG B 58 26.58 -6.81 -18.36
N ILE B 59 25.41 -7.31 -18.73
CA ILE B 59 24.60 -6.65 -19.78
C ILE B 59 24.10 -5.27 -19.32
N ILE B 60 23.75 -5.18 -18.05
CA ILE B 60 23.18 -3.99 -17.45
C ILE B 60 24.21 -2.87 -17.26
N ASP B 61 25.44 -3.27 -16.94
CA ASP B 61 26.49 -2.29 -16.71
C ASP B 61 27.21 -1.90 -17.99
N THR B 62 26.42 -1.45 -18.97
CA THR B 62 26.90 -0.93 -20.25
C THR B 62 26.18 0.39 -20.52
N PRO B 63 26.84 1.33 -21.24
CA PRO B 63 26.19 2.59 -21.60
C PRO B 63 24.90 2.39 -22.42
N GLN B 64 24.87 1.34 -23.22
CA GLN B 64 23.71 1.02 -24.05
C GLN B 64 22.49 0.76 -23.18
N PHE B 65 22.71 0.15 -22.02
CA PHE B 65 21.61 -0.16 -21.10
C PHE B 65 21.33 0.99 -20.13
N GLN B 66 22.40 1.57 -19.59
CA GLN B 66 22.29 2.67 -18.63
C GLN B 66 21.62 3.89 -19.25
N ARG B 67 21.72 4.00 -20.57
CA ARG B 67 20.98 4.99 -21.35
C ARG B 67 19.51 5.13 -20.94
N LEU B 68 18.88 4.01 -20.62
CA LEU B 68 17.45 3.98 -20.25
C LEU B 68 17.11 4.71 -18.95
N ARG B 69 18.13 5.08 -18.17
CA ARG B 69 17.91 5.88 -16.97
C ARG B 69 17.54 7.30 -17.36
N TYR B 70 17.76 7.66 -18.61
CA TYR B 70 17.53 9.06 -19.00
C TYR B 70 16.38 9.20 -19.98
N ILE B 71 15.47 8.22 -19.96
CA ILE B 71 14.30 8.23 -20.81
C ILE B 71 13.05 7.91 -20.01
N LYS B 72 12.14 8.87 -19.89
CA LYS B 72 10.97 8.68 -19.05
C LYS B 72 9.92 7.76 -19.63
N GLN B 73 9.41 6.87 -18.79
CA GLN B 73 8.43 5.88 -19.22
C GLN B 73 7.23 6.53 -19.89
N LEU B 74 6.68 7.57 -19.27
CA LEU B 74 5.44 8.17 -19.79
C LEU B 74 5.67 9.51 -20.48
N GLY B 75 6.94 9.84 -20.73
CA GLY B 75 7.33 11.10 -21.33
C GLY B 75 6.61 12.32 -20.76
N GLY B 76 5.88 13.00 -21.63
CA GLY B 76 5.16 14.20 -21.26
C GLY B 76 4.15 13.99 -20.14
N GLY B 77 3.81 12.72 -19.87
CA GLY B 77 2.89 12.41 -18.79
C GLY B 77 3.41 12.93 -17.46
N TYR B 78 4.73 13.02 -17.32
CA TYR B 78 5.31 13.57 -16.11
C TYR B 78 4.90 15.01 -15.85
N TYR B 79 4.55 15.75 -16.90
CA TYR B 79 4.14 17.14 -16.74
C TYR B 79 2.67 17.30 -16.37
N VAL B 80 1.97 16.17 -16.22
CA VAL B 80 0.57 16.19 -15.79
C VAL B 80 0.40 15.42 -14.48
N PHE B 81 1.11 14.28 -14.39
CA PHE B 81 1.22 13.47 -13.17
C PHE B 81 2.65 13.56 -12.62
N PRO B 82 2.86 14.40 -11.59
CA PRO B 82 4.22 14.61 -11.08
C PRO B 82 4.84 13.39 -10.40
N GLY B 83 4.06 12.39 -10.04
CA GLY B 83 4.65 11.18 -9.49
C GLY B 83 5.31 10.34 -10.58
N ALA B 84 4.96 10.63 -11.84
CA ALA B 84 5.40 9.81 -12.97
C ALA B 84 6.80 10.16 -13.47
N SER B 85 7.78 10.05 -12.59
CA SER B 85 9.15 10.41 -12.89
C SER B 85 10.00 9.18 -13.27
N HIS B 86 9.37 8.00 -13.28
CA HIS B 86 10.12 6.78 -13.53
C HIS B 86 10.61 6.67 -14.99
N ASN B 87 11.75 6.02 -15.15
CA ASN B 87 12.39 5.88 -16.44
C ASN B 87 12.33 4.44 -16.93
N ARG B 88 12.78 4.24 -18.16
CA ARG B 88 12.73 2.91 -18.79
C ARG B 88 13.68 1.91 -18.14
N PHE B 89 14.74 2.41 -17.50
CA PHE B 89 15.71 1.54 -16.84
C PHE B 89 15.04 0.58 -15.80
N GLU B 90 14.39 1.18 -14.80
CA GLU B 90 13.71 0.40 -13.76
C GLU B 90 12.58 -0.51 -14.30
N HIS B 91 11.82 -0.01 -15.28
CA HIS B 91 10.82 -0.84 -15.94
C HIS B 91 11.47 -2.08 -16.57
N SER B 92 12.62 -1.88 -17.21
CA SER B 92 13.34 -2.99 -17.87
C SER B 92 13.79 -4.02 -16.86
N LEU B 93 14.33 -3.54 -15.74
CA LEU B 93 14.65 -4.46 -14.65
C LEU B 93 13.41 -5.28 -14.28
N GLY B 94 12.29 -4.59 -14.12
CA GLY B 94 11.04 -5.26 -13.75
C GLY B 94 10.65 -6.37 -14.71
N VAL B 95 10.71 -6.06 -16.00
CA VAL B 95 10.33 -7.00 -17.04
C VAL B 95 11.25 -8.21 -17.04
N GLY B 96 12.54 -7.96 -16.86
CA GLY B 96 13.49 -9.07 -16.75
C GLY B 96 13.12 -9.99 -15.60
N TYR B 97 12.86 -9.37 -14.45
CA TYR B 97 12.49 -10.13 -13.25
C TYR B 97 11.23 -11.00 -13.48
N LEU B 98 10.18 -10.39 -14.01
CA LEU B 98 8.93 -11.13 -14.22
C LEU B 98 9.04 -12.25 -15.27
N ALA B 99 9.84 -12.00 -16.31
CA ALA B 99 10.11 -13.03 -17.31
C ALA B 99 10.73 -14.24 -16.62
N GLY B 100 11.77 -13.97 -15.84
CA GLY B 100 12.37 -15.01 -15.02
C GLY B 100 11.39 -15.76 -14.12
N CYS B 101 10.52 -15.01 -13.44
CA CYS B 101 9.49 -15.63 -12.58
C CYS B 101 8.55 -16.57 -13.32
N LEU B 102 8.02 -16.13 -14.45
CA LEU B 102 7.07 -16.96 -15.19
C LEU B 102 7.74 -18.23 -15.74
N VAL B 103 8.90 -18.05 -16.38
CA VAL B 103 9.57 -19.24 -16.95
C VAL B 103 9.95 -20.21 -15.83
N HIS B 104 10.44 -19.68 -14.70
CA HIS B 104 10.78 -20.53 -13.56
C HIS B 104 9.58 -21.29 -12.99
N ALA B 105 8.46 -20.60 -12.79
CA ALA B 105 7.23 -21.26 -12.33
C ALA B 105 6.78 -22.39 -13.26
N LEU B 106 6.81 -22.11 -14.57
CA LEU B 106 6.46 -23.16 -15.53
C LEU B 106 7.40 -24.35 -15.38
N GLY B 107 8.70 -24.06 -15.28
CA GLY B 107 9.70 -25.11 -15.15
C GLY B 107 9.53 -25.96 -13.91
N GLU B 108 9.13 -25.34 -12.82
CA GLU B 108 8.99 -26.05 -11.56
C GLU B 108 7.72 -26.90 -11.53
N LYS B 109 6.61 -26.35 -12.01
CA LYS B 109 5.38 -27.15 -12.04
C LYS B 109 5.41 -28.30 -13.06
N GLN B 110 6.17 -28.14 -14.14
CA GLN B 110 6.19 -29.13 -15.20
C GLN B 110 7.59 -29.46 -15.72
N PRO B 111 8.33 -30.31 -14.98
CA PRO B 111 9.68 -30.78 -15.34
C PRO B 111 9.79 -31.30 -16.77
N GLU B 112 8.75 -31.98 -17.24
CA GLU B 112 8.77 -32.60 -18.56
C GLU B 112 8.98 -31.64 -19.74
N LEU B 113 8.76 -30.34 -19.51
CA LEU B 113 8.95 -29.34 -20.55
C LEU B 113 10.43 -29.16 -20.89
N GLN B 114 11.31 -29.66 -20.02
CA GLN B 114 12.75 -29.61 -20.23
C GLN B 114 13.27 -28.17 -20.35
N ILE B 115 12.82 -27.29 -19.46
CA ILE B 115 13.34 -25.93 -19.42
C ILE B 115 14.68 -25.92 -18.69
N SER B 116 15.71 -25.41 -19.35
CA SER B 116 17.05 -25.36 -18.75
C SER B 116 17.37 -23.97 -18.19
N GLU B 117 18.44 -23.87 -17.41
CA GLU B 117 18.86 -22.57 -16.88
C GLU B 117 19.29 -21.64 -18.01
N ARG B 118 19.63 -22.23 -19.15
CA ARG B 118 20.03 -21.49 -20.33
C ARG B 118 18.82 -20.78 -20.94
N ASP B 119 17.70 -21.52 -21.02
CA ASP B 119 16.43 -20.95 -21.46
C ASP B 119 16.03 -19.81 -20.53
N VAL B 120 16.15 -20.06 -19.23
CA VAL B 120 15.77 -19.09 -18.21
C VAL B 120 16.56 -17.81 -18.45
N LEU B 121 17.88 -17.96 -18.56
CA LEU B 121 18.71 -16.80 -18.82
C LEU B 121 18.33 -16.07 -20.11
N CYS B 122 18.07 -16.82 -21.19
CA CYS B 122 17.72 -16.16 -22.45
C CYS B 122 16.42 -15.35 -22.35
N VAL B 123 15.44 -15.89 -21.64
CA VAL B 123 14.18 -15.19 -21.47
C VAL B 123 14.36 -13.95 -20.59
N GLN B 124 15.17 -14.07 -19.55
CA GLN B 124 15.51 -12.92 -18.71
C GLN B 124 16.18 -11.81 -19.51
N ILE B 125 17.11 -12.21 -20.39
CA ILE B 125 17.87 -11.22 -21.17
C ILE B 125 16.92 -10.53 -22.13
N ALA B 126 16.02 -11.33 -22.73
CA ALA B 126 15.04 -10.76 -23.63
C ALA B 126 14.14 -9.75 -22.91
N GLY B 127 13.68 -10.08 -21.70
CA GLY B 127 12.82 -9.18 -20.97
C GLY B 127 13.57 -7.91 -20.58
N LEU B 128 14.83 -8.10 -20.23
CA LEU B 128 15.67 -7.02 -19.76
C LEU B 128 15.89 -6.04 -20.92
N CYS B 129 15.96 -6.58 -22.13
CA CYS B 129 16.40 -5.80 -23.27
C CYS B 129 15.31 -5.34 -24.25
N ARG B 130 14.07 -5.77 -24.05
CA ARG B 130 13.02 -5.42 -25.02
C ARG B 130 12.65 -3.95 -25.06
N ASN B 131 13.14 -3.16 -24.09
CA ASN B 131 12.90 -1.71 -24.12
C ASN B 131 14.10 -0.87 -24.57
N LEU B 132 15.12 -1.52 -25.11
CA LEU B 132 16.39 -0.86 -25.43
C LEU B 132 16.30 0.15 -26.58
N GLY B 133 15.28 0.01 -27.40
CA GLY B 133 15.18 0.83 -28.61
C GLY B 133 14.36 2.09 -28.45
N HIS B 134 13.86 2.34 -27.25
CA HIS B 134 13.05 3.54 -27.00
C HIS B 134 13.86 4.80 -27.13
N GLY B 135 13.25 5.83 -27.70
CA GLY B 135 13.89 7.13 -27.84
C GLY B 135 13.37 8.11 -26.81
N PRO B 136 13.76 9.39 -26.96
CA PRO B 136 13.38 10.48 -26.06
C PRO B 136 11.88 10.51 -25.79
N PHE B 137 11.50 10.53 -24.51
CA PHE B 137 10.09 10.57 -24.10
C PHE B 137 9.30 9.35 -24.62
N SER B 138 10.02 8.25 -24.82
CA SER B 138 9.42 6.98 -25.16
C SER B 138 8.48 7.05 -26.36
N HIS B 139 7.20 6.78 -26.12
CA HIS B 139 6.25 6.66 -27.22
C HIS B 139 6.03 7.93 -28.02
N MET B 140 6.54 9.04 -27.53
CA MET B 140 6.50 10.27 -28.31
C MET B 140 7.39 10.16 -29.55
N PHE B 141 8.52 9.46 -29.40
CA PHE B 141 9.54 9.41 -30.44
C PHE B 141 9.09 8.52 -31.59
N ASP B 142 8.71 7.27 -31.29
CA ASP B 142 8.23 6.38 -32.33
C ASP B 142 6.76 6.63 -32.71
N GLY B 143 6.00 7.26 -31.83
CA GLY B 143 4.60 7.50 -32.11
C GLY B 143 4.29 8.82 -32.80
N ARG B 144 5.11 9.84 -32.53
CA ARG B 144 4.84 11.17 -33.08
C ARG B 144 5.97 11.72 -33.93
N PHE B 145 7.19 11.77 -33.37
CA PHE B 145 8.32 12.39 -34.04
C PHE B 145 8.75 11.68 -35.33
N ILE B 146 9.29 10.47 -35.22
CA ILE B 146 9.71 9.68 -36.37
C ILE B 146 8.71 9.61 -37.56
N PRO B 147 7.41 9.35 -37.29
CA PRO B 147 6.48 9.32 -38.43
C PRO B 147 6.36 10.67 -39.15
N LEU B 148 6.62 11.77 -38.45
CA LEU B 148 6.57 13.09 -39.07
C LEU B 148 7.90 13.52 -39.69
N ALA B 149 9.00 13.01 -39.15
CA ALA B 149 10.34 13.38 -39.59
C ALA B 149 10.90 12.41 -40.62
N ARG B 150 10.55 11.13 -40.48
CA ARG B 150 10.99 10.09 -41.41
C ARG B 150 9.80 9.27 -41.88
N PRO B 151 8.91 9.87 -42.69
CA PRO B 151 7.64 9.23 -43.08
C PRO B 151 7.85 8.10 -44.07
N GLU B 152 9.09 7.92 -44.51
CA GLU B 152 9.45 6.91 -45.50
C GLU B 152 9.95 5.63 -44.84
N VAL B 153 10.26 5.72 -43.55
CA VAL B 153 10.82 4.58 -42.81
C VAL B 153 9.71 3.84 -42.06
N LYS B 154 9.85 2.53 -41.91
CA LYS B 154 9.00 1.77 -41.01
C LYS B 154 9.85 1.48 -39.77
N TRP B 155 9.59 2.22 -38.71
CA TRP B 155 10.41 2.13 -37.50
C TRP B 155 9.59 1.87 -36.24
N THR B 156 10.07 0.93 -35.44
CA THR B 156 9.43 0.61 -34.17
C THR B 156 10.48 0.61 -33.08
N HIS B 157 10.06 0.82 -31.84
CA HIS B 157 10.99 0.69 -30.74
C HIS B 157 11.55 -0.73 -30.67
N GLU B 158 10.77 -1.70 -31.15
CA GLU B 158 11.22 -3.08 -31.31
C GLU B 158 12.50 -3.24 -32.14
N GLN B 159 12.47 -2.71 -33.37
CA GLN B 159 13.62 -2.77 -34.27
C GLN B 159 14.85 -2.16 -33.59
N GLY B 160 14.64 -0.99 -33.01
CA GLY B 160 15.67 -0.30 -32.26
C GLY B 160 16.20 -1.15 -31.12
N SER B 161 15.33 -1.95 -30.51
CA SER B 161 15.75 -2.79 -29.40
C SER B 161 16.69 -3.85 -29.92
N VAL B 162 16.31 -4.50 -31.02
CA VAL B 162 17.21 -5.51 -31.60
C VAL B 162 18.58 -4.92 -32.00
N MET B 163 18.56 -3.80 -32.72
CA MET B 163 19.81 -3.21 -33.15
C MET B 163 20.70 -2.76 -31.98
N MET B 164 20.08 -2.11 -31.00
CA MET B 164 20.77 -1.68 -29.80
C MET B 164 21.32 -2.86 -29.00
N PHE B 165 20.62 -3.99 -29.04
CA PHE B 165 21.09 -5.19 -28.38
C PHE B 165 22.34 -5.73 -29.09
N GLU B 166 22.30 -5.80 -30.41
CA GLU B 166 23.45 -6.23 -31.21
C GLU B 166 24.68 -5.35 -30.93
N HIS B 167 24.46 -4.04 -30.96
CA HIS B 167 25.51 -3.06 -30.65
C HIS B 167 26.05 -3.22 -29.23
N LEU B 168 25.17 -3.44 -28.26
CA LEU B 168 25.57 -3.65 -26.86
C LEU B 168 26.45 -4.88 -26.74
N ILE B 169 26.03 -5.95 -27.40
CA ILE B 169 26.76 -7.21 -27.35
C ILE B 169 28.16 -7.03 -27.95
N ASN B 170 28.23 -6.36 -29.10
CA ASN B 170 29.54 -6.20 -29.77
C ASN B 170 30.49 -5.21 -29.10
N SER B 171 29.95 -4.16 -28.49
CA SER B 171 30.77 -3.13 -27.89
C SER B 171 31.27 -3.46 -26.49
N ASN B 172 30.86 -4.59 -25.94
CA ASN B 172 31.23 -4.91 -24.56
C ASN B 172 31.67 -6.36 -24.34
N GLY B 173 31.94 -7.07 -25.44
CA GLY B 173 32.45 -8.42 -25.36
C GLY B 173 31.58 -9.32 -24.54
N ILE B 174 30.27 -9.28 -24.80
CA ILE B 174 29.33 -10.11 -24.06
C ILE B 174 29.34 -11.57 -24.51
N LYS B 175 29.64 -11.83 -25.78
CA LYS B 175 29.62 -13.21 -26.29
C LYS B 175 30.45 -14.22 -25.46
N PRO B 176 31.69 -13.87 -25.10
CA PRO B 176 32.45 -14.85 -24.32
C PRO B 176 31.93 -15.00 -22.90
N VAL B 177 31.28 -13.96 -22.37
CA VAL B 177 30.64 -14.06 -21.06
C VAL B 177 29.44 -15.02 -21.13
N MET B 178 28.68 -14.89 -22.21
CA MET B 178 27.58 -15.81 -22.50
C MET B 178 28.07 -17.25 -22.59
N GLU B 179 29.13 -17.47 -23.35
CA GLU B 179 29.70 -18.82 -23.45
C GLU B 179 30.19 -19.30 -22.08
N GLN B 180 30.75 -18.38 -21.31
CA GLN B 180 31.20 -18.68 -19.95
C GLN B 180 30.06 -19.19 -19.09
N TYR B 181 28.86 -18.62 -19.27
CA TYR B 181 27.70 -19.12 -18.51
C TYR B 181 26.80 -20.13 -19.24
N GLY B 182 27.41 -20.89 -20.15
CA GLY B 182 26.72 -22.01 -20.77
C GLY B 182 25.75 -21.65 -21.87
N LEU B 183 25.90 -20.45 -22.43
CA LEU B 183 25.08 -20.04 -23.54
C LEU B 183 25.76 -20.32 -24.88
N ILE B 184 24.94 -20.49 -25.92
CA ILE B 184 25.43 -20.66 -27.27
C ILE B 184 25.00 -19.46 -28.09
N PRO B 185 25.87 -18.45 -28.18
CA PRO B 185 25.64 -17.14 -28.79
C PRO B 185 24.90 -17.16 -30.14
N GLU B 186 25.25 -18.07 -31.04
CA GLU B 186 24.59 -18.09 -32.34
C GLU B 186 23.10 -18.41 -32.22
N GLU B 187 22.79 -19.49 -31.53
CA GLU B 187 21.41 -19.87 -31.28
C GLU B 187 20.72 -18.83 -30.39
N ASP B 188 21.36 -18.55 -29.26
CA ASP B 188 20.74 -17.79 -28.17
C ASP B 188 20.51 -16.31 -28.49
N ILE B 189 21.46 -15.65 -29.15
CA ILE B 189 21.25 -14.27 -29.59
C ILE B 189 20.06 -14.16 -30.54
N CYS B 190 19.96 -15.14 -31.43
CA CYS B 190 18.84 -15.25 -32.35
C CYS B 190 17.53 -15.43 -31.56
N PHE B 191 17.57 -16.28 -30.54
CA PHE B 191 16.40 -16.55 -29.70
C PHE B 191 15.91 -15.25 -29.03
N ILE B 192 16.85 -14.52 -28.43
CA ILE B 192 16.56 -13.26 -27.76
C ILE B 192 15.95 -12.24 -28.71
N LYS B 193 16.61 -12.04 -29.86
CA LYS B 193 16.09 -11.13 -30.86
C LYS B 193 14.67 -11.51 -31.31
N GLU B 194 14.45 -12.80 -31.53
CA GLU B 194 13.14 -13.29 -31.95
C GLU B 194 12.10 -13.00 -30.87
N GLN B 195 12.48 -13.16 -29.61
CA GLN B 195 11.60 -12.87 -28.51
C GLN B 195 11.21 -11.40 -28.50
N ILE B 196 12.16 -10.53 -28.86
CA ILE B 196 11.83 -9.11 -28.88
C ILE B 196 10.99 -8.65 -30.09
N VAL B 197 11.33 -9.10 -31.28
CA VAL B 197 10.75 -8.53 -32.49
C VAL B 197 9.93 -9.53 -33.34
N GLY B 198 9.97 -10.80 -32.98
CA GLY B 198 9.31 -11.82 -33.78
C GLY B 198 10.28 -12.50 -34.72
N PRO B 199 9.77 -13.32 -35.65
CA PRO B 199 10.62 -13.98 -36.64
C PRO B 199 11.38 -12.95 -37.48
N LEU B 200 12.58 -13.32 -37.93
CA LEU B 200 13.42 -12.41 -38.69
C LEU B 200 13.25 -12.50 -40.21
N GLU B 201 12.66 -13.62 -40.67
CA GLU B 201 12.40 -13.90 -42.08
C GLU B 201 13.51 -13.44 -43.04
N LEU B 208 4.05 -24.53 -40.46
CA LEU B 208 5.38 -23.96 -40.62
C LEU B 208 5.88 -23.25 -39.36
N TRP B 209 6.98 -23.73 -38.80
CA TRP B 209 7.61 -23.10 -37.64
C TRP B 209 8.56 -22.02 -38.13
N PRO B 210 8.23 -20.74 -37.85
CA PRO B 210 8.96 -19.58 -38.37
C PRO B 210 10.16 -19.17 -37.51
N TYR B 211 10.37 -19.85 -36.40
CA TYR B 211 11.43 -19.48 -35.47
C TYR B 211 12.66 -20.36 -35.65
N LYS B 212 13.80 -19.86 -35.18
CA LYS B 212 15.08 -20.56 -35.32
C LYS B 212 15.79 -20.77 -33.98
N GLY B 213 15.63 -19.82 -33.06
CA GLY B 213 16.31 -19.88 -31.77
C GLY B 213 15.89 -21.04 -30.88
N ARG B 214 14.65 -21.48 -31.03
CA ARG B 214 14.13 -22.60 -30.25
C ARG B 214 13.09 -23.32 -31.10
N PRO B 215 12.93 -24.63 -30.90
CA PRO B 215 11.93 -25.41 -31.64
C PRO B 215 10.51 -25.31 -31.11
N GLU B 216 9.57 -26.02 -31.72
CA GLU B 216 8.14 -25.93 -31.38
C GLU B 216 7.81 -26.40 -29.96
N ASN B 217 8.56 -27.38 -29.47
CA ASN B 217 8.32 -27.87 -28.11
C ASN B 217 8.73 -26.85 -27.04
N LYS B 218 9.32 -25.73 -27.47
CA LYS B 218 9.63 -24.63 -26.56
C LYS B 218 8.85 -23.38 -26.98
N SER B 219 7.78 -23.58 -27.74
CA SER B 219 6.96 -22.48 -28.27
C SER B 219 6.50 -21.50 -27.19
N PHE B 220 6.16 -22.04 -26.03
CA PHE B 220 5.63 -21.24 -24.93
C PHE B 220 6.63 -20.20 -24.46
N LEU B 221 7.92 -20.48 -24.67
CA LEU B 221 8.95 -19.51 -24.30
C LEU B 221 8.75 -18.20 -25.05
N TYR B 222 8.19 -18.27 -26.24
CA TYR B 222 7.99 -17.08 -27.06
C TYR B 222 6.76 -16.29 -26.63
N GLU B 223 6.02 -16.83 -25.67
CA GLU B 223 4.79 -16.16 -25.27
C GLU B 223 4.99 -15.24 -24.06
N ILE B 224 6.22 -15.21 -23.55
CA ILE B 224 6.51 -14.58 -22.26
C ILE B 224 6.83 -13.07 -22.30
N VAL B 225 7.84 -12.68 -23.08
CA VAL B 225 8.33 -11.31 -23.06
C VAL B 225 7.49 -10.37 -23.93
N SER B 226 7.15 -10.83 -25.13
CA SER B 226 6.34 -10.03 -26.04
C SER B 226 5.44 -10.96 -26.81
N ASN B 227 4.24 -11.12 -26.30
CA ASN B 227 3.30 -12.10 -26.84
C ASN B 227 2.57 -11.56 -28.07
N LYS B 228 3.05 -11.95 -29.25
CA LYS B 228 2.44 -11.54 -30.51
C LYS B 228 1.08 -12.19 -30.77
N ARG B 229 0.73 -13.21 -29.98
CA ARG B 229 -0.48 -13.98 -30.24
C ARG B 229 -1.73 -13.37 -29.63
N ASN B 230 -1.65 -12.94 -28.38
CA ASN B 230 -2.80 -12.35 -27.71
C ASN B 230 -2.45 -11.14 -26.85
N GLY B 231 -1.16 -10.77 -26.82
CA GLY B 231 -0.70 -9.58 -26.12
C GLY B 231 -0.60 -9.71 -24.60
N ILE B 232 -0.79 -10.92 -24.09
CA ILE B 232 -0.67 -11.14 -22.66
C ILE B 232 0.78 -11.49 -22.34
N ASP B 233 1.54 -10.53 -21.80
CA ASP B 233 2.94 -10.79 -21.47
C ASP B 233 3.44 -9.97 -20.28
N VAL B 234 4.65 -10.28 -19.79
CA VAL B 234 5.14 -9.70 -18.54
C VAL B 234 5.47 -8.20 -18.62
N ASP B 235 5.71 -7.70 -19.82
CA ASP B 235 5.95 -6.29 -20.02
C ASP B 235 4.74 -5.47 -19.52
N LYS B 236 3.56 -5.82 -20.02
CA LYS B 236 2.30 -5.24 -19.54
C LYS B 236 2.17 -5.27 -18.01
N TRP B 237 2.43 -6.42 -17.41
CA TRP B 237 2.24 -6.60 -15.98
C TRP B 237 3.11 -5.65 -15.20
N ASP B 238 4.39 -5.61 -15.59
CA ASP B 238 5.27 -4.67 -14.96
C ASP B 238 4.75 -3.25 -15.09
N TYR B 239 4.41 -2.80 -16.31
CA TYR B 239 4.02 -1.38 -16.39
C TYR B 239 2.69 -1.05 -15.71
N PHE B 240 1.78 -2.03 -15.64
CA PHE B 240 0.55 -1.87 -14.86
C PHE B 240 0.95 -1.52 -13.44
N ALA B 241 1.77 -2.37 -12.83
CA ALA B 241 2.12 -2.12 -11.43
C ALA B 241 2.98 -0.85 -11.19
N ARG B 242 3.99 -0.62 -12.03
CA ARG B 242 4.90 0.52 -11.86
C ARG B 242 4.21 1.85 -12.14
N ASP B 243 3.59 1.95 -13.31
CA ASP B 243 2.89 3.17 -13.68
C ASP B 243 1.83 3.44 -12.64
N CYS B 244 1.11 2.41 -12.18
CA CYS B 244 0.12 2.69 -11.13
C CYS B 244 0.77 3.23 -9.86
N HIS B 245 1.85 2.58 -9.42
CA HIS B 245 2.63 3.05 -8.27
C HIS B 245 3.01 4.55 -8.37
N HIS B 246 3.41 4.99 -9.56
CA HIS B 246 3.90 6.37 -9.67
C HIS B 246 2.83 7.41 -10.04
N LEU B 247 1.78 6.96 -10.69
CA LEU B 247 0.73 7.86 -11.16
C LEU B 247 -0.16 8.28 -9.99
N GLY B 248 -0.35 7.36 -9.05
CA GLY B 248 -1.30 7.55 -7.97
C GLY B 248 -2.68 7.06 -8.39
N ILE B 249 -2.68 5.98 -9.16
CA ILE B 249 -3.90 5.28 -9.56
C ILE B 249 -3.64 3.82 -9.20
N GLN B 250 -4.65 3.10 -8.73
CA GLN B 250 -4.37 1.76 -8.25
C GLN B 250 -4.59 0.67 -9.32
N ASN B 251 -3.63 -0.25 -9.44
CA ASN B 251 -3.74 -1.31 -10.43
C ASN B 251 -4.65 -2.40 -9.90
N ASN B 252 -5.60 -2.86 -10.71
CA ASN B 252 -6.45 -3.97 -10.30
C ASN B 252 -6.20 -5.35 -10.93
N PHE B 253 -5.06 -5.52 -11.60
CA PHE B 253 -4.73 -6.82 -12.17
C PHE B 253 -3.67 -7.53 -11.32
N ASP B 254 -3.95 -8.79 -11.01
CA ASP B 254 -3.10 -9.59 -10.12
C ASP B 254 -2.29 -10.62 -10.93
N TYR B 255 -1.08 -10.26 -11.34
CA TYR B 255 -0.28 -11.12 -12.21
C TYR B 255 0.33 -12.31 -11.49
N LYS B 256 0.56 -12.18 -10.19
CA LYS B 256 1.01 -13.31 -9.40
C LYS B 256 0.02 -14.48 -9.47
N ARG B 257 -1.27 -14.16 -9.30
CA ARG B 257 -2.33 -15.14 -9.44
C ARG B 257 -2.26 -15.81 -10.80
N PHE B 258 -2.09 -14.99 -11.84
CA PHE B 258 -2.01 -15.52 -13.18
C PHE B 258 -0.88 -16.54 -13.28
N ILE B 259 0.31 -16.13 -12.83
CA ILE B 259 1.48 -16.99 -12.89
C ILE B 259 1.22 -18.31 -12.18
N LYS B 260 0.60 -18.23 -11.01
CA LYS B 260 0.29 -19.43 -10.26
C LYS B 260 -0.63 -20.35 -11.05
N PHE B 261 -1.58 -19.77 -11.78
CA PHE B 261 -2.50 -20.63 -12.51
C PHE B 261 -2.09 -21.05 -13.93
N ALA B 262 -0.97 -20.53 -14.45
CA ALA B 262 -0.60 -20.85 -15.82
C ALA B 262 0.03 -22.25 -15.94
N ARG B 263 -0.27 -22.94 -17.04
CA ARG B 263 0.31 -24.25 -17.29
C ARG B 263 0.72 -24.28 -18.76
N VAL B 264 1.51 -25.26 -19.18
CA VAL B 264 1.70 -25.46 -20.61
C VAL B 264 0.89 -26.66 -21.08
N CYS B 265 0.15 -26.49 -22.17
CA CYS B 265 -0.59 -27.58 -22.76
C CYS B 265 -0.32 -27.64 -24.26
N GLU B 266 -0.62 -28.78 -24.86
CA GLU B 266 -0.46 -28.93 -26.30
C GLU B 266 -1.64 -28.32 -27.04
N VAL B 267 -1.35 -27.45 -27.99
CA VAL B 267 -2.36 -26.81 -28.82
C VAL B 267 -1.81 -26.76 -30.23
N ASP B 268 -2.55 -27.31 -31.19
CA ASP B 268 -2.16 -27.30 -32.60
C ASP B 268 -0.68 -27.61 -32.83
N ASN B 269 -0.24 -28.75 -32.30
CA ASN B 269 1.14 -29.20 -32.45
C ASN B 269 2.20 -28.23 -31.93
N GLU B 270 1.79 -27.37 -31.01
CA GLU B 270 2.73 -26.57 -30.23
C GLU B 270 2.48 -26.81 -28.76
N LEU B 271 3.50 -26.58 -27.94
CA LEU B 271 3.30 -26.49 -26.50
C LEU B 271 3.18 -25.02 -26.12
N ARG B 272 1.97 -24.61 -25.72
CA ARG B 272 1.68 -23.21 -25.43
C ARG B 272 1.21 -22.99 -24.00
N ILE B 273 1.36 -21.76 -23.52
CA ILE B 273 0.86 -21.37 -22.21
C ILE B 273 -0.67 -21.33 -22.20
N CYS B 274 -1.26 -21.95 -21.18
CA CYS B 274 -2.70 -22.01 -20.98
C CYS B 274 -3.10 -21.48 -19.60
N ALA B 275 -4.15 -20.68 -19.57
CA ALA B 275 -4.67 -20.15 -18.32
C ALA B 275 -5.81 -21.06 -17.84
N ARG B 276 -6.03 -21.10 -16.53
CA ARG B 276 -7.13 -21.89 -16.00
C ARG B 276 -8.45 -21.25 -16.39
N ASP B 277 -9.43 -22.07 -16.77
CA ASP B 277 -10.73 -21.60 -17.28
C ASP B 277 -11.37 -20.44 -16.49
N LYS B 278 -11.52 -20.64 -15.18
CA LYS B 278 -12.20 -19.68 -14.33
C LYS B 278 -11.48 -18.33 -14.23
N GLU B 279 -10.29 -18.22 -14.80
CA GLU B 279 -9.54 -16.96 -14.82
C GLU B 279 -9.96 -16.06 -15.99
N VAL B 280 -10.84 -16.58 -16.84
CA VAL B 280 -11.21 -15.85 -18.05
C VAL B 280 -11.72 -14.44 -17.75
N GLY B 281 -12.59 -14.30 -16.76
CA GLY B 281 -13.08 -13.00 -16.30
C GLY B 281 -11.94 -12.04 -16.03
N ASN B 282 -10.97 -12.51 -15.25
CA ASN B 282 -9.82 -11.71 -14.89
C ASN B 282 -9.06 -11.27 -16.13
N LEU B 283 -8.96 -12.17 -17.10
CA LEU B 283 -8.28 -11.84 -18.34
C LEU B 283 -8.99 -10.69 -19.03
N TYR B 284 -10.32 -10.76 -19.12
CA TYR B 284 -11.05 -9.65 -19.72
C TYR B 284 -10.72 -8.37 -18.94
N ASP B 285 -10.73 -8.48 -17.60
CA ASP B 285 -10.48 -7.31 -16.78
C ASP B 285 -9.10 -6.73 -17.09
N MET B 286 -8.12 -7.60 -17.37
CA MET B 286 -6.78 -7.11 -17.65
C MET B 286 -6.86 -6.11 -18.80
N PHE B 287 -7.56 -6.47 -19.87
CA PHE B 287 -7.56 -5.57 -21.02
C PHE B 287 -8.38 -4.33 -20.70
N HIS B 288 -9.42 -4.53 -19.90
CA HIS B 288 -10.25 -3.41 -19.47
C HIS B 288 -9.31 -2.48 -18.72
N THR B 289 -8.46 -3.06 -17.88
CA THR B 289 -7.55 -2.24 -17.09
C THR B 289 -6.65 -1.43 -18.04
N ARG B 290 -6.15 -2.08 -19.08
CA ARG B 290 -5.26 -1.39 -20.02
C ARG B 290 -5.99 -0.17 -20.55
N ASN B 291 -7.24 -0.39 -20.93
CA ASN B 291 -8.01 0.69 -21.56
C ASN B 291 -8.14 1.85 -20.57
N SER B 292 -8.36 1.51 -19.30
CA SER B 292 -8.58 2.51 -18.29
C SER B 292 -7.33 3.36 -18.19
N LEU B 293 -6.19 2.69 -18.23
CA LEU B 293 -4.95 3.41 -18.01
C LEU B 293 -4.75 4.33 -19.17
N HIS B 294 -5.18 3.91 -20.36
CA HIS B 294 -5.00 4.78 -21.49
C HIS B 294 -5.96 5.95 -21.36
N ARG B 295 -7.18 5.67 -20.91
CA ARG B 295 -8.18 6.72 -20.81
C ARG B 295 -7.73 7.82 -19.85
N ARG B 296 -7.28 7.42 -18.67
CA ARG B 296 -6.92 8.33 -17.58
C ARG B 296 -5.56 9.03 -17.71
N ALA B 297 -4.56 8.33 -18.23
CA ALA B 297 -3.18 8.82 -18.15
C ALA B 297 -2.46 8.88 -19.50
N TYR B 298 -2.24 7.72 -20.12
CA TYR B 298 -1.38 7.67 -21.30
C TYR B 298 -1.92 8.56 -22.43
N GLN B 299 -3.24 8.64 -22.53
CA GLN B 299 -3.87 9.49 -23.53
C GLN B 299 -4.57 10.68 -22.90
N HIS B 300 -4.05 11.16 -21.76
CA HIS B 300 -4.56 12.39 -21.16
C HIS B 300 -4.45 13.54 -22.18
N LYS B 301 -5.53 14.29 -22.36
CA LYS B 301 -5.56 15.39 -23.35
C LYS B 301 -4.35 16.34 -23.27
N VAL B 302 -4.05 16.77 -22.05
CA VAL B 302 -2.96 17.72 -21.85
C VAL B 302 -1.61 17.02 -21.93
N GLY B 303 -1.53 15.78 -21.45
CA GLY B 303 -0.32 14.98 -21.61
C GLY B 303 0.03 14.84 -23.08
N ASN B 304 -0.96 14.50 -23.89
CA ASN B 304 -0.77 14.37 -25.32
C ASN B 304 -0.41 15.71 -25.99
N ILE B 305 -1.04 16.81 -25.57
CA ILE B 305 -0.69 18.09 -26.19
C ILE B 305 0.75 18.48 -25.81
N ILE B 306 1.19 18.08 -24.63
CA ILE B 306 2.58 18.35 -24.26
C ILE B 306 3.56 17.51 -25.10
N ASP B 307 3.23 16.24 -25.29
CA ASP B 307 4.04 15.41 -26.21
C ASP B 307 4.11 16.02 -27.61
N THR B 308 2.99 16.55 -28.07
CA THR B 308 2.91 17.17 -29.38
C THR B 308 3.79 18.42 -29.45
N MET B 309 3.76 19.25 -28.42
CA MET B 309 4.58 20.45 -28.40
C MET B 309 6.07 20.11 -28.40
N ILE B 310 6.42 19.10 -27.62
CA ILE B 310 7.80 18.64 -27.61
C ILE B 310 8.21 18.14 -29.00
N THR B 311 7.33 17.35 -29.63
CA THR B 311 7.61 16.87 -30.97
C THR B 311 7.86 18.04 -31.92
N ASP B 312 6.95 19.01 -31.96
CA ASP B 312 7.12 20.19 -32.80
C ASP B 312 8.47 20.86 -32.57
N ALA B 313 8.83 21.03 -31.30
CA ALA B 313 10.14 21.58 -30.96
C ALA B 313 11.29 20.77 -31.56
N PHE B 314 11.21 19.44 -31.46
CA PHE B 314 12.27 18.59 -32.01
C PHE B 314 12.33 18.76 -33.51
N LEU B 315 11.17 18.93 -34.14
CA LEU B 315 11.09 19.09 -35.58
C LEU B 315 11.80 20.38 -35.98
N LYS B 316 11.51 21.45 -35.26
CA LYS B 316 12.13 22.75 -35.53
C LYS B 316 13.60 22.78 -35.13
N ALA B 317 14.04 21.79 -34.35
CA ALA B 317 15.43 21.75 -33.90
C ALA B 317 16.29 20.82 -34.75
N ASP B 318 15.66 19.97 -35.53
CA ASP B 318 16.32 18.79 -36.12
C ASP B 318 17.41 19.13 -37.13
N ASP B 319 17.26 20.25 -37.83
CA ASP B 319 18.28 20.71 -38.77
C ASP B 319 19.53 21.22 -38.07
N TYR B 320 19.44 21.47 -36.77
CA TYR B 320 20.52 22.20 -36.08
C TYR B 320 21.21 21.49 -34.91
N ILE B 321 20.57 20.49 -34.32
CA ILE B 321 21.18 19.72 -33.24
C ILE B 321 22.11 18.69 -33.86
N GLU B 322 23.25 18.44 -33.23
CA GLU B 322 24.23 17.51 -33.78
C GLU B 322 24.60 16.46 -32.77
N ILE B 323 24.45 15.20 -33.16
CA ILE B 323 24.83 14.10 -32.30
C ILE B 323 25.99 13.36 -32.95
N THR B 324 27.02 13.08 -32.17
CA THR B 324 28.21 12.43 -32.69
C THR B 324 28.16 10.91 -32.51
N GLY B 325 28.27 10.21 -33.63
CA GLY B 325 28.23 8.77 -33.63
C GLY B 325 29.58 8.18 -33.93
N ALA B 326 29.58 7.05 -34.63
CA ALA B 326 30.80 6.32 -34.91
C ALA B 326 31.71 7.06 -35.89
N GLY B 327 33.02 6.94 -35.70
CA GLY B 327 33.98 7.60 -36.56
C GLY B 327 33.93 9.11 -36.47
N GLY B 328 33.21 9.63 -35.47
CA GLY B 328 33.13 11.06 -35.25
C GLY B 328 32.15 11.73 -36.18
N LYS B 329 31.49 10.94 -37.02
CA LYS B 329 30.48 11.48 -37.92
C LYS B 329 29.28 12.05 -37.19
N LYS B 330 28.61 13.00 -37.83
CA LYS B 330 27.53 13.77 -37.19
C LYS B 330 26.15 13.28 -37.58
N TYR B 331 25.17 13.38 -36.67
CA TYR B 331 23.80 12.92 -36.95
C TYR B 331 22.78 13.90 -36.40
N ARG B 332 21.60 13.92 -37.00
CA ARG B 332 20.50 14.72 -36.50
C ARG B 332 19.61 13.84 -35.63
N ILE B 333 18.70 14.47 -34.88
CA ILE B 333 17.78 13.75 -34.01
C ILE B 333 17.02 12.70 -34.83
N SER B 334 16.62 13.08 -36.03
CA SER B 334 15.83 12.20 -36.89
C SER B 334 16.66 11.13 -37.58
N THR B 335 17.99 11.22 -37.48
CA THR B 335 18.84 10.27 -38.19
C THR B 335 19.71 9.46 -37.24
N ALA B 336 19.61 9.77 -35.96
CA ALA B 336 20.35 9.07 -34.93
C ALA B 336 20.03 7.57 -34.90
N ILE B 337 18.83 7.22 -35.37
CA ILE B 337 18.40 5.83 -35.38
C ILE B 337 19.12 4.98 -36.44
N ASP B 338 20.00 5.62 -37.21
CA ASP B 338 20.73 4.93 -38.26
C ASP B 338 22.14 4.56 -37.81
N ASP B 339 22.49 5.00 -36.61
CA ASP B 339 23.80 4.71 -36.04
C ASP B 339 23.66 4.54 -34.52
N MET B 340 23.88 3.32 -34.05
CA MET B 340 23.60 2.96 -32.66
C MET B 340 24.48 3.68 -31.64
N GLU B 341 25.70 4.03 -32.07
CA GLU B 341 26.61 4.82 -31.25
C GLU B 341 26.04 6.20 -30.95
N ALA B 342 25.35 6.80 -31.93
CA ALA B 342 24.72 8.10 -31.76
C ALA B 342 23.36 7.99 -31.07
N TYR B 343 22.68 6.86 -31.25
CA TYR B 343 21.40 6.66 -30.61
C TYR B 343 21.63 6.49 -29.11
N THR B 344 22.76 5.88 -28.75
CA THR B 344 23.16 5.74 -27.35
C THR B 344 23.16 7.08 -26.63
N LYS B 345 23.49 8.15 -27.34
CA LYS B 345 23.52 9.50 -26.73
C LYS B 345 22.21 10.26 -26.91
N LEU B 346 21.21 9.63 -27.53
CA LEU B 346 19.94 10.29 -27.76
C LEU B 346 18.94 9.96 -26.66
N THR B 347 18.76 10.89 -25.72
CA THR B 347 17.86 10.68 -24.59
C THR B 347 16.98 11.91 -24.35
N ASP B 348 16.35 11.98 -23.18
CA ASP B 348 15.50 13.14 -22.85
C ASP B 348 16.32 14.42 -22.73
N ASN B 349 17.62 14.27 -22.49
CA ASN B 349 18.56 15.39 -22.39
C ASN B 349 18.41 16.41 -23.53
N ILE B 350 17.99 15.92 -24.69
CA ILE B 350 17.78 16.75 -25.87
C ILE B 350 16.88 17.93 -25.53
N PHE B 351 15.78 17.63 -24.84
CA PHE B 351 14.87 18.64 -24.31
C PHE B 351 15.69 19.77 -23.64
N LEU B 352 16.48 19.41 -22.63
CA LEU B 352 17.24 20.41 -21.88
C LEU B 352 18.36 21.03 -22.72
N GLU B 353 18.81 20.32 -23.75
CA GLU B 353 19.82 20.91 -24.61
C GLU B 353 19.17 22.01 -25.43
N ILE B 354 17.89 21.84 -25.76
CA ILE B 354 17.22 22.82 -26.60
C ILE B 354 16.81 24.02 -25.76
N LEU B 355 16.27 23.74 -24.58
CA LEU B 355 15.80 24.79 -23.68
C LEU B 355 16.92 25.76 -23.27
N TYR B 356 18.11 25.24 -23.07
CA TYR B 356 19.24 26.02 -22.58
C TYR B 356 20.06 26.69 -23.69
N SER B 357 19.84 26.28 -24.94
CA SER B 357 20.66 26.78 -26.05
C SER B 357 20.67 28.31 -26.20
N THR B 358 21.72 28.83 -26.82
CA THR B 358 21.87 30.28 -27.03
C THR B 358 21.93 30.59 -28.52
N ASP B 359 22.11 29.56 -29.32
CA ASP B 359 22.16 29.68 -30.76
C ASP B 359 20.81 30.16 -31.32
N PRO B 360 20.81 31.28 -32.06
CA PRO B 360 19.55 31.83 -32.59
C PRO B 360 18.87 30.96 -33.64
N LYS B 361 19.64 30.07 -34.29
CA LYS B 361 19.07 29.09 -35.20
C LYS B 361 18.00 28.27 -34.48
N LEU B 362 18.28 27.94 -33.22
CA LEU B 362 17.36 27.17 -32.38
C LEU B 362 16.33 28.01 -31.67
N LYS B 363 16.16 29.28 -32.07
CA LYS B 363 15.21 30.15 -31.38
C LYS B 363 13.79 29.56 -31.33
N ASP B 364 13.18 29.37 -32.49
CA ASP B 364 11.83 28.82 -32.59
C ASP B 364 11.62 27.59 -31.70
N ALA B 365 12.46 26.59 -31.88
CA ALA B 365 12.42 25.38 -31.09
C ALA B 365 12.42 25.76 -29.62
N ARG B 366 13.43 26.53 -29.23
CA ARG B 366 13.62 26.92 -27.84
C ARG B 366 12.40 27.65 -27.29
N GLU B 367 11.68 28.34 -28.18
CA GLU B 367 10.54 29.13 -27.70
C GLU B 367 9.32 28.27 -27.42
N ILE B 368 9.21 27.12 -28.07
CA ILE B 368 8.06 26.27 -27.83
C ILE B 368 8.19 25.61 -26.44
N LEU B 369 9.38 25.09 -26.15
CA LEU B 369 9.66 24.48 -24.86
C LEU B 369 9.45 25.50 -23.75
N LYS B 370 9.88 26.73 -23.98
CA LYS B 370 9.66 27.80 -23.02
C LYS B 370 8.18 28.02 -22.75
N GLN B 371 7.35 27.92 -23.79
CA GLN B 371 5.92 28.07 -23.56
C GLN B 371 5.38 26.92 -22.72
N ILE B 372 6.04 25.77 -22.77
CA ILE B 372 5.65 24.65 -21.94
C ILE B 372 5.97 25.02 -20.51
N GLU B 373 7.13 25.67 -20.31
CA GLU B 373 7.55 26.05 -18.97
C GLU B 373 6.63 27.08 -18.33
N TYR B 374 6.07 27.96 -19.16
CA TYR B 374 5.16 29.00 -18.66
C TYR B 374 3.73 28.49 -18.68
N ARG B 375 3.58 27.23 -19.06
CA ARG B 375 2.27 26.60 -19.14
C ARG B 375 1.40 27.37 -20.12
N ASN B 376 1.98 27.83 -21.22
CA ASN B 376 1.20 28.42 -22.30
C ASN B 376 1.04 27.37 -23.37
N LEU B 377 0.04 26.51 -23.21
CA LEU B 377 -0.11 25.35 -24.06
C LEU B 377 -1.26 25.54 -25.04
N PHE B 378 -1.19 24.82 -26.17
CA PHE B 378 -2.30 24.76 -27.12
C PHE B 378 -3.56 24.36 -26.35
N LYS B 379 -4.69 24.97 -26.70
CA LYS B 379 -5.89 24.82 -25.90
C LYS B 379 -6.79 23.71 -26.42
N TYR B 380 -7.16 22.81 -25.52
CA TYR B 380 -8.07 21.72 -25.85
C TYR B 380 -9.44 22.29 -26.17
N VAL B 381 -9.93 22.04 -27.38
CA VAL B 381 -11.29 22.49 -27.72
C VAL B 381 -12.34 21.36 -27.63
N GLY B 382 -11.95 20.11 -27.88
CA GLY B 382 -12.91 19.05 -27.63
C GLY B 382 -12.65 17.65 -28.16
N GLU B 383 -13.52 16.71 -27.79
CA GLU B 383 -13.38 15.32 -28.19
C GLU B 383 -14.67 14.82 -28.84
N THR B 384 -14.52 14.11 -29.96
CA THR B 384 -15.69 13.50 -30.59
C THR B 384 -15.31 12.11 -31.11
N GLN B 385 -16.29 11.39 -31.66
CA GLN B 385 -16.05 10.05 -32.21
C GLN B 385 -16.82 9.83 -33.51
N PRO B 386 -16.23 9.04 -34.42
CA PRO B 386 -16.93 8.62 -35.64
C PRO B 386 -18.10 7.69 -35.30
N THR B 387 -19.14 7.69 -36.12
CA THR B 387 -20.25 6.77 -35.94
C THR B 387 -20.34 5.81 -37.12
N GLY B 388 -21.22 4.82 -37.02
CA GLY B 388 -21.36 3.83 -38.07
C GLY B 388 -20.07 3.05 -38.26
N GLN B 389 -19.79 2.67 -39.50
CA GLN B 389 -18.60 1.88 -39.79
C GLN B 389 -17.41 2.74 -40.21
N ILE B 390 -17.61 4.06 -40.19
CA ILE B 390 -16.55 5.01 -40.55
C ILE B 390 -15.31 4.84 -39.68
N LYS B 391 -14.16 4.71 -40.32
CA LYS B 391 -12.90 4.51 -39.63
C LYS B 391 -11.83 5.34 -40.31
N ILE B 392 -11.21 6.25 -39.56
CA ILE B 392 -10.26 7.20 -40.12
C ILE B 392 -8.83 6.66 -40.20
N LYS B 393 -8.27 6.60 -41.41
CA LYS B 393 -6.93 6.05 -41.62
C LYS B 393 -5.82 7.11 -41.59
N ARG B 394 -4.62 6.69 -41.23
CA ARG B 394 -3.46 7.58 -41.08
C ARG B 394 -3.30 8.60 -42.19
N GLU B 395 -3.49 8.15 -43.43
CA GLU B 395 -3.29 9.00 -44.59
C GLU B 395 -4.27 10.17 -44.66
N ASP B 396 -5.34 10.10 -43.87
CA ASP B 396 -6.33 11.18 -43.84
C ASP B 396 -5.99 12.21 -42.76
N TYR B 397 -5.08 11.86 -41.85
CA TYR B 397 -4.80 12.69 -40.69
C TYR B 397 -4.54 14.16 -41.03
N GLU B 398 -3.58 14.40 -41.91
CA GLU B 398 -3.17 15.76 -42.23
C GLU B 398 -4.30 16.55 -42.90
N SER B 399 -5.28 15.86 -43.46
CA SER B 399 -6.38 16.54 -44.11
C SER B 399 -7.37 17.10 -43.09
N LEU B 400 -7.26 16.62 -41.85
CA LEU B 400 -8.25 16.93 -40.82
C LEU B 400 -8.32 18.37 -40.31
N PRO B 401 -7.16 19.02 -40.05
CA PRO B 401 -7.25 20.41 -39.62
C PRO B 401 -7.90 21.28 -40.69
N LYS B 402 -7.67 20.93 -41.94
CA LYS B 402 -8.28 21.61 -43.07
C LYS B 402 -9.81 21.55 -43.01
N GLU B 403 -10.36 20.36 -42.79
CA GLU B 403 -11.82 20.23 -42.73
C GLU B 403 -12.44 21.06 -41.61
N VAL B 404 -11.74 21.17 -40.49
CA VAL B 404 -12.26 21.92 -39.37
C VAL B 404 -12.27 23.42 -39.66
N ALA B 405 -11.22 23.89 -40.32
CA ALA B 405 -11.13 25.30 -40.69
C ALA B 405 -12.09 25.64 -41.83
N SER B 406 -12.51 24.63 -42.57
CA SER B 406 -13.42 24.81 -43.69
C SER B 406 -14.90 24.70 -43.30
N ALA B 407 -15.18 24.28 -42.08
CA ALA B 407 -16.55 24.23 -41.61
C ALA B 407 -17.12 25.63 -41.50
N LYS B 408 -18.43 25.78 -41.68
CA LYS B 408 -19.04 27.10 -41.72
C LYS B 408 -20.09 27.29 -40.64
N PRO B 409 -19.66 27.48 -39.39
CA PRO B 409 -20.60 27.66 -38.28
C PRO B 409 -21.44 28.91 -38.46
N LYS B 410 -22.77 28.74 -38.47
CA LYS B 410 -23.68 29.86 -38.71
C LYS B 410 -23.88 30.72 -37.48
N VAL B 411 -22.78 31.17 -36.90
CA VAL B 411 -22.80 32.07 -35.76
C VAL B 411 -21.89 33.24 -36.12
N LEU B 412 -22.19 34.41 -35.56
CA LEU B 412 -21.35 35.59 -35.76
C LEU B 412 -20.09 35.44 -34.92
N LEU B 413 -18.93 35.59 -35.57
CA LEU B 413 -17.64 35.46 -34.91
C LEU B 413 -16.89 36.80 -34.94
N ASP B 414 -15.62 36.79 -34.53
CA ASP B 414 -14.79 37.99 -34.62
C ASP B 414 -13.51 37.73 -35.38
N VAL B 415 -12.95 36.54 -35.19
CA VAL B 415 -11.76 36.12 -35.91
C VAL B 415 -12.10 34.96 -36.85
N LYS B 416 -11.38 34.85 -37.96
CA LYS B 416 -11.46 33.69 -38.81
C LYS B 416 -10.24 32.82 -38.55
N LEU B 417 -10.48 31.55 -38.21
CA LEU B 417 -9.38 30.64 -37.92
C LEU B 417 -8.96 29.87 -39.17
N LYS B 418 -7.69 29.47 -39.20
CA LYS B 418 -7.13 28.79 -40.35
C LYS B 418 -6.75 27.36 -40.01
N ALA B 419 -6.24 26.64 -41.00
CA ALA B 419 -5.91 25.23 -40.85
C ALA B 419 -4.46 25.01 -40.40
N GLU B 420 -3.89 26.03 -39.78
CA GLU B 420 -2.59 25.89 -39.13
C GLU B 420 -2.75 26.23 -37.66
N ASP B 421 -3.95 26.70 -37.33
CA ASP B 421 -4.30 27.03 -35.95
C ASP B 421 -4.89 25.82 -35.24
N PHE B 422 -5.24 24.80 -36.02
CA PHE B 422 -5.88 23.61 -35.48
C PHE B 422 -4.95 22.43 -35.35
N ILE B 423 -5.14 21.68 -34.27
CA ILE B 423 -4.49 20.38 -34.14
C ILE B 423 -5.55 19.32 -33.98
N VAL B 424 -5.42 18.25 -34.78
CA VAL B 424 -6.34 17.12 -34.69
C VAL B 424 -5.58 15.84 -34.40
N ASP B 425 -5.84 15.27 -33.24
CA ASP B 425 -5.12 14.10 -32.76
C ASP B 425 -6.07 12.91 -32.78
N VAL B 426 -5.67 11.84 -33.46
CA VAL B 426 -6.51 10.66 -33.59
C VAL B 426 -5.97 9.49 -32.77
N ILE B 427 -6.77 9.01 -31.83
CA ILE B 427 -6.36 7.94 -30.93
C ILE B 427 -7.09 6.65 -31.25
N ASN B 428 -6.34 5.57 -31.48
CA ASN B 428 -6.94 4.26 -31.63
C ASN B 428 -6.97 3.52 -30.31
N MET B 429 -8.15 3.31 -29.74
CA MET B 429 -8.30 2.56 -28.49
C MET B 429 -8.79 1.14 -28.79
N ASP B 430 -8.02 0.12 -28.42
CA ASP B 430 -8.44 -1.27 -28.64
C ASP B 430 -7.92 -2.23 -27.58
N TYR B 431 -8.17 -3.53 -27.80
CA TYR B 431 -7.67 -4.56 -26.90
C TYR B 431 -6.38 -5.21 -27.44
N GLY B 432 -5.62 -4.45 -28.21
CA GLY B 432 -4.30 -4.88 -28.65
C GLY B 432 -4.24 -5.62 -29.98
N MET B 433 -5.40 -5.93 -30.54
CA MET B 433 -5.47 -6.71 -31.78
C MET B 433 -6.48 -6.09 -32.74
N GLN B 434 -6.46 -4.76 -32.81
CA GLN B 434 -7.41 -3.99 -33.61
C GLN B 434 -8.84 -4.37 -33.29
N GLU B 435 -9.58 -4.85 -34.29
CA GLU B 435 -10.99 -5.15 -34.10
C GLU B 435 -11.26 -6.49 -33.38
N LYS B 436 -10.23 -7.29 -33.16
CA LYS B 436 -10.39 -8.65 -32.61
C LYS B 436 -10.40 -8.74 -31.07
N ASN B 437 -11.06 -9.77 -30.56
CA ASN B 437 -11.10 -10.09 -29.14
C ASN B 437 -9.95 -11.04 -28.84
N PRO B 438 -8.91 -10.52 -28.14
CA PRO B 438 -7.70 -11.28 -27.83
C PRO B 438 -7.99 -12.53 -26.99
N ILE B 439 -9.10 -12.53 -26.25
CA ILE B 439 -9.48 -13.70 -25.47
C ILE B 439 -9.86 -14.90 -26.36
N ASP B 440 -10.28 -14.62 -27.60
CA ASP B 440 -10.46 -15.68 -28.59
C ASP B 440 -9.14 -16.33 -29.03
N HIS B 441 -8.02 -15.75 -28.59
CA HIS B 441 -6.70 -16.28 -28.90
C HIS B 441 -5.97 -16.71 -27.64
N VAL B 442 -6.75 -17.03 -26.61
CA VAL B 442 -6.18 -17.60 -25.40
C VAL B 442 -6.61 -19.06 -25.25
N SER B 443 -5.67 -19.90 -24.84
CA SER B 443 -5.99 -21.28 -24.52
C SER B 443 -6.18 -21.45 -23.01
N PHE B 444 -7.20 -22.22 -22.65
CA PHE B 444 -7.57 -22.47 -21.27
C PHE B 444 -7.50 -23.96 -20.97
N TYR B 445 -7.37 -24.30 -19.68
CA TYR B 445 -7.48 -25.70 -19.25
C TYR B 445 -8.44 -25.80 -18.08
N CYS B 446 -8.96 -27.00 -17.85
CA CYS B 446 -9.89 -27.24 -16.76
C CYS B 446 -9.25 -28.08 -15.65
N LYS B 447 -9.70 -27.83 -14.42
CA LYS B 447 -9.23 -28.55 -13.24
C LYS B 447 -9.30 -30.08 -13.42
N THR B 448 -10.37 -30.54 -14.07
CA THR B 448 -10.60 -31.98 -14.23
C THR B 448 -9.70 -32.65 -15.26
N ALA B 449 -9.18 -31.89 -16.23
CA ALA B 449 -8.26 -32.43 -17.25
C ALA B 449 -7.17 -31.42 -17.61
N PRO B 450 -6.22 -31.21 -16.69
CA PRO B 450 -5.24 -30.11 -16.74
C PRO B 450 -4.29 -30.12 -17.93
N ASN B 451 -4.29 -31.16 -18.73
CA ASN B 451 -3.43 -31.20 -19.91
C ASN B 451 -4.19 -31.01 -21.22
N ARG B 452 -5.50 -30.83 -21.12
CA ARG B 452 -6.32 -30.63 -22.32
CA ARG B 452 -6.32 -30.63 -22.32
C ARG B 452 -6.74 -29.17 -22.48
N ALA B 453 -6.31 -28.55 -23.57
CA ALA B 453 -6.59 -27.15 -23.82
C ALA B 453 -7.99 -26.94 -24.39
N ILE B 454 -8.66 -25.88 -23.96
CA ILE B 454 -9.97 -25.56 -24.49
C ILE B 454 -10.10 -24.09 -24.85
N ARG B 455 -11.19 -23.76 -25.54
CA ARG B 455 -11.50 -22.39 -25.92
C ARG B 455 -12.76 -21.98 -25.20
N ILE B 456 -12.86 -20.69 -24.91
CA ILE B 456 -14.00 -20.10 -24.21
C ILE B 456 -14.46 -18.87 -24.99
N THR B 457 -15.75 -18.80 -25.34
CA THR B 457 -16.24 -17.69 -26.15
C THR B 457 -16.84 -16.62 -25.25
N LYS B 458 -17.05 -15.43 -25.80
CA LYS B 458 -17.52 -14.29 -25.01
C LYS B 458 -18.88 -14.56 -24.40
N ASN B 459 -19.79 -15.11 -25.20
CA ASN B 459 -21.13 -15.47 -24.75
CA ASN B 459 -21.13 -15.41 -24.69
C ASN B 459 -21.14 -16.46 -23.58
N GLN B 460 -20.02 -17.15 -23.40
CA GLN B 460 -19.88 -18.12 -22.31
C GLN B 460 -19.49 -17.44 -21.00
N VAL B 461 -19.24 -16.13 -21.04
CA VAL B 461 -18.70 -15.46 -19.87
C VAL B 461 -19.64 -14.41 -19.27
N SER B 462 -20.17 -13.53 -20.11
CA SER B 462 -20.96 -12.41 -19.64
C SER B 462 -21.55 -11.60 -20.79
N GLN B 463 -22.80 -11.18 -20.64
CA GLN B 463 -23.45 -10.30 -21.59
C GLN B 463 -23.07 -8.84 -21.32
N LEU B 464 -22.36 -8.59 -20.23
CA LEU B 464 -22.01 -7.22 -19.85
C LEU B 464 -20.65 -6.81 -20.39
N LEU B 465 -20.09 -7.65 -21.25
CA LEU B 465 -18.77 -7.42 -21.82
C LEU B 465 -18.93 -6.53 -23.05
N PRO B 466 -17.80 -6.02 -23.61
CA PRO B 466 -17.92 -5.14 -24.78
C PRO B 466 -18.44 -5.82 -26.04
N GLU B 467 -19.20 -5.07 -26.83
CA GLU B 467 -19.69 -5.59 -28.10
C GLU B 467 -18.67 -5.34 -29.20
N LYS B 468 -17.89 -4.27 -29.01
CA LYS B 468 -16.84 -3.90 -29.96
C LYS B 468 -15.51 -3.92 -29.22
N PHE B 469 -14.40 -4.06 -29.94
CA PHE B 469 -13.09 -4.14 -29.31
C PHE B 469 -12.09 -3.09 -29.81
N ALA B 470 -12.57 -2.17 -30.64
CA ALA B 470 -11.74 -1.06 -31.12
C ALA B 470 -12.61 0.16 -31.37
N GLU B 471 -12.04 1.35 -31.20
CA GLU B 471 -12.74 2.60 -31.47
C GLU B 471 -11.73 3.72 -31.60
N GLN B 472 -12.18 4.88 -32.06
CA GLN B 472 -11.30 6.01 -32.22
C GLN B 472 -11.79 7.23 -31.44
N LEU B 473 -10.85 7.99 -30.90
CA LEU B 473 -11.14 9.24 -30.22
C LEU B 473 -10.49 10.37 -31.00
N ILE B 474 -11.25 11.42 -31.30
CA ILE B 474 -10.73 12.56 -32.04
C ILE B 474 -10.66 13.78 -31.14
N ARG B 475 -9.45 14.24 -30.84
CA ARG B 475 -9.28 15.45 -30.03
C ARG B 475 -8.83 16.61 -30.90
N VAL B 476 -9.46 17.76 -30.68
CA VAL B 476 -9.12 18.98 -31.40
C VAL B 476 -8.65 20.04 -30.41
N TYR B 477 -7.50 20.63 -30.72
CA TYR B 477 -6.87 21.68 -29.95
C TYR B 477 -6.70 22.92 -30.82
N CYS B 478 -6.53 24.07 -30.19
CA CYS B 478 -6.33 25.32 -30.91
C CYS B 478 -5.01 25.98 -30.54
N LYS B 479 -4.25 26.41 -31.55
CA LYS B 479 -2.93 27.01 -31.32
C LYS B 479 -2.98 28.46 -30.84
N LYS B 480 -4.13 29.11 -31.01
CA LYS B 480 -4.32 30.49 -30.55
C LYS B 480 -5.18 30.49 -29.29
N VAL B 481 -4.67 31.10 -28.23
CA VAL B 481 -5.20 30.87 -26.88
C VAL B 481 -6.00 32.04 -26.29
N ASP B 482 -6.37 33.00 -27.12
CA ASP B 482 -7.20 34.09 -26.65
C ASP B 482 -8.66 33.64 -26.61
N ARG B 483 -9.49 34.38 -25.88
CA ARG B 483 -10.87 34.01 -25.64
C ARG B 483 -11.68 33.90 -26.94
N LYS B 484 -11.46 34.86 -27.82
CA LYS B 484 -12.24 34.93 -29.05
C LYS B 484 -11.88 33.83 -30.04
N SER B 485 -10.58 33.60 -30.19
CA SER B 485 -10.10 32.49 -30.99
C SER B 485 -10.62 31.17 -30.43
N LEU B 486 -10.78 31.11 -29.11
CA LEU B 486 -11.25 29.90 -28.46
C LEU B 486 -12.73 29.64 -28.74
N TYR B 487 -13.53 30.70 -28.61
CA TYR B 487 -14.96 30.63 -28.91
C TYR B 487 -15.17 30.20 -30.37
N ALA B 488 -14.43 30.85 -31.25
CA ALA B 488 -14.41 30.51 -32.66
C ALA B 488 -14.12 29.03 -32.85
N ALA B 489 -12.98 28.61 -32.32
CA ALA B 489 -12.52 27.22 -32.40
C ALA B 489 -13.60 26.23 -31.96
N ARG B 490 -14.29 26.58 -30.88
CA ARG B 490 -15.39 25.76 -30.41
C ARG B 490 -16.49 25.64 -31.45
N GLN B 491 -16.90 26.79 -32.01
CA GLN B 491 -17.96 26.78 -33.03
C GLN B 491 -17.59 25.95 -34.27
N TYR B 492 -16.36 26.15 -34.74
CA TYR B 492 -15.82 25.37 -35.84
C TYR B 492 -15.92 23.89 -35.51
N PHE B 493 -15.45 23.54 -34.32
CA PHE B 493 -15.36 22.14 -33.91
C PHE B 493 -16.73 21.48 -33.90
N VAL B 494 -17.70 22.09 -33.23
CA VAL B 494 -19.02 21.48 -33.15
C VAL B 494 -19.69 21.41 -34.52
N GLN B 495 -19.62 22.51 -35.27
CA GLN B 495 -20.16 22.52 -36.62
C GLN B 495 -19.60 21.34 -37.42
N TRP B 496 -18.29 21.15 -37.30
CA TRP B 496 -17.58 20.06 -37.97
C TRP B 496 -18.08 18.69 -37.54
N CYS B 497 -18.22 18.49 -36.23
CA CYS B 497 -18.75 17.24 -35.69
C CYS B 497 -20.12 16.93 -36.28
N ALA B 498 -20.95 17.96 -36.41
CA ALA B 498 -22.27 17.78 -36.99
C ALA B 498 -22.18 17.41 -38.47
N ASP B 499 -21.36 18.13 -39.22
CA ASP B 499 -21.21 17.90 -40.65
C ASP B 499 -20.77 16.48 -41.00
N ARG B 500 -19.95 15.89 -40.14
CA ARG B 500 -19.42 14.57 -40.41
C ARG B 500 -20.19 13.48 -39.70
N ASN B 501 -21.30 13.86 -39.08
CA ASN B 501 -22.16 12.93 -38.38
C ASN B 501 -21.46 12.24 -37.20
N PHE B 502 -20.48 12.92 -36.62
CA PHE B 502 -19.76 12.40 -35.47
C PHE B 502 -20.63 12.52 -34.23
N THR B 503 -20.15 11.99 -33.11
CA THR B 503 -20.93 12.05 -31.88
C THR B 503 -20.89 13.46 -31.31
N LYS B 504 -21.91 13.78 -30.53
CA LYS B 504 -22.01 15.07 -29.88
C LYS B 504 -20.97 15.19 -28.76
N PRO B 505 -20.18 16.27 -28.77
CA PRO B 505 -19.25 16.53 -27.67
C PRO B 505 -20.01 16.68 -26.36
N GLN B 506 -19.38 16.27 -25.27
CA GLN B 506 -20.05 16.20 -23.97
C GLN B 506 -20.49 17.56 -23.43
N ASP B 507 -19.72 18.61 -23.74
CA ASP B 507 -20.07 19.95 -23.33
C ASP B 507 -20.76 20.69 -24.47
N GLY B 508 -21.20 19.95 -25.47
CA GLY B 508 -21.79 20.50 -26.68
C GLY B 508 -22.82 21.60 -26.50
N ASP B 509 -23.86 21.33 -25.71
CA ASP B 509 -24.92 22.30 -25.46
C ASP B 509 -24.40 23.61 -24.87
N VAL B 510 -23.24 23.53 -24.22
CA VAL B 510 -22.70 24.64 -23.47
C VAL B 510 -21.74 25.52 -24.27
N ILE B 511 -20.83 24.89 -25.01
CA ILE B 511 -19.82 25.65 -25.74
C ILE B 511 -20.34 26.14 -27.09
N ALA B 512 -21.49 25.64 -27.51
CA ALA B 512 -22.09 26.04 -28.79
C ALA B 512 -23.59 25.79 -28.79
N PRO B 513 -24.35 26.58 -28.01
CA PRO B 513 -25.79 26.39 -27.85
C PRO B 513 -26.56 26.68 -29.14
N LEU B 514 -25.91 27.35 -30.08
CA LEU B 514 -26.54 27.74 -31.32
C LEU B 514 -26.33 26.70 -32.42
N ILE B 515 -25.36 25.81 -32.22
CA ILE B 515 -25.03 24.82 -33.23
C ILE B 515 -25.74 23.49 -32.97
N THR B 516 -25.80 23.09 -31.70
CA THR B 516 -26.29 21.76 -31.32
C THR B 516 -27.76 21.41 -31.63
N PRO B 517 -28.71 22.33 -31.39
CA PRO B 517 -30.11 21.91 -31.61
C PRO B 517 -30.45 21.73 -33.09
N GLN B 518 -29.52 22.08 -33.97
CA GLN B 518 -29.71 21.84 -35.40
C GLN B 518 -29.66 20.33 -35.66
N LYS B 519 -28.52 19.72 -35.30
CA LYS B 519 -28.31 18.28 -35.50
C LYS B 519 -29.39 17.45 -34.82
N LYS B 520 -30.39 17.04 -35.59
CA LYS B 520 -31.56 16.33 -35.06
C LYS B 520 -31.19 15.05 -34.31
N GLU B 521 -30.11 14.42 -34.74
CA GLU B 521 -29.70 13.14 -34.18
C GLU B 521 -29.15 13.26 -32.75
N TRP B 522 -28.77 14.48 -32.36
CA TRP B 522 -28.31 14.74 -31.01
C TRP B 522 -29.50 15.12 -30.13
N ASN B 523 -30.67 15.15 -30.75
CA ASN B 523 -31.90 15.54 -30.08
C ASN B 523 -33.08 14.67 -30.48
N ASP C 37 -7.97 32.55 -14.33
CA ASP C 37 -7.14 32.02 -13.25
C ASP C 37 -8.00 31.39 -12.16
N THR C 38 -8.06 30.07 -12.14
CA THR C 38 -8.80 29.35 -11.09
C THR C 38 -7.94 28.25 -10.44
N MET C 39 -8.53 27.51 -9.50
CA MET C 39 -7.80 26.46 -8.80
C MET C 39 -7.45 25.28 -9.70
N LYS C 40 -6.28 24.68 -9.49
CA LYS C 40 -5.95 23.45 -10.20
C LYS C 40 -5.83 22.28 -9.23
N VAL C 41 -6.16 21.07 -9.68
CA VAL C 41 -5.95 19.90 -8.85
C VAL C 41 -4.82 19.07 -9.45
N ILE C 42 -3.90 18.65 -8.59
CA ILE C 42 -2.82 17.79 -9.04
C ILE C 42 -2.88 16.46 -8.30
N ASN C 43 -2.81 15.37 -9.03
CA ASN C 43 -2.76 14.07 -8.39
C ASN C 43 -1.35 13.63 -8.05
N ASP C 44 -1.11 13.44 -6.77
CA ASP C 44 0.19 13.00 -6.28
C ASP C 44 0.04 11.65 -5.58
N PRO C 45 0.95 10.71 -5.87
CA PRO C 45 0.92 9.35 -5.33
C PRO C 45 1.06 9.30 -3.81
N ILE C 46 1.66 10.31 -3.21
CA ILE C 46 1.84 10.35 -1.77
C ILE C 46 0.61 10.91 -1.06
N HIS C 47 0.17 12.10 -1.48
CA HIS C 47 -0.91 12.79 -0.79
C HIS C 47 -2.25 12.71 -1.50
N GLY C 48 -2.29 12.14 -2.71
CA GLY C 48 -3.53 12.13 -3.46
C GLY C 48 -3.80 13.47 -4.15
N HIS C 49 -5.03 13.95 -4.05
CA HIS C 49 -5.43 15.13 -4.82
C HIS C 49 -5.22 16.46 -4.11
N ILE C 50 -4.17 17.16 -4.54
CA ILE C 50 -3.74 18.43 -3.99
C ILE C 50 -4.43 19.58 -4.72
N GLU C 51 -5.17 20.40 -3.99
CA GLU C 51 -5.76 21.62 -4.54
C GLU C 51 -4.75 22.76 -4.48
N LEU C 52 -4.50 23.39 -5.61
CA LEU C 52 -3.58 24.52 -5.70
C LEU C 52 -4.31 25.81 -6.07
N HIS C 53 -4.22 26.78 -5.16
CA HIS C 53 -4.68 28.16 -5.35
C HIS C 53 -3.98 28.81 -6.56
N PRO C 54 -4.72 29.63 -7.34
CA PRO C 54 -4.22 30.33 -8.53
C PRO C 54 -2.87 31.03 -8.38
N LEU C 55 -2.59 31.54 -7.18
CA LEU C 55 -1.33 32.24 -6.94
C LEU C 55 -0.17 31.24 -6.89
N LEU C 56 -0.38 30.12 -6.21
CA LEU C 56 0.62 29.06 -6.18
C LEU C 56 0.82 28.54 -7.59
N VAL C 57 -0.28 28.47 -8.34
CA VAL C 57 -0.21 28.03 -9.73
C VAL C 57 0.70 28.96 -10.54
N ARG C 58 0.53 30.27 -10.35
CA ARG C 58 1.36 31.25 -11.03
C ARG C 58 2.83 31.19 -10.60
N ILE C 59 3.08 30.92 -9.33
CA ILE C 59 4.45 30.73 -8.87
C ILE C 59 5.11 29.47 -9.45
N ILE C 60 4.34 28.39 -9.56
CA ILE C 60 4.82 27.08 -10.02
C ILE C 60 5.17 27.09 -11.52
N ASP C 61 4.38 27.80 -12.31
CA ASP C 61 4.61 27.80 -13.75
C ASP C 61 5.58 28.93 -14.17
N THR C 62 6.82 28.79 -13.70
CA THR C 62 7.94 29.69 -14.01
C THR C 62 9.15 28.80 -14.25
N PRO C 63 10.18 29.33 -14.95
CA PRO C 63 11.40 28.54 -15.19
C PRO C 63 12.09 28.17 -13.88
N GLN C 64 12.08 29.11 -12.94
CA GLN C 64 12.76 28.95 -11.65
C GLN C 64 12.23 27.75 -10.89
N PHE C 65 10.91 27.57 -10.88
CA PHE C 65 10.32 26.47 -10.14
C PHE C 65 10.36 25.17 -10.95
N GLN C 66 10.01 25.23 -12.22
CA GLN C 66 10.03 24.05 -13.08
C GLN C 66 11.41 23.42 -13.18
N ARG C 67 12.44 24.25 -13.00
CA ARG C 67 13.82 23.76 -12.90
C ARG C 67 13.98 22.53 -11.99
N LEU C 68 13.12 22.42 -10.98
CA LEU C 68 13.27 21.38 -9.98
C LEU C 68 12.90 19.97 -10.49
N ARG C 69 12.22 19.91 -11.64
CA ARG C 69 11.93 18.65 -12.30
C ARG C 69 13.21 17.96 -12.74
N TYR C 70 14.30 18.71 -12.80
CA TYR C 70 15.54 18.21 -13.38
C TYR C 70 16.63 18.02 -12.32
N ILE C 71 16.21 17.98 -11.06
CA ILE C 71 17.13 17.72 -9.96
C ILE C 71 16.63 16.58 -9.08
N LYS C 72 17.34 15.46 -9.11
CA LYS C 72 16.94 14.28 -8.34
C LYS C 72 17.06 14.51 -6.83
N GLN C 73 16.00 14.15 -6.10
CA GLN C 73 15.94 14.34 -4.65
C GLN C 73 17.12 13.71 -3.94
N LEU C 74 17.46 12.48 -4.32
CA LEU C 74 18.51 11.72 -3.65
C LEU C 74 19.83 11.61 -4.44
N GLY C 75 20.03 12.49 -5.41
CA GLY C 75 21.27 12.54 -6.17
C GLY C 75 21.72 11.19 -6.70
N GLY C 76 22.88 10.74 -6.24
CA GLY C 76 23.45 9.47 -6.67
C GLY C 76 22.73 8.23 -6.14
N GLY C 77 21.80 8.42 -5.22
CA GLY C 77 21.07 7.30 -4.63
C GLY C 77 20.30 6.49 -5.66
N TYR C 78 19.92 7.14 -6.75
CA TYR C 78 19.18 6.52 -7.84
C TYR C 78 20.02 5.43 -8.49
N TYR C 79 21.34 5.61 -8.42
CA TYR C 79 22.26 4.63 -8.97
C TYR C 79 22.38 3.38 -8.10
N VAL C 80 21.79 3.43 -6.90
CA VAL C 80 21.78 2.27 -6.00
C VAL C 80 20.34 1.72 -5.81
N PHE C 81 19.39 2.63 -5.64
CA PHE C 81 17.97 2.33 -5.48
C PHE C 81 17.24 2.81 -6.72
N PRO C 82 16.99 1.92 -7.69
CA PRO C 82 16.44 2.28 -9.00
C PRO C 82 15.03 2.87 -8.97
N GLY C 83 14.35 2.77 -7.84
CA GLY C 83 13.03 3.36 -7.72
C GLY C 83 13.10 4.85 -7.38
N ALA C 84 14.29 5.30 -6.95
CA ALA C 84 14.47 6.69 -6.52
C ALA C 84 14.74 7.64 -7.68
N SER C 85 13.79 7.70 -8.61
CA SER C 85 13.88 8.60 -9.75
C SER C 85 13.26 9.97 -9.45
N HIS C 86 12.70 10.14 -8.26
CA HIS C 86 11.93 11.35 -7.96
C HIS C 86 12.77 12.62 -7.86
N ASN C 87 12.17 13.73 -8.27
CA ASN C 87 12.87 15.00 -8.35
C ASN C 87 12.41 15.98 -7.29
N ARG C 88 13.14 17.08 -7.14
CA ARG C 88 12.79 18.10 -6.13
C ARG C 88 11.45 18.77 -6.38
N PHE C 89 11.02 18.79 -7.63
CA PHE C 89 9.72 19.39 -8.01
C PHE C 89 8.53 18.85 -7.18
N GLU C 90 8.31 17.54 -7.29
CA GLU C 90 7.15 16.90 -6.66
C GLU C 90 7.25 16.95 -5.13
N HIS C 91 8.49 16.85 -4.63
CA HIS C 91 8.70 17.00 -3.20
C HIS C 91 8.24 18.40 -2.77
N SER C 92 8.61 19.41 -3.54
CA SER C 92 8.23 20.78 -3.22
C SER C 92 6.71 20.93 -3.16
N LEU C 93 6.03 20.41 -4.17
CA LEU C 93 4.57 20.36 -4.11
C LEU C 93 4.06 19.72 -2.81
N GLY C 94 4.69 18.62 -2.40
CA GLY C 94 4.25 17.94 -1.19
C GLY C 94 4.42 18.77 0.08
N VAL C 95 5.57 19.42 0.19
CA VAL C 95 5.88 20.30 1.30
C VAL C 95 4.89 21.47 1.39
N GLY C 96 4.66 22.15 0.27
CA GLY C 96 3.65 23.21 0.23
C GLY C 96 2.28 22.70 0.69
N TYR C 97 1.87 21.57 0.14
CA TYR C 97 0.60 20.95 0.55
C TYR C 97 0.50 20.71 2.06
N LEU C 98 1.50 20.06 2.63
CA LEU C 98 1.45 19.75 4.06
C LEU C 98 1.50 21.00 4.93
N ALA C 99 2.24 22.02 4.50
CA ALA C 99 2.28 23.28 5.23
C ALA C 99 0.87 23.84 5.30
N GLY C 100 0.22 23.87 4.13
CA GLY C 100 -1.20 24.24 4.09
C GLY C 100 -2.09 23.44 5.03
N CYS C 101 -1.89 22.12 5.06
CA CYS C 101 -2.71 21.25 5.91
C CYS C 101 -2.53 21.59 7.38
N LEU C 102 -1.28 21.76 7.79
CA LEU C 102 -1.03 22.04 9.21
C LEU C 102 -1.59 23.39 9.64
N VAL C 103 -1.31 24.43 8.84
CA VAL C 103 -1.82 25.75 9.22
C VAL C 103 -3.35 25.74 9.24
N HIS C 104 -3.95 25.09 8.24
CA HIS C 104 -5.39 24.97 8.21
C HIS C 104 -5.98 24.24 9.43
N ALA C 105 -5.38 23.12 9.81
CA ALA C 105 -5.85 22.37 10.98
C ALA C 105 -5.79 23.24 12.24
N LEU C 106 -4.65 23.90 12.40
CA LEU C 106 -4.44 24.80 13.55
C LEU C 106 -5.53 25.88 13.59
N GLY C 107 -5.87 26.42 12.43
CA GLY C 107 -6.86 27.46 12.33
C GLY C 107 -8.28 27.01 12.60
N GLU C 108 -8.63 25.81 12.13
CA GLU C 108 -9.98 25.34 12.39
C GLU C 108 -10.14 24.93 13.85
N LYS C 109 -9.09 24.38 14.46
CA LYS C 109 -9.21 24.02 15.88
C LYS C 109 -9.22 25.23 16.84
N GLN C 110 -8.53 26.31 16.49
CA GLN C 110 -8.45 27.48 17.37
C GLN C 110 -8.61 28.81 16.65
N PRO C 111 -9.86 29.24 16.43
CA PRO C 111 -10.20 30.50 15.76
C PRO C 111 -9.59 31.71 16.45
N GLU C 112 -9.34 31.61 17.75
CA GLU C 112 -8.81 32.73 18.52
C GLU C 112 -7.42 33.15 18.06
N LEU C 113 -6.77 32.32 17.26
CA LEU C 113 -5.42 32.59 16.81
C LEU C 113 -5.42 33.55 15.62
N GLN C 114 -6.60 33.81 15.10
CA GLN C 114 -6.74 34.75 13.99
C GLN C 114 -5.78 34.48 12.83
N ILE C 115 -5.75 33.23 12.38
CA ILE C 115 -5.01 32.90 11.19
C ILE C 115 -5.88 33.31 10.00
N SER C 116 -5.26 34.02 9.06
CA SER C 116 -5.98 34.52 7.90
C SER C 116 -5.59 33.75 6.64
N GLU C 117 -6.38 33.93 5.60
CA GLU C 117 -6.09 33.34 4.31
C GLU C 117 -4.72 33.78 3.80
N ARG C 118 -4.37 35.03 4.10
CA ARG C 118 -3.04 35.54 3.81
C ARG C 118 -1.99 34.62 4.42
N ASP C 119 -2.15 34.32 5.70
CA ASP C 119 -1.20 33.49 6.44
C ASP C 119 -1.08 32.13 5.78
N VAL C 120 -2.22 31.53 5.46
CA VAL C 120 -2.26 30.20 4.84
C VAL C 120 -1.47 30.24 3.54
N LEU C 121 -1.77 31.22 2.70
CA LEU C 121 -1.08 31.36 1.42
C LEU C 121 0.43 31.58 1.57
N CYS C 122 0.85 32.38 2.54
CA CYS C 122 2.28 32.65 2.71
C CYS C 122 3.02 31.42 3.22
N VAL C 123 2.37 30.68 4.12
CA VAL C 123 2.96 29.45 4.64
C VAL C 123 3.08 28.42 3.51
N GLN C 124 2.03 28.32 2.69
CA GLN C 124 2.06 27.47 1.49
C GLN C 124 3.17 27.87 0.52
N ILE C 125 3.36 29.17 0.30
CA ILE C 125 4.36 29.65 -0.65
C ILE C 125 5.74 29.30 -0.14
N ALA C 126 5.98 29.59 1.13
CA ALA C 126 7.23 29.20 1.77
C ALA C 126 7.48 27.69 1.64
N GLY C 127 6.45 26.88 1.87
CA GLY C 127 6.61 25.44 1.77
C GLY C 127 6.96 25.02 0.35
N LEU C 128 6.29 25.61 -0.62
CA LEU C 128 6.54 25.34 -2.03
C LEU C 128 7.96 25.72 -2.45
N CYS C 129 8.46 26.79 -1.85
CA CYS C 129 9.66 27.44 -2.36
C CYS C 129 10.90 27.20 -1.53
N ARG C 130 10.80 26.38 -0.47
CA ARG C 130 12.00 26.18 0.32
C ARG C 130 13.05 25.26 -0.32
N ASN C 131 12.71 24.60 -1.42
CA ASN C 131 13.73 23.79 -2.11
C ASN C 131 14.30 24.44 -3.37
N LEU C 132 13.95 25.71 -3.61
CA LEU C 132 14.33 26.37 -4.86
C LEU C 132 15.84 26.45 -5.08
N GLY C 133 16.62 26.50 -4.01
CA GLY C 133 18.05 26.70 -4.12
C GLY C 133 18.92 25.48 -4.29
N HIS C 134 18.34 24.28 -4.36
CA HIS C 134 19.16 23.08 -4.53
C HIS C 134 19.85 23.12 -5.88
N GLY C 135 21.02 22.50 -5.94
CA GLY C 135 21.78 22.42 -7.16
C GLY C 135 21.85 20.99 -7.62
N PRO C 136 22.61 20.73 -8.68
CA PRO C 136 22.70 19.39 -9.29
C PRO C 136 22.90 18.29 -8.24
N PHE C 137 22.10 17.23 -8.36
CA PHE C 137 22.15 16.09 -7.44
C PHE C 137 21.94 16.45 -5.98
N SER C 138 21.23 17.55 -5.76
CA SER C 138 20.86 17.97 -4.41
C SER C 138 22.05 18.09 -3.46
N HIS C 139 22.07 17.26 -2.42
CA HIS C 139 23.03 17.45 -1.34
C HIS C 139 24.48 17.21 -1.76
N MET C 140 24.67 16.63 -2.93
CA MET C 140 26.00 16.48 -3.49
C MET C 140 26.62 17.85 -3.75
N PHE C 141 25.78 18.79 -4.16
CA PHE C 141 26.25 20.08 -4.64
C PHE C 141 26.74 21.00 -3.52
N ASP C 142 25.86 21.27 -2.55
CA ASP C 142 26.21 22.12 -1.43
C ASP C 142 26.95 21.36 -0.32
N GLY C 143 26.93 20.04 -0.39
CA GLY C 143 27.58 19.21 0.63
C GLY C 143 28.94 18.66 0.23
N ARG C 144 29.23 18.59 -1.07
CA ARG C 144 30.55 18.13 -1.51
C ARG C 144 31.22 19.07 -2.52
N PHE C 145 30.51 19.45 -3.58
CA PHE C 145 31.11 20.22 -4.67
C PHE C 145 31.50 21.64 -4.31
N ILE C 146 30.53 22.45 -3.91
CA ILE C 146 30.83 23.83 -3.52
C ILE C 146 31.91 23.94 -2.41
N PRO C 147 31.86 23.11 -1.35
CA PRO C 147 32.91 23.21 -0.33
C PRO C 147 34.33 22.89 -0.83
N LEU C 148 34.46 22.15 -1.93
CA LEU C 148 35.76 21.81 -2.47
C LEU C 148 36.21 22.77 -3.57
N ALA C 149 35.27 23.22 -4.39
CA ALA C 149 35.56 24.11 -5.52
C ALA C 149 35.72 25.55 -5.07
N ARG C 150 35.13 25.86 -3.92
CA ARG C 150 35.10 27.22 -3.40
C ARG C 150 35.22 27.24 -1.88
N PRO C 151 36.38 26.83 -1.33
CA PRO C 151 36.56 26.74 0.13
C PRO C 151 36.30 28.06 0.86
N GLU C 152 36.47 29.17 0.17
CA GLU C 152 36.45 30.49 0.77
C GLU C 152 35.06 31.03 1.08
N VAL C 153 34.05 30.56 0.36
CA VAL C 153 32.70 31.07 0.57
C VAL C 153 31.88 30.10 1.41
N LYS C 154 30.89 30.63 2.13
CA LYS C 154 30.00 29.82 2.95
C LYS C 154 28.61 29.87 2.31
N TRP C 155 28.21 28.77 1.69
CA TRP C 155 26.97 28.75 0.93
C TRP C 155 26.17 27.49 1.23
N THR C 156 24.85 27.64 1.25
CA THR C 156 23.97 26.52 1.51
C THR C 156 22.72 26.63 0.65
N HIS C 157 21.98 25.52 0.53
CA HIS C 157 20.80 25.50 -0.32
C HIS C 157 19.70 26.46 0.15
N GLU C 158 19.67 26.78 1.44
CA GLU C 158 18.67 27.72 1.98
C GLU C 158 18.82 29.15 1.41
N GLN C 159 20.05 29.65 1.44
CA GLN C 159 20.36 30.96 0.86
C GLN C 159 20.04 30.95 -0.62
N GLY C 160 20.42 29.86 -1.26
CA GLY C 160 20.07 29.63 -2.65
C GLY C 160 18.57 29.80 -2.82
N SER C 161 17.80 29.23 -1.88
CA SER C 161 16.33 29.30 -1.96
C SER C 161 15.83 30.73 -1.84
N VAL C 162 16.33 31.51 -0.89
CA VAL C 162 15.89 32.91 -0.82
C VAL C 162 16.24 33.72 -2.08
N MET C 163 17.48 33.57 -2.56
CA MET C 163 17.90 34.28 -3.77
C MET C 163 17.07 33.87 -5.00
N MET C 164 16.88 32.58 -5.16
CA MET C 164 16.11 32.03 -6.27
C MET C 164 14.69 32.51 -6.21
N PHE C 165 14.13 32.56 -5.01
CA PHE C 165 12.75 32.98 -4.83
C PHE C 165 12.61 34.45 -5.23
N GLU C 166 13.50 35.29 -4.71
CA GLU C 166 13.51 36.71 -5.11
C GLU C 166 13.58 36.85 -6.63
N HIS C 167 14.48 36.07 -7.23
CA HIS C 167 14.62 36.08 -8.68
C HIS C 167 13.31 35.69 -9.39
N LEU C 168 12.62 34.68 -8.86
CA LEU C 168 11.38 34.17 -9.45
C LEU C 168 10.33 35.26 -9.43
N ILE C 169 10.16 35.82 -8.24
CA ILE C 169 9.23 36.90 -7.99
C ILE C 169 9.45 38.05 -8.96
N ASN C 170 10.69 38.51 -9.07
CA ASN C 170 10.96 39.68 -9.90
C ASN C 170 10.95 39.42 -11.39
N SER C 171 11.32 38.22 -11.81
CA SER C 171 11.34 37.90 -13.23
C SER C 171 9.95 37.56 -13.75
N ASN C 172 9.05 37.19 -12.86
CA ASN C 172 7.72 36.79 -13.34
C ASN C 172 6.54 37.70 -13.02
N GLY C 173 6.80 38.87 -12.44
CA GLY C 173 5.72 39.79 -12.13
C GLY C 173 4.73 39.21 -11.13
N ILE C 174 5.25 38.60 -10.07
CA ILE C 174 4.41 37.93 -9.07
C ILE C 174 3.73 38.90 -8.09
N LYS C 175 4.44 39.96 -7.69
CA LYS C 175 3.90 40.97 -6.77
C LYS C 175 2.47 41.48 -7.06
N PRO C 176 2.18 41.85 -8.32
CA PRO C 176 0.80 42.29 -8.58
C PRO C 176 -0.23 41.16 -8.46
N VAL C 177 0.19 39.92 -8.70
CA VAL C 177 -0.72 38.78 -8.50
C VAL C 177 -0.99 38.58 -7.01
N MET C 178 0.09 38.62 -6.22
CA MET C 178 -0.01 38.61 -4.77
C MET C 178 -0.99 39.65 -4.27
N GLU C 179 -0.87 40.89 -4.77
CA GLU C 179 -1.76 41.96 -4.34
C GLU C 179 -3.19 41.69 -4.79
N GLN C 180 -3.30 41.14 -6.00
CA GLN C 180 -4.59 40.71 -6.55
C GLN C 180 -5.28 39.74 -5.60
N TYR C 181 -4.49 38.95 -4.87
CA TYR C 181 -5.09 38.03 -3.89
C TYR C 181 -5.01 38.48 -2.42
N GLY C 182 -4.72 39.75 -2.20
CA GLY C 182 -4.86 40.33 -0.88
C GLY C 182 -3.63 40.21 -0.01
N LEU C 183 -2.54 39.77 -0.61
CA LEU C 183 -1.26 39.75 0.10
C LEU C 183 -0.64 41.14 0.08
N ILE C 184 0.29 41.39 0.98
CA ILE C 184 1.00 42.66 1.05
C ILE C 184 2.49 42.40 0.90
N PRO C 185 2.99 42.49 -0.35
CA PRO C 185 4.33 42.05 -0.73
C PRO C 185 5.45 42.50 0.21
N GLU C 186 5.43 43.76 0.65
CA GLU C 186 6.47 44.24 1.55
C GLU C 186 6.72 43.31 2.73
N GLU C 187 5.71 43.15 3.61
CA GLU C 187 5.89 42.29 4.79
C GLU C 187 5.78 40.79 4.49
N ASP C 188 5.00 40.43 3.48
CA ASP C 188 4.76 39.02 3.18
C ASP C 188 5.95 38.30 2.51
N ILE C 189 6.64 39.00 1.59
CA ILE C 189 7.86 38.46 0.98
C ILE C 189 8.91 38.20 2.05
N CYS C 190 9.05 39.17 2.93
CA CYS C 190 9.91 39.03 4.10
C CYS C 190 9.49 37.83 4.94
N PHE C 191 8.19 37.70 5.18
CA PHE C 191 7.67 36.59 5.98
C PHE C 191 8.06 35.24 5.40
N ILE C 192 7.91 35.12 4.07
CA ILE C 192 8.26 33.93 3.33
C ILE C 192 9.75 33.58 3.42
N LYS C 193 10.59 34.55 3.06
CA LYS C 193 12.05 34.32 3.15
C LYS C 193 12.46 33.95 4.57
N GLU C 194 11.85 34.63 5.54
CA GLU C 194 12.11 34.37 6.96
C GLU C 194 11.77 32.93 7.31
N GLN C 195 10.64 32.44 6.80
CA GLN C 195 10.26 31.07 7.04
C GLN C 195 11.30 30.15 6.44
N ILE C 196 11.82 30.52 5.28
CA ILE C 196 12.82 29.66 4.65
C ILE C 196 14.18 29.60 5.36
N VAL C 197 14.78 30.75 5.66
CA VAL C 197 16.14 30.77 6.24
C VAL C 197 16.25 31.24 7.69
N GLY C 198 15.15 31.73 8.25
CA GLY C 198 15.18 32.30 9.59
C GLY C 198 15.39 33.80 9.52
N PRO C 199 15.77 34.42 10.64
CA PRO C 199 15.94 35.88 10.74
C PRO C 199 17.03 36.38 9.79
N LEU C 200 16.72 37.45 9.05
CA LEU C 200 17.66 38.03 8.11
C LEU C 200 18.75 38.87 8.79
N GLU C 201 18.61 39.06 10.10
CA GLU C 201 19.61 39.79 10.90
C GLU C 201 20.93 39.03 10.93
N LEU C 208 14.89 39.52 22.45
CA LEU C 208 14.07 40.27 21.50
C LEU C 208 13.59 39.40 20.34
N TRP C 209 12.39 39.72 19.85
CA TRP C 209 11.77 39.02 18.73
C TRP C 209 12.39 39.48 17.40
N PRO C 210 13.10 38.57 16.72
CA PRO C 210 13.95 38.89 15.56
C PRO C 210 13.26 38.84 14.19
N TYR C 211 11.93 38.85 14.14
CA TYR C 211 11.23 38.69 12.87
C TYR C 211 10.41 39.91 12.44
N LYS C 212 10.41 40.20 11.14
CA LYS C 212 9.68 41.34 10.60
C LYS C 212 8.34 40.92 10.00
N GLY C 213 8.31 39.76 9.36
CA GLY C 213 7.15 39.31 8.62
C GLY C 213 5.87 39.18 9.43
N ARG C 214 5.98 38.62 10.64
CA ARG C 214 4.85 38.44 11.54
C ARG C 214 5.30 38.64 12.99
N PRO C 215 4.39 39.12 13.87
CA PRO C 215 4.72 39.42 15.27
C PRO C 215 4.73 38.17 16.13
N GLU C 216 4.99 38.32 17.43
CA GLU C 216 5.10 37.19 18.34
C GLU C 216 3.84 36.34 18.49
N ASN C 217 2.67 36.96 18.40
CA ASN C 217 1.43 36.20 18.57
C ASN C 217 1.14 35.28 17.39
N LYS C 218 2.00 35.33 16.37
CA LYS C 218 1.91 34.43 15.24
C LYS C 218 3.18 33.58 15.14
N SER C 219 3.95 33.57 16.22
CA SER C 219 5.20 32.81 16.28
C SER C 219 5.12 31.38 15.73
N PHE C 220 4.01 30.71 16.01
CA PHE C 220 3.82 29.30 15.63
C PHE C 220 3.92 29.12 14.12
N LEU C 221 3.58 30.16 13.38
CA LEU C 221 3.62 30.11 11.93
C LEU C 221 5.05 29.90 11.41
N TYR C 222 6.04 30.28 12.21
CA TYR C 222 7.42 30.11 11.84
C TYR C 222 7.91 28.70 12.18
N GLU C 223 7.04 27.88 12.74
CA GLU C 223 7.40 26.52 13.13
C GLU C 223 7.01 25.47 12.07
N ILE C 224 6.28 25.90 11.06
CA ILE C 224 5.70 24.96 10.11
C ILE C 224 6.64 24.47 9.01
N VAL C 225 7.25 25.40 8.27
CA VAL C 225 7.98 25.05 7.07
C VAL C 225 9.39 24.59 7.36
N SER C 226 10.12 25.41 8.10
CA SER C 226 11.47 25.06 8.52
C SER C 226 11.68 25.41 9.98
N ASN C 227 11.65 24.38 10.83
CA ASN C 227 11.63 24.56 12.27
C ASN C 227 13.04 24.57 12.85
N LYS C 228 13.54 25.79 13.10
CA LYS C 228 14.92 25.99 13.55
C LYS C 228 15.08 25.75 15.04
N ARG C 229 13.98 25.46 15.71
CA ARG C 229 14.02 25.25 17.15
C ARG C 229 14.18 23.76 17.51
N ASN C 230 13.50 22.87 16.78
CA ASN C 230 13.63 21.44 17.06
C ASN C 230 13.66 20.51 15.83
N GLY C 231 13.44 21.08 14.65
CA GLY C 231 13.53 20.32 13.42
C GLY C 231 12.29 19.52 13.03
N ILE C 232 11.22 19.63 13.80
CA ILE C 232 9.96 19.02 13.41
C ILE C 232 9.16 19.94 12.48
N ASP C 233 9.27 19.70 11.18
CA ASP C 233 8.50 20.45 10.19
C ASP C 233 7.99 19.56 9.07
N VAL C 234 7.20 20.13 8.17
CA VAL C 234 6.48 19.38 7.15
C VAL C 234 7.38 18.86 6.01
N ASP C 235 8.57 19.46 5.90
CA ASP C 235 9.55 19.10 4.88
C ASP C 235 9.97 17.66 5.13
N LYS C 236 10.37 17.40 6.37
CA LYS C 236 10.71 16.06 6.82
C LYS C 236 9.58 15.08 6.52
N TRP C 237 8.35 15.48 6.81
CA TRP C 237 7.23 14.57 6.68
C TRP C 237 7.08 14.15 5.23
N ASP C 238 7.13 15.15 4.35
CA ASP C 238 7.03 14.83 2.94
C ASP C 238 8.17 13.91 2.49
N TYR C 239 9.42 14.24 2.82
CA TYR C 239 10.46 13.32 2.33
C TYR C 239 10.44 11.91 2.96
N PHE C 240 10.04 11.79 4.23
CA PHE C 240 9.82 10.47 4.82
C PHE C 240 8.89 9.69 3.90
N ALA C 241 7.70 10.25 3.70
CA ALA C 241 6.71 9.49 2.94
C ALA C 241 7.16 9.19 1.49
N ARG C 242 7.71 10.21 0.83
CA ARG C 242 8.03 10.14 -0.59
C ARG C 242 9.25 9.25 -0.88
N ASP C 243 10.34 9.52 -0.16
CA ASP C 243 11.54 8.70 -0.26
C ASP C 243 11.18 7.28 0.04
N CYS C 244 10.40 7.03 1.10
CA CYS C 244 10.03 5.63 1.34
C CYS C 244 9.24 5.01 0.17
N HIS C 245 8.26 5.75 -0.33
CA HIS C 245 7.48 5.26 -1.47
C HIS C 245 8.36 4.85 -2.66
N HIS C 246 9.41 5.64 -2.92
CA HIS C 246 10.24 5.40 -4.09
C HIS C 246 11.38 4.39 -3.89
N LEU C 247 11.87 4.30 -2.66
CA LEU C 247 13.02 3.46 -2.34
C LEU C 247 12.63 2.00 -2.21
N GLY C 248 11.39 1.76 -1.80
CA GLY C 248 10.94 0.41 -1.47
C GLY C 248 11.31 0.07 -0.03
N ILE C 249 11.25 1.07 0.84
CA ILE C 249 11.40 0.89 2.28
C ILE C 249 10.15 1.51 2.82
N GLN C 250 9.65 0.97 3.92
CA GLN C 250 8.36 1.42 4.44
CA GLN C 250 8.36 1.41 4.46
C GLN C 250 8.51 2.54 5.47
N ASN C 251 7.63 3.54 5.39
CA ASN C 251 7.63 4.64 6.37
C ASN C 251 6.79 4.32 7.61
N ASN C 252 7.38 4.45 8.80
CA ASN C 252 6.59 4.24 10.02
C ASN C 252 6.19 5.50 10.84
N PHE C 253 6.46 6.69 10.31
CA PHE C 253 6.01 7.89 11.00
C PHE C 253 4.66 8.39 10.45
N ASP C 254 3.70 8.62 11.34
CA ASP C 254 2.34 8.96 10.94
C ASP C 254 2.11 10.47 11.15
N TYR C 255 2.38 11.26 10.12
CA TYR C 255 2.29 12.72 10.21
C TYR C 255 0.84 13.22 10.32
N LYS C 256 -0.11 12.50 9.74
CA LYS C 256 -1.51 12.88 9.87
C LYS C 256 -1.98 12.83 11.32
N ARG C 257 -1.54 11.80 12.03
CA ARG C 257 -1.84 11.68 13.45
C ARG C 257 -1.31 12.91 14.20
N PHE C 258 -0.03 13.21 13.99
CA PHE C 258 0.60 14.39 14.58
C PHE C 258 -0.19 15.66 14.32
N ILE C 259 -0.50 15.92 13.05
CA ILE C 259 -1.28 17.07 12.65
C ILE C 259 -2.60 17.11 13.40
N LYS C 260 -3.24 15.95 13.53
CA LYS C 260 -4.50 15.86 14.26
C LYS C 260 -4.37 16.22 15.74
N PHE C 261 -3.24 15.87 16.35
CA PHE C 261 -3.04 16.12 17.77
C PHE C 261 -2.34 17.44 18.13
N ALA C 262 -2.06 18.27 17.13
CA ALA C 262 -1.28 19.49 17.38
C ALA C 262 -2.15 20.67 17.81
N ARG C 263 -1.68 21.40 18.82
CA ARG C 263 -2.34 22.62 19.28
C ARG C 263 -1.37 23.78 19.30
N VAL C 264 -1.86 24.97 19.63
CA VAL C 264 -0.99 26.12 19.86
C VAL C 264 -1.18 26.61 21.29
N CYS C 265 -0.09 26.69 22.03
CA CYS C 265 -0.14 27.13 23.42
C CYS C 265 0.85 28.26 23.70
N GLU C 266 0.63 28.97 24.80
CA GLU C 266 1.55 30.00 25.25
C GLU C 266 2.79 29.39 25.88
N VAL C 267 3.96 29.79 25.40
CA VAL C 267 5.23 29.37 25.98
C VAL C 267 6.19 30.55 26.00
N ASP C 268 6.58 30.99 27.20
CA ASP C 268 7.55 32.06 27.37
C ASP C 268 7.19 33.29 26.54
N ASN C 269 5.98 33.82 26.76
CA ASN C 269 5.47 34.97 26.00
C ASN C 269 5.24 34.71 24.51
N GLU C 270 5.52 33.49 24.05
CA GLU C 270 5.28 33.13 22.64
C GLU C 270 4.13 32.14 22.46
N LEU C 271 3.52 32.17 21.29
CA LEU C 271 2.42 31.27 20.95
C LEU C 271 2.90 30.12 20.07
N ARG C 272 3.53 29.11 20.68
CA ARG C 272 4.16 28.02 19.94
C ARG C 272 3.27 26.79 19.70
N ILE C 273 3.71 25.94 18.78
CA ILE C 273 2.98 24.71 18.48
C ILE C 273 3.36 23.63 19.50
N CYS C 274 2.35 23.01 20.10
CA CYS C 274 2.56 21.96 21.07
C CYS C 274 1.93 20.63 20.64
N ALA C 275 2.59 19.54 21.01
CA ALA C 275 2.11 18.19 20.73
C ALA C 275 1.51 17.53 21.97
N ARG C 276 0.49 16.72 21.77
CA ARG C 276 -0.11 15.96 22.87
C ARG C 276 0.98 15.11 23.55
N ASP C 277 0.99 15.11 24.88
CA ASP C 277 1.99 14.43 25.69
C ASP C 277 2.16 12.98 25.23
N LYS C 278 1.03 12.35 24.99
CA LYS C 278 0.92 10.98 24.56
C LYS C 278 1.82 10.67 23.35
N GLU C 279 1.98 11.65 22.48
CA GLU C 279 2.74 11.49 21.25
C GLU C 279 4.25 11.42 21.44
N VAL C 280 4.72 11.66 22.66
CA VAL C 280 6.16 11.83 22.86
C VAL C 280 6.98 10.66 22.30
N GLY C 281 6.51 9.43 22.54
CA GLY C 281 7.18 8.23 22.05
C GLY C 281 7.35 8.31 20.55
N ASN C 282 6.24 8.59 19.87
CA ASN C 282 6.24 8.72 18.42
C ASN C 282 7.25 9.79 17.97
N LEU C 283 7.38 10.88 18.72
CA LEU C 283 8.32 11.92 18.34
C LEU C 283 9.73 11.34 18.32
N TYR C 284 10.07 10.59 19.37
CA TYR C 284 11.38 9.97 19.41
C TYR C 284 11.52 9.06 18.21
N ASP C 285 10.45 8.34 17.90
CA ASP C 285 10.53 7.38 16.81
C ASP C 285 10.76 8.16 15.52
N MET C 286 10.18 9.34 15.43
CA MET C 286 10.35 10.14 14.22
C MET C 286 11.83 10.38 13.93
N PHE C 287 12.63 10.58 14.98
CA PHE C 287 14.04 10.89 14.73
C PHE C 287 14.78 9.61 14.41
N HIS C 288 14.34 8.52 15.05
CA HIS C 288 14.95 7.21 14.85
C HIS C 288 14.84 6.86 13.37
N THR C 289 13.62 7.03 12.85
CA THR C 289 13.33 6.85 11.45
C THR C 289 14.30 7.66 10.57
N ARG C 290 14.48 8.94 10.91
CA ARG C 290 15.36 9.79 10.10
C ARG C 290 16.72 9.11 10.05
N ASN C 291 17.18 8.70 11.23
CA ASN C 291 18.47 8.05 11.35
C ASN C 291 18.51 6.80 10.47
N SER C 292 17.46 5.98 10.56
CA SER C 292 17.43 4.72 9.80
C SER C 292 17.52 5.04 8.33
N LEU C 293 16.80 6.09 7.90
CA LEU C 293 16.77 6.36 6.47
C LEU C 293 18.17 6.79 6.02
N HIS C 294 18.90 7.47 6.91
CA HIS C 294 20.26 7.85 6.54
C HIS C 294 21.12 6.60 6.46
N ARG C 295 20.87 5.68 7.37
CA ARG C 295 21.72 4.50 7.48
C ARG C 295 21.54 3.56 6.29
N ARG C 296 20.30 3.36 5.87
CA ARG C 296 19.98 2.40 4.81
C ARG C 296 20.18 2.97 3.43
N ALA C 297 19.80 4.24 3.24
CA ALA C 297 19.76 4.81 1.90
C ALA C 297 20.62 6.04 1.65
N TYR C 298 20.45 7.09 2.45
CA TYR C 298 21.06 8.38 2.10
C TYR C 298 22.58 8.40 2.31
N GLN C 299 23.09 7.52 3.15
CA GLN C 299 24.52 7.45 3.42
C GLN C 299 25.01 6.07 3.05
N HIS C 300 24.32 5.45 2.10
CA HIS C 300 24.74 4.16 1.56
C HIS C 300 26.16 4.32 0.99
N LYS C 301 27.03 3.36 1.31
CA LYS C 301 28.45 3.42 0.96
C LYS C 301 28.67 3.64 -0.54
N VAL C 302 27.95 2.90 -1.36
CA VAL C 302 28.12 2.99 -2.79
C VAL C 302 27.46 4.25 -3.34
N GLY C 303 26.34 4.66 -2.75
CA GLY C 303 25.66 5.89 -3.16
C GLY C 303 26.55 7.09 -2.88
N ASN C 304 27.18 7.08 -1.71
CA ASN C 304 28.13 8.12 -1.36
C ASN C 304 29.37 8.10 -2.27
N ILE C 305 29.91 6.92 -2.56
CA ILE C 305 31.05 6.90 -3.47
C ILE C 305 30.69 7.38 -4.88
N ILE C 306 29.45 7.15 -5.29
CA ILE C 306 29.00 7.65 -6.58
C ILE C 306 28.86 9.17 -6.56
N ASP C 307 28.33 9.68 -5.46
CA ASP C 307 28.25 11.14 -5.32
C ASP C 307 29.67 11.77 -5.36
N THR C 308 30.63 11.07 -4.77
CA THR C 308 32.03 11.49 -4.81
C THR C 308 32.59 11.51 -6.23
N MET C 309 32.39 10.42 -6.98
CA MET C 309 32.91 10.36 -8.35
C MET C 309 32.27 11.43 -9.25
N ILE C 310 30.97 11.63 -9.10
CA ILE C 310 30.31 12.70 -9.84
C ILE C 310 30.89 14.07 -9.47
N THR C 311 31.11 14.26 -8.17
CA THR C 311 31.64 15.53 -7.67
C THR C 311 33.04 15.83 -8.24
N ASP C 312 33.95 14.88 -8.15
CA ASP C 312 35.27 15.14 -8.70
C ASP C 312 35.28 15.21 -10.23
N ALA C 313 34.31 14.58 -10.87
CA ALA C 313 34.12 14.81 -12.31
C ALA C 313 33.76 16.29 -12.56
N PHE C 314 32.90 16.83 -11.71
CA PHE C 314 32.52 18.23 -11.84
C PHE C 314 33.72 19.13 -11.58
N LEU C 315 34.57 18.70 -10.65
CA LEU C 315 35.82 19.41 -10.40
C LEU C 315 36.68 19.45 -11.65
N LYS C 316 36.87 18.29 -12.28
CA LYS C 316 37.66 18.21 -13.50
C LYS C 316 37.08 19.11 -14.58
N ALA C 317 35.75 19.19 -14.63
CA ALA C 317 35.10 19.96 -15.68
C ALA C 317 34.97 21.47 -15.38
N ASP C 318 35.28 21.88 -14.15
CA ASP C 318 34.93 23.22 -13.67
C ASP C 318 35.55 24.39 -14.46
N ASP C 319 36.72 24.18 -15.05
CA ASP C 319 37.35 25.23 -15.86
C ASP C 319 36.68 25.36 -17.23
N TYR C 320 36.10 24.27 -17.70
CA TYR C 320 35.77 24.12 -19.12
C TYR C 320 34.28 24.23 -19.51
N ILE C 321 33.37 24.11 -18.56
CA ILE C 321 31.94 24.25 -18.86
C ILE C 321 31.52 25.72 -18.69
N GLU C 322 30.70 26.23 -19.61
CA GLU C 322 30.21 27.60 -19.48
C GLU C 322 28.68 27.66 -19.36
N ILE C 323 28.21 28.40 -18.37
CA ILE C 323 26.78 28.65 -18.21
C ILE C 323 26.51 30.14 -18.39
N THR C 324 25.64 30.49 -19.34
CA THR C 324 25.39 31.89 -19.67
C THR C 324 24.46 32.53 -18.66
N GLY C 325 24.95 33.57 -17.97
CA GLY C 325 24.18 34.25 -16.95
C GLY C 325 23.50 35.54 -17.38
N ALA C 326 23.18 36.38 -16.40
CA ALA C 326 22.53 37.66 -16.63
C ALA C 326 23.37 38.53 -17.56
N GLY C 327 22.70 39.23 -18.47
CA GLY C 327 23.37 40.15 -19.38
C GLY C 327 24.08 39.48 -20.54
N GLY C 328 24.49 38.23 -20.36
CA GLY C 328 25.22 37.51 -21.38
C GLY C 328 26.55 37.01 -20.89
N LYS C 329 26.89 37.32 -19.64
CA LYS C 329 28.15 36.90 -19.05
C LYS C 329 28.26 35.37 -18.96
N LYS C 330 29.49 34.87 -18.94
CA LYS C 330 29.74 33.45 -18.79
C LYS C 330 30.03 33.12 -17.34
N TYR C 331 29.65 31.91 -16.90
CA TYR C 331 29.93 31.45 -15.53
C TYR C 331 30.40 30.00 -15.54
N ARG C 332 31.06 29.58 -14.46
CA ARG C 332 31.45 28.18 -14.28
C ARG C 332 30.41 27.46 -13.44
N ILE C 333 30.55 26.15 -13.32
CA ILE C 333 29.66 25.37 -12.47
C ILE C 333 29.80 25.88 -11.05
N SER C 334 31.03 26.17 -10.63
CA SER C 334 31.25 26.70 -9.30
C SER C 334 30.81 28.15 -9.13
N THR C 335 30.52 28.84 -10.23
CA THR C 335 30.24 30.27 -10.15
C THR C 335 28.80 30.63 -10.51
N ALA C 336 28.08 29.70 -11.11
CA ALA C 336 26.66 29.93 -11.44
C ALA C 336 25.87 30.26 -10.17
N ILE C 337 26.46 29.86 -9.04
CA ILE C 337 25.94 30.16 -7.72
C ILE C 337 25.76 31.65 -7.46
N ASP C 338 26.46 32.49 -8.21
CA ASP C 338 26.43 33.93 -7.97
C ASP C 338 25.44 34.68 -8.85
N ASP C 339 25.06 34.09 -9.98
CA ASP C 339 24.01 34.67 -10.80
C ASP C 339 22.80 33.76 -10.90
N MET C 340 21.67 34.23 -10.39
CA MET C 340 20.46 33.43 -10.33
C MET C 340 19.97 33.00 -11.71
N GLU C 341 20.11 33.87 -12.70
CA GLU C 341 19.73 33.51 -14.07
C GLU C 341 20.59 32.35 -14.60
N ALA C 342 21.85 32.32 -14.21
CA ALA C 342 22.75 31.24 -14.59
C ALA C 342 22.45 29.97 -13.79
N TYR C 343 22.15 30.15 -12.52
CA TYR C 343 21.87 29.03 -11.64
C TYR C 343 20.59 28.30 -12.06
N THR C 344 19.63 29.06 -12.58
CA THR C 344 18.39 28.51 -13.14
C THR C 344 18.68 27.39 -14.16
N LYS C 345 19.79 27.50 -14.88
CA LYS C 345 20.14 26.51 -15.89
C LYS C 345 21.11 25.44 -15.38
N LEU C 346 21.39 25.48 -14.08
CA LEU C 346 22.28 24.50 -13.45
C LEU C 346 21.47 23.35 -12.85
N THR C 347 21.42 22.20 -13.54
CA THR C 347 20.64 21.06 -13.07
C THR C 347 21.42 19.77 -13.25
N ASP C 348 20.76 18.63 -13.14
CA ASP C 348 21.42 17.35 -13.33
C ASP C 348 21.85 17.19 -14.79
N ASN C 349 21.19 17.91 -15.69
CA ASN C 349 21.53 17.95 -17.11
C ASN C 349 23.04 17.98 -17.37
N ILE C 350 23.76 18.72 -16.52
CA ILE C 350 25.20 18.86 -16.64
C ILE C 350 25.97 17.53 -16.66
N PHE C 351 25.52 16.59 -15.84
CA PHE C 351 26.09 15.25 -15.81
C PHE C 351 26.11 14.67 -17.22
N LEU C 352 25.04 14.89 -17.96
CA LEU C 352 24.96 14.36 -19.31
C LEU C 352 25.80 15.20 -20.29
N GLU C 353 25.87 16.52 -20.04
CA GLU C 353 26.68 17.38 -20.89
C GLU C 353 28.09 16.82 -20.91
N ILE C 354 28.71 16.81 -19.74
CA ILE C 354 30.00 16.17 -19.56
C ILE C 354 30.01 14.79 -20.22
N LEU C 355 28.98 13.98 -19.97
CA LEU C 355 29.06 12.60 -20.43
C LEU C 355 29.06 12.53 -21.96
N TYR C 356 28.32 13.44 -22.57
CA TYR C 356 28.11 13.36 -24.01
C TYR C 356 29.16 14.19 -24.77
N SER C 357 29.93 14.98 -24.04
CA SER C 357 30.91 15.89 -24.65
C SER C 357 31.97 15.14 -25.47
N THR C 358 32.63 15.87 -26.37
CA THR C 358 33.67 15.30 -27.22
C THR C 358 34.93 16.14 -27.12
N ASP C 359 34.80 17.33 -26.53
CA ASP C 359 35.92 18.24 -26.29
C ASP C 359 37.06 17.53 -25.59
N PRO C 360 38.29 17.68 -26.09
CA PRO C 360 39.45 17.08 -25.43
C PRO C 360 39.70 17.67 -24.03
N LYS C 361 39.39 18.95 -23.86
CA LYS C 361 39.52 19.62 -22.56
C LYS C 361 38.74 18.90 -21.44
N LEU C 362 37.72 18.14 -21.83
CA LEU C 362 36.89 17.43 -20.87
C LEU C 362 37.17 15.93 -20.80
N LYS C 363 38.28 15.50 -21.38
CA LYS C 363 38.63 14.08 -21.41
C LYS C 363 38.62 13.42 -20.02
N ASP C 364 39.17 14.12 -19.03
CA ASP C 364 39.30 13.54 -17.69
C ASP C 364 37.93 13.33 -17.08
N ALA C 365 37.23 14.44 -16.88
CA ALA C 365 35.87 14.45 -16.34
C ALA C 365 35.03 13.34 -16.95
N ARG C 366 34.84 13.42 -18.27
CA ARG C 366 34.10 12.47 -19.06
C ARG C 366 34.46 11.02 -18.68
N GLU C 367 35.75 10.71 -18.67
CA GLU C 367 36.16 9.33 -18.41
C GLU C 367 35.61 8.84 -17.08
N ILE C 368 35.68 9.71 -16.07
CA ILE C 368 35.18 9.34 -14.76
C ILE C 368 33.70 8.96 -14.82
N LEU C 369 32.90 9.79 -15.49
CA LEU C 369 31.49 9.50 -15.59
C LEU C 369 31.32 8.15 -16.28
N LYS C 370 32.19 7.88 -17.25
CA LYS C 370 32.09 6.62 -17.98
C LYS C 370 32.38 5.44 -17.05
N GLN C 371 33.29 5.63 -16.10
CA GLN C 371 33.60 4.57 -15.15
C GLN C 371 32.36 4.25 -14.33
N ILE C 372 31.52 5.25 -14.09
CA ILE C 372 30.26 5.02 -13.40
C ILE C 372 29.34 4.18 -14.27
N GLU C 373 29.31 4.46 -15.57
CA GLU C 373 28.45 3.71 -16.49
C GLU C 373 28.84 2.24 -16.57
N TYR C 374 30.14 1.96 -16.57
CA TYR C 374 30.61 0.58 -16.61
C TYR C 374 30.63 -0.05 -15.23
N ARG C 375 30.29 0.75 -14.22
CA ARG C 375 30.29 0.33 -12.82
C ARG C 375 31.69 -0.05 -12.35
N ASN C 376 32.69 0.72 -12.79
CA ASN C 376 34.03 0.56 -12.29
C ASN C 376 34.26 1.62 -11.23
N LEU C 377 33.78 1.35 -10.02
CA LEU C 377 33.74 2.34 -8.96
C LEU C 377 34.90 2.13 -8.00
N PHE C 378 35.24 3.18 -7.26
CA PHE C 378 36.21 3.02 -6.19
C PHE C 378 35.68 1.95 -5.25
N LYS C 379 36.58 1.12 -4.75
CA LYS C 379 36.18 -0.03 -3.95
C LYS C 379 36.10 0.36 -2.49
N TYR C 380 35.04 -0.08 -1.83
CA TYR C 380 34.84 0.14 -0.41
C TYR C 380 35.71 -0.85 0.33
N VAL C 381 36.45 -0.37 1.33
CA VAL C 381 37.28 -1.27 2.13
C VAL C 381 36.82 -1.36 3.58
N GLY C 382 36.27 -0.28 4.14
CA GLY C 382 35.74 -0.44 5.48
C GLY C 382 35.06 0.73 6.19
N GLU C 383 34.54 0.44 7.38
CA GLU C 383 33.91 1.49 8.19
C GLU C 383 34.34 1.34 9.63
N THR C 384 34.59 2.47 10.29
CA THR C 384 34.98 2.47 11.68
C THR C 384 34.41 3.71 12.38
N GLN C 385 34.54 3.77 13.70
CA GLN C 385 34.15 4.96 14.46
C GLN C 385 35.25 5.40 15.42
N PRO C 386 35.28 6.70 15.75
CA PRO C 386 36.18 7.16 16.82
C PRO C 386 35.72 6.62 18.17
N THR C 387 36.60 6.60 19.16
CA THR C 387 36.21 6.22 20.52
C THR C 387 36.47 7.34 21.52
N GLY C 388 35.79 7.29 22.66
CA GLY C 388 36.00 8.28 23.70
C GLY C 388 35.50 9.65 23.30
N GLN C 389 36.29 10.68 23.57
CA GLN C 389 35.89 12.06 23.30
C GLN C 389 36.37 12.59 21.96
N ILE C 390 37.02 11.74 21.17
CA ILE C 390 37.62 12.18 19.91
C ILE C 390 36.56 12.58 18.89
N LYS C 391 36.76 13.75 18.27
CA LYS C 391 35.82 14.27 17.30
C LYS C 391 36.56 14.80 16.07
N ILE C 392 36.46 14.08 14.95
CA ILE C 392 37.16 14.45 13.72
C ILE C 392 36.61 15.75 13.13
N LYS C 393 37.42 16.81 13.14
CA LYS C 393 37.02 18.13 12.67
C LYS C 393 37.22 18.26 11.14
N ARG C 394 36.50 19.19 10.52
CA ARG C 394 36.60 19.43 9.09
C ARG C 394 38.03 19.73 8.68
N GLU C 395 38.68 20.61 9.43
CA GLU C 395 40.06 21.00 9.21
C GLU C 395 41.04 19.81 9.16
N ASP C 396 40.57 18.64 9.58
CA ASP C 396 41.42 17.46 9.60
C ASP C 396 41.11 16.43 8.52
N TYR C 397 39.99 16.61 7.81
CA TYR C 397 39.57 15.65 6.80
C TYR C 397 40.70 15.37 5.81
N GLU C 398 41.31 16.44 5.33
CA GLU C 398 42.36 16.36 4.32
C GLU C 398 43.56 15.52 4.81
N SER C 399 43.75 15.45 6.11
CA SER C 399 44.89 14.70 6.65
C SER C 399 44.65 13.20 6.64
N LEU C 400 43.37 12.80 6.51
CA LEU C 400 42.97 11.40 6.68
C LEU C 400 43.54 10.38 5.67
N PRO C 401 43.48 10.66 4.36
CA PRO C 401 44.06 9.69 3.42
C PRO C 401 45.56 9.49 3.63
N LYS C 402 46.26 10.56 4.02
CA LYS C 402 47.70 10.51 4.25
C LYS C 402 48.05 9.62 5.44
N GLU C 403 47.22 9.67 6.49
CA GLU C 403 47.47 8.82 7.66
C GLU C 403 47.32 7.34 7.32
N VAL C 404 46.35 7.01 6.48
CA VAL C 404 46.08 5.60 6.16
C VAL C 404 47.23 5.02 5.37
N ALA C 405 47.73 5.80 4.42
CA ALA C 405 48.87 5.40 3.61
C ALA C 405 50.14 5.34 4.46
N SER C 406 50.13 6.07 5.57
CA SER C 406 51.28 6.11 6.47
C SER C 406 51.34 4.93 7.44
N ALA C 407 50.24 4.20 7.56
CA ALA C 407 50.17 3.09 8.49
C ALA C 407 51.06 1.92 8.04
N LYS C 408 51.69 1.24 9.01
CA LYS C 408 52.63 0.16 8.69
C LYS C 408 52.13 -1.16 9.27
N PRO C 409 51.32 -1.87 8.49
CA PRO C 409 50.54 -3.05 8.93
C PRO C 409 51.33 -4.21 9.55
N LYS C 410 52.60 -4.36 9.19
CA LYS C 410 53.41 -5.51 9.60
C LYS C 410 52.93 -6.83 8.98
N VAL C 411 52.84 -6.83 7.65
CA VAL C 411 52.51 -8.04 6.90
C VAL C 411 53.08 -7.92 5.50
N LEU C 412 53.20 -9.05 4.82
CA LEU C 412 53.73 -9.08 3.46
C LEU C 412 52.79 -8.39 2.47
N LEU C 413 53.32 -7.41 1.77
CA LEU C 413 52.55 -6.67 0.77
C LEU C 413 53.24 -6.76 -0.58
N ASP C 414 52.46 -7.07 -1.61
CA ASP C 414 52.98 -7.18 -2.97
C ASP C 414 52.99 -5.80 -3.62
N VAL C 415 52.14 -4.93 -3.11
CA VAL C 415 51.94 -3.61 -3.70
C VAL C 415 51.82 -2.54 -2.62
N LYS C 416 52.45 -1.39 -2.85
CA LYS C 416 52.35 -0.28 -1.92
C LYS C 416 51.28 0.68 -2.42
N LEU C 417 50.64 1.36 -1.47
CA LEU C 417 49.60 2.33 -1.81
C LEU C 417 49.95 3.70 -1.25
N LYS C 418 49.58 4.75 -1.97
CA LYS C 418 49.90 6.08 -1.53
C LYS C 418 48.65 6.86 -1.20
N ALA C 419 48.83 8.08 -0.70
CA ALA C 419 47.71 8.87 -0.19
C ALA C 419 46.60 9.05 -1.21
N GLU C 420 46.99 9.25 -2.47
CA GLU C 420 46.02 9.51 -3.53
C GLU C 420 45.11 8.31 -3.77
N ASP C 421 45.54 7.14 -3.32
CA ASP C 421 44.81 5.90 -3.55
C ASP C 421 43.66 5.69 -2.58
N PHE C 422 43.54 6.59 -1.61
CA PHE C 422 42.55 6.44 -0.56
C PHE C 422 41.53 7.55 -0.55
N ILE C 423 40.30 7.17 -0.21
CA ILE C 423 39.27 8.15 0.10
C ILE C 423 38.77 7.92 1.51
N VAL C 424 38.66 9.00 2.29
CA VAL C 424 38.12 8.92 3.63
C VAL C 424 36.90 9.84 3.69
N ASP C 425 35.76 9.24 4.00
CA ASP C 425 34.51 9.98 4.06
C ASP C 425 34.03 9.98 5.50
N VAL C 426 33.73 11.16 6.02
CA VAL C 426 33.30 11.31 7.39
C VAL C 426 31.85 11.73 7.44
N ILE C 427 31.03 10.91 8.08
CA ILE C 427 29.60 11.17 8.17
C ILE C 427 29.19 11.51 9.60
N ASN C 428 28.66 12.72 9.79
CA ASN C 428 28.09 13.13 11.07
C ASN C 428 26.63 12.72 11.23
N MET C 429 26.36 11.70 12.06
CA MET C 429 24.98 11.29 12.31
C MET C 429 24.45 11.90 13.61
N ASP C 430 23.30 12.55 13.56
CA ASP C 430 22.71 13.12 14.77
C ASP C 430 21.19 13.25 14.67
N TYR C 431 20.57 13.79 15.71
CA TYR C 431 19.14 14.05 15.70
C TYR C 431 18.86 15.49 15.24
N GLY C 432 19.77 16.04 14.45
CA GLY C 432 19.55 17.34 13.83
C GLY C 432 19.87 18.54 14.69
N MET C 433 20.41 18.32 15.88
CA MET C 433 20.78 19.43 16.76
C MET C 433 22.13 19.14 17.43
N GLN C 434 23.05 18.59 16.64
CA GLN C 434 24.37 18.22 17.13
C GLN C 434 24.29 17.24 18.29
N GLU C 435 24.77 17.65 19.46
CA GLU C 435 24.84 16.77 20.62
C GLU C 435 23.54 16.79 21.42
N LYS C 436 22.66 17.73 21.07
CA LYS C 436 21.46 17.97 21.87
C LYS C 436 20.27 17.06 21.55
N ASN C 437 19.45 16.77 22.56
CA ASN C 437 18.20 16.04 22.38
C ASN C 437 17.10 16.97 21.93
N PRO C 438 16.65 16.81 20.68
CA PRO C 438 15.62 17.70 20.12
C PRO C 438 14.30 17.67 20.88
N ILE C 439 13.98 16.53 21.50
CA ILE C 439 12.72 16.42 22.23
C ILE C 439 12.71 17.33 23.48
N ASP C 440 13.89 17.64 24.01
CA ASP C 440 13.99 18.60 25.12
C ASP C 440 13.50 19.98 24.69
N HIS C 441 13.42 20.22 23.39
CA HIS C 441 12.99 21.53 22.89
C HIS C 441 11.60 21.51 22.28
N VAL C 442 10.80 20.53 22.69
CA VAL C 442 9.45 20.38 22.20
C VAL C 442 8.47 20.65 23.34
N SER C 443 7.43 21.43 23.06
CA SER C 443 6.39 21.69 24.05
C SER C 443 5.20 20.74 23.92
N PHE C 444 4.68 20.27 25.07
CA PHE C 444 3.54 19.35 25.08
C PHE C 444 2.32 19.90 25.81
N TYR C 445 1.20 19.19 25.66
CA TYR C 445 0.00 19.49 26.43
C TYR C 445 -0.74 18.19 26.78
N CYS C 446 -1.48 18.23 27.89
CA CYS C 446 -2.26 17.11 28.37
C CYS C 446 -3.74 17.35 28.08
N LYS C 447 -4.51 16.27 28.02
CA LYS C 447 -5.93 16.39 27.73
C LYS C 447 -6.70 17.08 28.85
N THR C 448 -6.17 16.99 30.06
CA THR C 448 -6.84 17.59 31.22
C THR C 448 -6.86 19.12 31.16
N ALA C 449 -5.81 19.73 30.62
CA ALA C 449 -5.75 21.18 30.43
C ALA C 449 -4.98 21.56 29.16
N PRO C 450 -5.65 21.43 28.01
CA PRO C 450 -5.04 21.50 26.67
C PRO C 450 -4.24 22.76 26.39
N ASN C 451 -4.59 23.88 27.04
CA ASN C 451 -3.90 25.14 26.81
C ASN C 451 -2.68 25.34 27.70
N ARG C 452 -2.29 24.30 28.41
CA ARG C 452 -1.23 24.41 29.40
C ARG C 452 0.04 23.70 28.93
N ALA C 453 0.98 24.45 28.37
CA ALA C 453 2.21 23.89 27.85
C ALA C 453 3.08 23.28 28.94
N ILE C 454 3.69 22.13 28.65
CA ILE C 454 4.59 21.45 29.58
C ILE C 454 5.80 20.85 28.88
N ARG C 455 6.79 20.45 29.67
CA ARG C 455 8.01 19.82 29.16
C ARG C 455 8.07 18.35 29.59
N ILE C 456 8.69 17.52 28.77
CA ILE C 456 8.86 16.10 29.09
C ILE C 456 10.32 15.70 28.91
N THR C 457 10.87 15.01 29.92
CA THR C 457 12.28 14.64 29.88
C THR C 457 12.44 13.18 29.45
N LYS C 458 13.65 12.82 29.04
CA LYS C 458 13.89 11.51 28.45
C LYS C 458 13.61 10.37 29.45
N ASN C 459 13.95 10.57 30.71
CA ASN C 459 13.69 9.57 31.74
C ASN C 459 12.19 9.39 31.98
N GLN C 460 11.40 10.39 31.58
CA GLN C 460 9.95 10.30 31.72
C GLN C 460 9.32 9.47 30.60
N VAL C 461 10.13 9.00 29.65
CA VAL C 461 9.59 8.23 28.53
C VAL C 461 10.07 6.79 28.48
N SER C 462 11.38 6.58 28.43
CA SER C 462 11.92 5.24 28.33
C SER C 462 13.40 5.19 28.71
N GLN C 463 13.80 4.07 29.29
CA GLN C 463 15.20 3.81 29.57
C GLN C 463 15.87 3.14 28.37
N LEU C 464 15.08 2.87 27.33
CA LEU C 464 15.59 2.21 26.13
C LEU C 464 15.93 3.20 25.03
N LEU C 465 16.02 4.48 25.39
CA LEU C 465 16.33 5.50 24.41
C LEU C 465 17.84 5.65 24.26
N PRO C 466 18.29 6.42 23.26
CA PRO C 466 19.73 6.69 23.11
C PRO C 466 20.30 7.53 24.25
N GLU C 467 21.48 7.17 24.73
CA GLU C 467 22.16 8.00 25.72
C GLU C 467 22.88 9.16 25.01
N LYS C 468 23.30 8.92 23.78
CA LYS C 468 23.96 9.95 22.98
C LYS C 468 23.14 10.27 21.73
N PHE C 469 23.17 11.53 21.30
CA PHE C 469 22.37 11.97 20.18
C PHE C 469 23.20 12.37 18.96
N ALA C 470 24.51 12.11 19.01
CA ALA C 470 25.39 12.35 17.86
C ALA C 470 26.56 11.38 17.84
N GLU C 471 26.99 11.02 16.64
CA GLU C 471 28.12 10.14 16.45
C GLU C 471 28.73 10.38 15.07
N GLN C 472 29.84 9.73 14.79
CA GLN C 472 30.50 9.87 13.50
C GLN C 472 30.83 8.51 12.92
N LEU C 473 30.62 8.37 11.61
CA LEU C 473 31.05 7.18 10.90
C LEU C 473 32.20 7.55 9.98
N ILE C 474 33.16 6.64 9.85
CA ILE C 474 34.29 6.85 8.97
C ILE C 474 34.33 5.72 7.94
N ARG C 475 34.10 6.06 6.68
CA ARG C 475 34.23 5.08 5.60
C ARG C 475 35.52 5.29 4.79
N VAL C 476 36.20 4.18 4.51
CA VAL C 476 37.40 4.21 3.71
C VAL C 476 37.25 3.40 2.43
N TYR C 477 37.60 4.03 1.32
CA TYR C 477 37.61 3.41 0.00
C TYR C 477 38.99 3.47 -0.63
N CYS C 478 39.23 2.61 -1.62
CA CYS C 478 40.48 2.61 -2.37
C CYS C 478 40.23 2.75 -3.86
N LYS C 479 40.93 3.69 -4.50
CA LYS C 479 40.81 3.93 -5.94
C LYS C 479 41.40 2.81 -6.80
N LYS C 480 42.29 2.01 -6.21
CA LYS C 480 42.89 0.90 -6.95
C LYS C 480 42.12 -0.37 -6.66
N VAL C 481 41.64 -1.02 -7.72
CA VAL C 481 40.57 -1.98 -7.57
C VAL C 481 40.97 -3.45 -7.72
N ASP C 482 42.21 -3.70 -8.13
CA ASP C 482 42.67 -5.09 -8.27
C ASP C 482 42.78 -5.76 -6.91
N ARG C 483 42.84 -7.09 -6.92
CA ARG C 483 42.89 -7.90 -5.70
C ARG C 483 43.97 -7.45 -4.73
N LYS C 484 45.23 -7.51 -5.18
CA LYS C 484 46.38 -7.20 -4.35
C LYS C 484 46.26 -5.82 -3.70
N SER C 485 45.87 -4.84 -4.51
CA SER C 485 45.58 -3.49 -4.02
C SER C 485 44.55 -3.51 -2.90
N LEU C 486 43.53 -4.35 -3.03
CA LEU C 486 42.46 -4.42 -2.04
C LEU C 486 42.95 -5.02 -0.73
N TYR C 487 43.68 -6.12 -0.82
CA TYR C 487 44.29 -6.74 0.37
C TYR C 487 45.14 -5.71 1.10
N ALA C 488 46.01 -5.05 0.34
CA ALA C 488 46.85 -4.00 0.88
C ALA C 488 46.01 -2.96 1.61
N ALA C 489 45.01 -2.41 0.92
CA ALA C 489 44.14 -1.39 1.48
C ALA C 489 43.49 -1.83 2.79
N ARG C 490 43.13 -3.11 2.86
CA ARG C 490 42.54 -3.66 4.08
C ARG C 490 43.54 -3.73 5.23
N GLN C 491 44.78 -4.12 4.93
CA GLN C 491 45.81 -4.16 5.97
C GLN C 491 46.09 -2.76 6.50
N TYR C 492 46.31 -1.84 5.57
CA TYR C 492 46.52 -0.44 5.89
C TYR C 492 45.38 0.09 6.76
N PHE C 493 44.15 -0.13 6.32
CA PHE C 493 42.96 0.41 6.98
C PHE C 493 42.80 -0.12 8.40
N VAL C 494 42.82 -1.44 8.55
CA VAL C 494 42.70 -2.01 9.87
C VAL C 494 43.82 -1.52 10.78
N GLN C 495 45.05 -1.50 10.28
CA GLN C 495 46.19 -1.01 11.09
C GLN C 495 45.97 0.44 11.51
N TRP C 496 45.43 1.25 10.62
CA TRP C 496 45.12 2.64 10.90
C TRP C 496 44.06 2.75 12.01
N CYS C 497 43.06 1.89 11.98
CA CYS C 497 42.03 1.88 13.02
C CYS C 497 42.65 1.49 14.35
N ALA C 498 43.60 0.56 14.30
CA ALA C 498 44.35 0.13 15.48
C ALA C 498 45.17 1.28 16.08
N ASP C 499 45.85 2.04 15.23
CA ASP C 499 46.70 3.12 15.71
C ASP C 499 45.88 4.28 16.25
N ARG C 500 44.75 4.57 15.61
CA ARG C 500 43.94 5.72 16.01
C ARG C 500 43.02 5.37 17.16
N ASN C 501 43.11 4.13 17.64
CA ASN C 501 42.24 3.64 18.72
C ASN C 501 40.76 3.72 18.35
N PHE C 502 40.45 3.32 17.12
CA PHE C 502 39.09 3.38 16.61
C PHE C 502 38.38 2.05 16.83
N THR C 503 37.09 2.02 16.55
CA THR C 503 36.34 0.78 16.72
C THR C 503 36.79 -0.25 15.70
N LYS C 504 36.80 -1.52 16.13
CA LYS C 504 37.20 -2.61 15.25
C LYS C 504 36.17 -2.86 14.17
N PRO C 505 36.59 -2.79 12.90
CA PRO C 505 35.72 -3.07 11.75
C PRO C 505 34.98 -4.38 11.91
N GLN C 506 33.81 -4.48 11.32
CA GLN C 506 32.93 -5.63 11.49
C GLN C 506 33.50 -6.90 10.88
N ASP C 507 34.18 -6.76 9.74
CA ASP C 507 34.76 -7.91 9.06
C ASP C 507 36.27 -8.01 9.31
N GLY C 508 36.74 -7.38 10.38
CA GLY C 508 38.16 -7.21 10.64
C GLY C 508 38.96 -8.49 10.77
N ASP C 509 38.41 -9.46 11.50
CA ASP C 509 39.07 -10.75 11.68
C ASP C 509 39.18 -11.55 10.39
N VAL C 510 38.40 -11.14 9.38
CA VAL C 510 38.38 -11.84 8.11
C VAL C 510 39.24 -11.16 7.05
N ILE C 511 39.19 -9.82 7.01
CA ILE C 511 39.94 -9.07 6.01
C ILE C 511 41.40 -8.87 6.42
N ALA C 512 41.67 -8.98 7.72
CA ALA C 512 43.02 -8.79 8.22
C ALA C 512 43.24 -9.54 9.52
N PRO C 513 43.30 -10.88 9.44
CA PRO C 513 43.44 -11.72 10.64
C PRO C 513 44.78 -11.52 11.35
N LEU C 514 45.84 -11.25 10.58
CA LEU C 514 47.18 -11.12 11.15
C LEU C 514 47.37 -9.82 11.93
N ILE C 515 46.47 -8.86 11.73
CA ILE C 515 46.57 -7.53 12.35
C ILE C 515 45.71 -7.39 13.61
N THR C 516 44.51 -7.99 13.58
CA THR C 516 43.55 -7.83 14.67
C THR C 516 44.00 -8.21 16.10
N PRO C 517 44.78 -9.30 16.26
CA PRO C 517 45.11 -9.67 17.65
C PRO C 517 46.14 -8.76 18.33
N GLN C 518 46.62 -7.73 17.65
CA GLN C 518 47.56 -6.79 18.26
C GLN C 518 46.85 -5.81 19.18
N LYS C 519 45.53 -5.72 19.05
CA LYS C 519 44.73 -4.76 19.81
C LYS C 519 43.94 -5.48 20.90
N LYS C 520 44.29 -5.22 22.15
CA LYS C 520 43.76 -5.99 23.27
C LYS C 520 42.27 -5.76 23.51
N GLU C 521 41.82 -4.53 23.35
CA GLU C 521 40.41 -4.19 23.53
CA GLU C 521 40.41 -4.20 23.53
C GLU C 521 39.53 -4.90 22.50
N TRP C 522 40.08 -5.09 21.31
CA TRP C 522 39.36 -5.78 20.25
C TRP C 522 39.14 -7.25 20.61
N ASN C 523 40.10 -8.10 20.28
CA ASN C 523 40.00 -9.51 20.66
C ASN C 523 40.66 -9.79 22.01
N ASP D 37 -19.22 14.44 26.14
CA ASP D 37 -18.10 15.19 26.68
C ASP D 37 -17.29 15.84 25.55
N THR D 38 -16.26 15.15 25.07
CA THR D 38 -15.45 15.69 23.98
C THR D 38 -15.25 14.68 22.84
N MET D 39 -14.76 15.19 21.71
CA MET D 39 -14.62 14.38 20.51
C MET D 39 -13.56 13.30 20.68
N LYS D 40 -13.70 12.20 19.94
CA LYS D 40 -12.71 11.13 20.00
C LYS D 40 -12.04 10.90 18.64
N VAL D 41 -10.84 10.35 18.66
CA VAL D 41 -10.16 9.99 17.43
C VAL D 41 -10.07 8.47 17.32
N ILE D 42 -10.43 7.93 16.16
CA ILE D 42 -10.29 6.50 15.91
C ILE D 42 -9.36 6.26 14.73
N ASN D 43 -8.37 5.39 14.92
CA ASN D 43 -7.50 5.04 13.81
C ASN D 43 -8.04 3.86 13.00
N ASP D 44 -8.37 4.13 11.75
CA ASP D 44 -8.91 3.13 10.84
C ASP D 44 -7.89 2.88 9.74
N PRO D 45 -7.60 1.60 9.45
CA PRO D 45 -6.59 1.27 8.44
C PRO D 45 -6.92 1.79 7.04
N ILE D 46 -8.19 2.07 6.77
CA ILE D 46 -8.59 2.58 5.46
C ILE D 46 -8.54 4.12 5.36
N HIS D 47 -9.20 4.79 6.29
CA HIS D 47 -9.32 6.25 6.23
C HIS D 47 -8.33 7.00 7.12
N GLY D 48 -7.60 6.30 7.98
CA GLY D 48 -6.69 6.95 8.88
C GLY D 48 -7.45 7.43 10.11
N HIS D 49 -7.02 8.55 10.69
CA HIS D 49 -7.63 9.09 11.91
C HIS D 49 -8.96 9.82 11.66
N ILE D 50 -10.02 9.20 12.15
CA ILE D 50 -11.41 9.63 11.99
C ILE D 50 -11.86 10.32 13.27
N GLU D 51 -12.29 11.58 13.14
CA GLU D 51 -12.76 12.34 14.29
C GLU D 51 -14.25 12.17 14.53
N LEU D 52 -14.62 11.92 15.77
CA LEU D 52 -16.01 11.66 16.13
C LEU D 52 -16.55 12.66 17.14
N HIS D 53 -17.49 13.47 16.69
CA HIS D 53 -18.26 14.38 17.56
C HIS D 53 -18.88 13.54 18.68
N PRO D 54 -18.96 14.12 19.90
CA PRO D 54 -19.41 13.35 21.07
C PRO D 54 -20.80 12.72 20.96
N LEU D 55 -21.68 13.30 20.15
CA LEU D 55 -23.03 12.76 19.97
C LEU D 55 -22.92 11.43 19.24
N LEU D 56 -22.01 11.39 18.27
CA LEU D 56 -21.72 10.17 17.54
C LEU D 56 -21.18 9.13 18.50
N VAL D 57 -20.31 9.56 19.41
CA VAL D 57 -19.73 8.64 20.38
C VAL D 57 -20.83 8.05 21.28
N ARG D 58 -21.79 8.90 21.67
CA ARG D 58 -22.93 8.45 22.45
C ARG D 58 -23.77 7.42 21.68
N ILE D 59 -23.99 7.66 20.40
CA ILE D 59 -24.73 6.71 19.60
C ILE D 59 -23.99 5.36 19.44
N ILE D 60 -22.67 5.41 19.23
CA ILE D 60 -21.84 4.23 19.00
C ILE D 60 -21.69 3.36 20.25
N ASP D 61 -21.65 4.01 21.41
CA ASP D 61 -21.42 3.27 22.64
C ASP D 61 -22.74 2.72 23.23
N THR D 62 -23.43 1.93 22.43
CA THR D 62 -24.69 1.27 22.82
C THR D 62 -24.67 -0.20 22.37
N PRO D 63 -25.47 -1.06 23.04
CA PRO D 63 -25.56 -2.47 22.63
C PRO D 63 -26.03 -2.61 21.19
N GLN D 64 -26.99 -1.78 20.81
CA GLN D 64 -27.55 -1.81 19.48
C GLN D 64 -26.50 -1.58 18.40
N PHE D 65 -25.55 -0.68 18.65
CA PHE D 65 -24.50 -0.39 17.68
C PHE D 65 -23.28 -1.30 17.83
N GLN D 66 -22.87 -1.56 19.06
CA GLN D 66 -21.73 -2.42 19.31
C GLN D 66 -21.99 -3.84 18.83
N ARG D 67 -23.26 -4.18 18.73
CA ARG D 67 -23.74 -5.44 18.14
C ARG D 67 -23.06 -5.75 16.80
N LEU D 68 -22.78 -4.71 16.02
CA LEU D 68 -22.22 -4.89 14.69
C LEU D 68 -20.78 -5.43 14.69
N ARG D 69 -20.14 -5.45 15.85
CA ARG D 69 -18.81 -6.03 15.95
C ARG D 69 -18.85 -7.56 15.74
N TYR D 70 -20.03 -8.14 15.85
CA TYR D 70 -20.14 -9.60 15.82
C TYR D 70 -20.94 -10.05 14.62
N ILE D 71 -20.86 -9.26 13.56
CA ILE D 71 -21.46 -9.60 12.28
C ILE D 71 -20.47 -9.34 11.16
N LYS D 72 -19.96 -10.42 10.58
CA LYS D 72 -18.96 -10.34 9.52
C LYS D 72 -19.55 -9.68 8.27
N GLN D 73 -18.84 -8.68 7.73
CA GLN D 73 -19.28 -7.96 6.52
C GLN D 73 -19.59 -8.87 5.34
N LEU D 74 -18.67 -9.80 5.06
CA LEU D 74 -18.79 -10.67 3.90
C LEU D 74 -19.37 -12.06 4.22
N GLY D 75 -19.85 -12.25 5.44
CA GLY D 75 -20.48 -13.51 5.83
C GLY D 75 -19.58 -14.72 5.64
N GLY D 76 -20.00 -15.65 4.76
CA GLY D 76 -19.24 -16.86 4.50
C GLY D 76 -18.00 -16.66 3.65
N GLY D 77 -17.83 -15.45 3.11
CA GLY D 77 -16.65 -15.10 2.32
C GLY D 77 -15.36 -15.36 3.07
N TYR D 78 -15.37 -15.05 4.37
CA TYR D 78 -14.23 -15.31 5.26
C TYR D 78 -13.75 -16.76 5.20
N TYR D 79 -14.66 -17.68 4.90
CA TYR D 79 -14.28 -19.08 4.78
C TYR D 79 -13.58 -19.39 3.45
N VAL D 80 -13.55 -18.41 2.55
CA VAL D 80 -12.83 -18.56 1.29
C VAL D 80 -11.63 -17.61 1.22
N PHE D 81 -11.83 -16.39 1.74
CA PHE D 81 -10.80 -15.34 1.79
C PHE D 81 -10.44 -15.06 3.24
N PRO D 82 -9.35 -15.66 3.75
CA PRO D 82 -9.06 -15.58 5.19
C PRO D 82 -8.78 -14.16 5.68
N GLY D 83 -8.46 -13.24 4.78
CA GLY D 83 -8.24 -11.87 5.20
C GLY D 83 -9.51 -11.14 5.54
N ALA D 84 -10.66 -11.65 5.07
CA ALA D 84 -11.96 -10.97 5.24
C ALA D 84 -12.65 -11.27 6.57
N SER D 85 -11.98 -10.93 7.65
CA SER D 85 -12.50 -11.08 8.99
C SER D 85 -13.24 -9.83 9.47
N HIS D 86 -13.28 -8.80 8.63
CA HIS D 86 -13.87 -7.54 9.07
C HIS D 86 -15.38 -7.63 9.30
N ASN D 87 -15.85 -6.85 10.27
CA ASN D 87 -17.24 -6.85 10.65
C ASN D 87 -17.93 -5.54 10.24
N ARG D 88 -19.26 -5.52 10.34
CA ARG D 88 -20.07 -4.36 9.97
C ARG D 88 -19.81 -3.11 10.82
N PHE D 89 -19.24 -3.31 12.01
CA PHE D 89 -18.95 -2.18 12.91
C PHE D 89 -18.01 -1.14 12.26
N GLU D 90 -16.79 -1.59 11.95
CA GLU D 90 -15.78 -0.79 11.27
C GLU D 90 -16.26 -0.23 9.91
N HIS D 91 -17.00 -1.04 9.16
CA HIS D 91 -17.60 -0.55 7.92
C HIS D 91 -18.52 0.67 8.20
N SER D 92 -19.37 0.54 9.23
CA SER D 92 -20.30 1.61 9.66
C SER D 92 -19.56 2.90 10.03
N LEU D 93 -18.52 2.76 10.85
CA LEU D 93 -17.63 3.90 11.12
C LEU D 93 -17.11 4.56 9.83
N GLY D 94 -16.63 3.75 8.89
CA GLY D 94 -16.11 4.30 7.65
C GLY D 94 -17.16 5.05 6.84
N VAL D 95 -18.38 4.51 6.81
CA VAL D 95 -19.50 5.15 6.11
C VAL D 95 -19.86 6.50 6.73
N GLY D 96 -19.94 6.54 8.07
CA GLY D 96 -20.26 7.81 8.74
C GLY D 96 -19.19 8.84 8.45
N TYR D 97 -17.93 8.40 8.52
CA TYR D 97 -16.81 9.25 8.17
C TYR D 97 -16.97 9.86 6.77
N LEU D 98 -17.17 9.00 5.77
CA LEU D 98 -17.23 9.48 4.39
C LEU D 98 -18.44 10.39 4.12
N ALA D 99 -19.58 10.08 4.74
CA ALA D 99 -20.76 10.93 4.59
C ALA D 99 -20.43 12.33 5.12
N GLY D 100 -19.78 12.35 6.28
CA GLY D 100 -19.28 13.60 6.83
C GLY D 100 -18.38 14.35 5.85
N CYS D 101 -17.36 13.65 5.33
CA CYS D 101 -16.44 14.28 4.38
C CYS D 101 -17.14 14.91 3.18
N LEU D 102 -18.06 14.17 2.58
CA LEU D 102 -18.75 14.67 1.39
C LEU D 102 -19.61 15.90 1.72
N VAL D 103 -20.43 15.80 2.75
CA VAL D 103 -21.30 16.94 3.07
C VAL D 103 -20.47 18.17 3.44
N HIS D 104 -19.37 17.93 4.15
CA HIS D 104 -18.47 19.02 4.52
C HIS D 104 -17.85 19.68 3.31
N ALA D 105 -17.32 18.89 2.39
CA ALA D 105 -16.70 19.42 1.17
C ALA D 105 -17.69 20.23 0.33
N LEU D 106 -18.90 19.70 0.16
CA LEU D 106 -19.96 20.44 -0.52
C LEU D 106 -20.19 21.79 0.17
N GLY D 107 -20.31 21.76 1.49
CA GLY D 107 -20.55 22.96 2.27
C GLY D 107 -19.47 24.01 2.09
N GLU D 108 -18.22 23.57 2.11
CA GLU D 108 -17.08 24.46 1.96
C GLU D 108 -16.98 25.06 0.57
N LYS D 109 -17.20 24.25 -0.45
CA LYS D 109 -17.13 24.79 -1.81
C LYS D 109 -18.32 25.68 -2.17
N GLN D 110 -19.50 25.40 -1.61
CA GLN D 110 -20.70 26.17 -1.95
C GLN D 110 -21.49 26.64 -0.73
N PRO D 111 -21.03 27.73 -0.10
CA PRO D 111 -21.73 28.28 1.07
C PRO D 111 -23.16 28.65 0.77
N GLU D 112 -23.51 28.93 -0.48
CA GLU D 112 -24.87 29.32 -0.82
C GLU D 112 -25.90 28.22 -0.57
N LEU D 113 -25.42 27.00 -0.36
CA LEU D 113 -26.30 25.87 -0.10
C LEU D 113 -26.83 25.87 1.34
N GLN D 114 -26.17 26.63 2.22
CA GLN D 114 -26.62 26.80 3.61
C GLN D 114 -26.58 25.53 4.46
N ILE D 115 -25.62 24.66 4.20
CA ILE D 115 -25.47 23.46 5.00
C ILE D 115 -24.99 23.81 6.41
N SER D 116 -25.73 23.35 7.42
CA SER D 116 -25.41 23.67 8.80
C SER D 116 -24.69 22.51 9.49
N GLU D 117 -24.15 22.77 10.68
CA GLU D 117 -23.52 21.71 11.45
C GLU D 117 -24.55 20.65 11.83
N ARG D 118 -25.80 21.09 11.99
CA ARG D 118 -26.91 20.19 12.26
C ARG D 118 -27.11 19.19 11.09
N ASP D 119 -27.03 19.71 9.87
CA ASP D 119 -27.14 18.87 8.67
C ASP D 119 -26.01 17.85 8.63
N VAL D 120 -24.79 18.33 8.86
CA VAL D 120 -23.60 17.50 8.85
C VAL D 120 -23.75 16.36 9.86
N LEU D 121 -24.14 16.71 11.08
CA LEU D 121 -24.32 15.70 12.10
C LEU D 121 -25.40 14.66 11.75
N CYS D 122 -26.52 15.12 11.19
CA CYS D 122 -27.61 14.18 10.83
C CYS D 122 -27.18 13.23 9.70
N VAL D 123 -26.35 13.74 8.80
CA VAL D 123 -25.85 12.92 7.70
C VAL D 123 -24.82 11.91 8.20
N GLN D 124 -23.95 12.35 9.11
CA GLN D 124 -23.01 11.44 9.75
C GLN D 124 -23.73 10.33 10.50
N ILE D 125 -24.82 10.67 11.18
CA ILE D 125 -25.56 9.66 11.95
C ILE D 125 -26.23 8.67 11.02
N ALA D 126 -26.82 9.18 9.93
CA ALA D 126 -27.43 8.28 8.97
C ALA D 126 -26.36 7.32 8.41
N GLY D 127 -25.19 7.88 8.09
CA GLY D 127 -24.09 7.09 7.55
C GLY D 127 -23.67 6.00 8.52
N LEU D 128 -23.59 6.36 9.79
CA LEU D 128 -23.21 5.44 10.85
C LEU D 128 -24.24 4.35 11.07
N CYS D 129 -25.50 4.69 10.79
CA CYS D 129 -26.60 3.84 11.23
C CYS D 129 -27.31 3.06 10.13
N ARG D 130 -26.96 3.28 8.86
CA ARG D 130 -27.61 2.51 7.81
C ARG D 130 -27.28 1.01 7.80
N ASN D 131 -26.31 0.58 8.58
CA ASN D 131 -26.00 -0.85 8.65
C ASN D 131 -26.60 -1.58 9.87
N LEU D 132 -27.32 -0.84 10.72
CA LEU D 132 -27.83 -1.37 11.98
C LEU D 132 -28.74 -2.60 11.84
N GLY D 133 -29.39 -2.75 10.68
CA GLY D 133 -30.37 -3.79 10.50
C GLY D 133 -29.87 -5.14 10.01
N HIS D 134 -28.58 -5.22 9.72
CA HIS D 134 -28.01 -6.49 9.25
C HIS D 134 -28.12 -7.61 10.27
N GLY D 135 -28.33 -8.83 9.78
CA GLY D 135 -28.42 -10.00 10.64
C GLY D 135 -27.18 -10.85 10.48
N PRO D 136 -27.10 -11.98 11.20
CA PRO D 136 -26.00 -12.94 11.17
C PRO D 136 -25.48 -13.17 9.74
N PHE D 137 -24.18 -12.99 9.54
CA PHE D 137 -23.56 -13.18 8.22
C PHE D 137 -24.12 -12.27 7.15
N SER D 138 -24.69 -11.16 7.58
CA SER D 138 -25.07 -10.06 6.68
C SER D 138 -26.05 -10.49 5.61
N HIS D 139 -25.63 -10.41 4.35
CA HIS D 139 -26.54 -10.68 3.23
C HIS D 139 -27.09 -12.10 3.15
N MET D 140 -26.41 -13.05 3.79
CA MET D 140 -26.95 -14.39 3.93
C MET D 140 -28.29 -14.34 4.67
N PHE D 141 -28.37 -13.51 5.70
CA PHE D 141 -29.58 -13.42 6.51
C PHE D 141 -30.79 -12.86 5.76
N ASP D 142 -30.64 -11.70 5.13
CA ASP D 142 -31.76 -11.12 4.37
C ASP D 142 -31.85 -11.61 2.92
N GLY D 143 -30.77 -12.16 2.40
CA GLY D 143 -30.78 -12.68 1.04
C GLY D 143 -31.24 -14.14 0.95
N ARG D 144 -30.85 -14.98 1.91
CA ARG D 144 -31.16 -16.41 1.84
C ARG D 144 -32.08 -16.93 2.95
N PHE D 145 -31.78 -16.62 4.21
CA PHE D 145 -32.51 -17.22 5.34
C PHE D 145 -33.95 -16.71 5.51
N ILE D 146 -34.11 -15.42 5.74
CA ILE D 146 -35.46 -14.85 5.89
C ILE D 146 -36.45 -15.17 4.76
N PRO D 147 -36.01 -15.06 3.48
CA PRO D 147 -36.91 -15.43 2.37
C PRO D 147 -37.42 -16.87 2.40
N LEU D 148 -36.62 -17.78 2.94
CA LEU D 148 -37.04 -19.18 3.07
C LEU D 148 -37.89 -19.41 4.33
N ALA D 149 -37.50 -18.79 5.44
CA ALA D 149 -38.14 -19.04 6.73
C ALA D 149 -39.43 -18.25 6.92
N ARG D 150 -39.45 -17.04 6.39
CA ARG D 150 -40.63 -16.18 6.46
C ARG D 150 -40.96 -15.64 5.07
N PRO D 151 -41.35 -16.52 4.13
CA PRO D 151 -41.60 -16.06 2.75
C PRO D 151 -42.82 -15.15 2.65
N GLU D 152 -43.64 -15.11 3.70
CA GLU D 152 -44.81 -14.23 3.74
C GLU D 152 -44.46 -12.79 4.10
N VAL D 153 -43.22 -12.56 4.56
CA VAL D 153 -42.81 -11.21 4.94
C VAL D 153 -41.88 -10.60 3.89
N LYS D 154 -42.00 -9.28 3.71
CA LYS D 154 -41.15 -8.56 2.77
C LYS D 154 -40.09 -7.76 3.52
N TRP D 155 -39.16 -8.48 4.16
CA TRP D 155 -38.17 -7.88 5.06
C TRP D 155 -36.92 -7.39 4.32
N THR D 156 -36.37 -6.26 4.75
CA THR D 156 -35.10 -5.79 4.23
C THR D 156 -34.22 -5.31 5.37
N HIS D 157 -32.92 -5.36 5.18
CA HIS D 157 -32.01 -4.88 6.21
C HIS D 157 -32.17 -3.37 6.45
N GLU D 158 -32.62 -2.63 5.45
CA GLU D 158 -32.91 -1.20 5.64
C GLU D 158 -34.02 -0.91 6.65
N GLN D 159 -35.16 -1.57 6.49
CA GLN D 159 -36.25 -1.51 7.47
C GLN D 159 -35.73 -1.86 8.84
N GLY D 160 -34.98 -2.95 8.89
CA GLY D 160 -34.32 -3.39 10.12
C GLY D 160 -33.49 -2.26 10.69
N SER D 161 -32.81 -1.50 9.82
CA SER D 161 -31.97 -0.42 10.27
C SER D 161 -32.82 0.68 10.91
N VAL D 162 -33.96 0.98 10.30
CA VAL D 162 -34.85 1.99 10.88
C VAL D 162 -35.38 1.57 12.26
N MET D 163 -35.88 0.34 12.36
CA MET D 163 -36.40 -0.12 13.64
C MET D 163 -35.32 -0.20 14.71
N MET D 164 -34.15 -0.72 14.33
CA MET D 164 -33.05 -0.81 15.27
C MET D 164 -32.62 0.59 15.73
N PHE D 165 -32.61 1.55 14.82
CA PHE D 165 -32.26 2.93 15.17
C PHE D 165 -33.28 3.53 16.15
N GLU D 166 -34.57 3.35 15.86
CA GLU D 166 -35.63 3.77 16.80
C GLU D 166 -35.40 3.17 18.21
N HIS D 167 -35.07 1.89 18.24
CA HIS D 167 -34.80 1.20 19.51
C HIS D 167 -33.53 1.71 20.23
N LEU D 168 -32.49 2.06 19.46
CA LEU D 168 -31.26 2.60 20.04
C LEU D 168 -31.57 3.96 20.69
N ILE D 169 -32.25 4.80 19.91
CA ILE D 169 -32.68 6.11 20.38
C ILE D 169 -33.42 5.97 21.69
N ASN D 170 -34.52 5.20 21.68
CA ASN D 170 -35.39 5.11 22.85
C ASN D 170 -34.79 4.40 24.07
N SER D 171 -34.00 3.35 23.85
CA SER D 171 -33.41 2.62 24.94
C SER D 171 -32.19 3.32 25.53
N ASN D 172 -31.58 4.26 24.80
CA ASN D 172 -30.36 4.85 25.33
C ASN D 172 -30.37 6.34 25.73
N GLY D 173 -31.55 6.94 25.79
CA GLY D 173 -31.67 8.33 26.21
C GLY D 173 -31.02 9.29 25.25
N ILE D 174 -31.23 9.11 23.95
CA ILE D 174 -30.50 9.87 22.94
C ILE D 174 -31.13 11.22 22.59
N LYS D 175 -32.45 11.29 22.54
CA LYS D 175 -33.13 12.54 22.18
C LYS D 175 -32.67 13.80 22.95
N PRO D 176 -32.55 13.71 24.29
CA PRO D 176 -32.08 14.92 24.97
C PRO D 176 -30.65 15.25 24.60
N VAL D 177 -29.83 14.24 24.37
CA VAL D 177 -28.44 14.47 23.97
C VAL D 177 -28.41 15.19 22.61
N MET D 178 -29.29 14.76 21.71
CA MET D 178 -29.42 15.42 20.42
C MET D 178 -29.84 16.89 20.58
N GLU D 179 -30.80 17.15 21.47
CA GLU D 179 -31.24 18.52 21.73
C GLU D 179 -30.09 19.37 22.24
N GLN D 180 -29.28 18.76 23.11
CA GLN D 180 -28.11 19.42 23.68
C GLN D 180 -27.09 19.91 22.65
N TYR D 181 -26.97 19.22 21.53
CA TYR D 181 -26.02 19.65 20.49
C TYR D 181 -26.70 20.38 19.32
N GLY D 182 -27.94 20.79 19.51
CA GLY D 182 -28.60 21.65 18.54
C GLY D 182 -29.54 20.98 17.57
N LEU D 183 -29.70 19.67 17.69
CA LEU D 183 -30.61 18.95 16.81
C LEU D 183 -32.06 19.04 17.29
N ILE D 184 -32.99 18.90 16.36
CA ILE D 184 -34.41 18.86 16.69
C ILE D 184 -34.96 17.48 16.42
N PRO D 185 -35.05 16.64 17.47
CA PRO D 185 -35.36 15.21 17.42
C PRO D 185 -36.50 14.80 16.49
N GLU D 186 -37.65 15.45 16.53
CA GLU D 186 -38.77 15.07 15.66
C GLU D 186 -38.34 15.01 14.18
N GLU D 187 -38.16 16.22 13.65
CA GLU D 187 -37.63 16.45 12.31
C GLU D 187 -36.39 15.63 11.99
N ASP D 188 -35.35 15.77 12.81
CA ASP D 188 -34.05 15.20 12.50
C ASP D 188 -34.05 13.66 12.50
N ILE D 189 -34.74 13.05 13.45
CA ILE D 189 -34.93 11.59 13.45
C ILE D 189 -35.66 11.17 12.20
N CYS D 190 -36.70 11.95 11.84
CA CYS D 190 -37.35 11.70 10.55
C CYS D 190 -36.36 11.71 9.38
N PHE D 191 -35.50 12.73 9.36
CA PHE D 191 -34.52 12.95 8.31
C PHE D 191 -33.57 11.75 8.16
N ILE D 192 -32.99 11.35 9.29
CA ILE D 192 -32.11 10.20 9.35
C ILE D 192 -32.79 8.93 8.82
N LYS D 193 -34.00 8.65 9.33
CA LYS D 193 -34.72 7.47 8.89
C LYS D 193 -34.93 7.52 7.39
N GLU D 194 -35.26 8.70 6.88
CA GLU D 194 -35.54 8.86 5.47
C GLU D 194 -34.30 8.63 4.62
N GLN D 195 -33.16 9.08 5.11
CA GLN D 195 -31.90 8.85 4.44
C GLN D 195 -31.63 7.35 4.37
N ILE D 196 -32.01 6.63 5.43
CA ILE D 196 -31.78 5.19 5.42
C ILE D 196 -32.74 4.39 4.52
N VAL D 197 -34.01 4.70 4.58
CA VAL D 197 -35.02 3.83 3.99
C VAL D 197 -35.82 4.49 2.87
N GLY D 198 -35.62 5.79 2.68
CA GLY D 198 -36.44 6.54 1.76
C GLY D 198 -37.65 7.11 2.49
N PRO D 199 -38.57 7.75 1.75
CA PRO D 199 -39.75 8.39 2.34
C PRO D 199 -40.62 7.40 3.12
N LEU D 200 -41.00 7.78 4.33
CA LEU D 200 -41.68 6.88 5.25
C LEU D 200 -43.13 6.60 4.88
N GLU D 201 -43.67 7.35 3.92
CA GLU D 201 -44.97 7.02 3.37
C GLU D 201 -44.86 5.71 2.60
N LEU D 208 -43.20 16.71 -6.96
CA LEU D 208 -43.83 16.68 -5.64
C LEU D 208 -42.88 16.10 -4.60
N TRP D 209 -42.67 16.82 -3.50
CA TRP D 209 -41.66 16.47 -2.50
C TRP D 209 -42.18 15.48 -1.46
N PRO D 210 -41.69 14.22 -1.53
CA PRO D 210 -42.15 13.14 -0.65
C PRO D 210 -41.44 13.09 0.71
N TYR D 211 -40.42 13.92 0.90
CA TYR D 211 -39.66 13.90 2.15
C TYR D 211 -40.12 14.97 3.12
N LYS D 212 -40.16 14.62 4.41
CA LYS D 212 -40.55 15.58 5.44
C LYS D 212 -39.42 15.97 6.40
N GLY D 213 -38.25 15.38 6.23
CA GLY D 213 -37.14 15.66 7.12
C GLY D 213 -36.36 16.89 6.70
N ARG D 214 -36.31 17.13 5.39
CA ARG D 214 -35.65 18.29 4.82
C ARG D 214 -36.40 18.75 3.57
N PRO D 215 -36.39 20.07 3.31
CA PRO D 215 -37.02 20.68 2.14
C PRO D 215 -36.22 20.45 0.87
N GLU D 216 -36.86 20.66 -0.28
CA GLU D 216 -36.25 20.42 -1.59
C GLU D 216 -34.92 21.11 -1.77
N ASN D 217 -34.75 22.28 -1.15
CA ASN D 217 -33.49 23.00 -1.28
C ASN D 217 -32.32 22.25 -0.64
N LYS D 218 -32.62 21.23 0.14
CA LYS D 218 -31.61 20.32 0.70
C LYS D 218 -31.67 18.91 0.11
N SER D 219 -32.31 18.75 -1.05
CA SER D 219 -32.50 17.42 -1.65
C SER D 219 -31.21 16.63 -1.82
N PHE D 220 -30.14 17.34 -2.18
CA PHE D 220 -28.85 16.71 -2.39
C PHE D 220 -28.36 15.93 -1.16
N LEU D 221 -28.82 16.32 0.03
CA LEU D 221 -28.38 15.64 1.24
C LEU D 221 -28.88 14.19 1.28
N TYR D 222 -29.96 13.90 0.56
CA TYR D 222 -30.50 12.55 0.50
C TYR D 222 -29.73 11.70 -0.50
N GLU D 223 -28.79 12.32 -1.21
CA GLU D 223 -28.04 11.60 -2.23
C GLU D 223 -26.76 10.96 -1.67
N ILE D 224 -26.47 11.26 -0.40
CA ILE D 224 -25.17 10.91 0.18
C ILE D 224 -25.06 9.50 0.77
N VAL D 225 -25.94 9.14 1.69
CA VAL D 225 -25.78 7.91 2.45
C VAL D 225 -26.27 6.70 1.68
N SER D 226 -27.46 6.85 1.09
CA SER D 226 -28.11 5.76 0.39
C SER D 226 -28.83 6.34 -0.82
N ASN D 227 -28.16 6.35 -1.96
CA ASN D 227 -28.65 7.03 -3.15
C ASN D 227 -29.67 6.19 -3.95
N LYS D 228 -30.95 6.49 -3.76
CA LYS D 228 -32.04 5.75 -4.42
C LYS D 228 -32.15 6.10 -5.90
N ARG D 229 -31.55 7.22 -6.29
CA ARG D 229 -31.65 7.70 -7.67
C ARG D 229 -30.74 6.93 -8.64
N ASN D 230 -29.47 6.79 -8.29
CA ASN D 230 -28.52 6.11 -9.17
C ASN D 230 -27.56 5.17 -8.44
N GLY D 231 -27.60 5.16 -7.12
CA GLY D 231 -26.80 4.22 -6.34
C GLY D 231 -25.35 4.64 -6.08
N ILE D 232 -25.02 5.87 -6.45
CA ILE D 232 -23.68 6.39 -6.17
C ILE D 232 -23.68 7.04 -4.78
N ASP D 233 -23.19 6.31 -3.78
CA ASP D 233 -23.18 6.81 -2.41
C ASP D 233 -21.96 6.33 -1.62
N VAL D 234 -21.82 6.81 -0.40
CA VAL D 234 -20.58 6.59 0.35
C VAL D 234 -20.46 5.20 1.00
N ASP D 235 -21.58 4.51 1.13
CA ASP D 235 -21.59 3.13 1.59
C ASP D 235 -20.73 2.26 0.65
N LYS D 236 -21.02 2.39 -0.65
CA LYS D 236 -20.23 1.72 -1.70
C LYS D 236 -18.75 2.04 -1.60
N TRP D 237 -18.40 3.32 -1.48
CA TRP D 237 -16.98 3.73 -1.44
C TRP D 237 -16.24 3.06 -0.28
N ASP D 238 -16.87 3.12 0.90
CA ASP D 238 -16.24 2.46 2.02
C ASP D 238 -16.07 0.98 1.76
N TYR D 239 -17.13 0.27 1.34
CA TYR D 239 -16.92 -1.17 1.16
C TYR D 239 -15.94 -1.54 0.04
N PHE D 240 -15.87 -0.76 -1.03
CA PHE D 240 -14.87 -0.97 -2.08
C PHE D 240 -13.50 -0.98 -1.42
N ALA D 241 -13.19 0.12 -0.73
CA ALA D 241 -11.84 0.22 -0.14
C ALA D 241 -11.53 -0.81 0.98
N ARG D 242 -12.51 -1.06 1.85
CA ARG D 242 -12.28 -1.93 3.01
C ARG D 242 -12.25 -3.41 2.61
N ASP D 243 -13.27 -3.83 1.85
CA ASP D 243 -13.33 -5.20 1.36
C ASP D 243 -12.08 -5.45 0.57
N CYS D 244 -11.71 -4.52 -0.33
CA CYS D 244 -10.47 -4.75 -1.09
C CYS D 244 -9.26 -4.90 -0.18
N HIS D 245 -9.12 -4.02 0.81
CA HIS D 245 -8.01 -4.08 1.76
C HIS D 245 -7.92 -5.43 2.46
N HIS D 246 -9.07 -6.04 2.75
CA HIS D 246 -9.04 -7.28 3.52
C HIS D 246 -9.00 -8.55 2.68
N LEU D 247 -9.47 -8.48 1.44
CA LEU D 247 -9.60 -9.65 0.60
C LEU D 247 -8.26 -9.96 -0.09
N GLY D 248 -7.43 -8.92 -0.23
CA GLY D 248 -6.19 -9.05 -1.00
C GLY D 248 -6.46 -8.86 -2.48
N ILE D 249 -7.43 -8.00 -2.79
CA ILE D 249 -7.77 -7.60 -4.15
C ILE D 249 -7.71 -6.09 -4.12
N GLN D 250 -7.31 -5.48 -5.22
CA GLN D 250 -6.95 -4.07 -5.18
C GLN D 250 -8.09 -3.20 -5.71
N ASN D 251 -8.39 -2.11 -5.00
CA ASN D 251 -9.46 -1.22 -5.43
C ASN D 251 -9.06 -0.30 -6.58
N ASN D 252 -9.94 -0.20 -7.58
CA ASN D 252 -9.69 0.61 -8.77
C ASN D 252 -10.24 2.03 -8.67
N PHE D 253 -11.14 2.25 -7.73
CA PHE D 253 -11.94 3.46 -7.70
C PHE D 253 -11.46 4.53 -6.71
N ASP D 254 -11.39 5.76 -7.20
CA ASP D 254 -10.85 6.87 -6.42
C ASP D 254 -11.97 7.82 -5.94
N TYR D 255 -12.50 7.59 -4.75
CA TYR D 255 -13.62 8.38 -4.22
C TYR D 255 -13.21 9.77 -3.78
N LYS D 256 -11.96 9.96 -3.39
CA LYS D 256 -11.49 11.28 -3.02
C LYS D 256 -11.52 12.18 -4.24
N ARG D 257 -11.09 11.64 -5.37
CA ARG D 257 -11.16 12.37 -6.62
C ARG D 257 -12.59 12.77 -6.89
N PHE D 258 -13.51 11.81 -6.77
CA PHE D 258 -14.92 12.08 -6.99
C PHE D 258 -15.40 13.23 -6.11
N ILE D 259 -15.04 13.20 -4.82
CA ILE D 259 -15.46 14.21 -3.87
C ILE D 259 -14.96 15.57 -4.27
N LYS D 260 -13.71 15.64 -4.73
CA LYS D 260 -13.17 16.91 -5.20
C LYS D 260 -13.91 17.51 -6.39
N PHE D 261 -14.43 16.66 -7.28
CA PHE D 261 -15.15 17.16 -8.45
C PHE D 261 -16.66 17.11 -8.30
N ALA D 262 -17.15 16.99 -7.07
CA ALA D 262 -18.59 16.98 -6.85
C ALA D 262 -19.08 18.41 -6.63
N ARG D 263 -20.28 18.71 -7.11
CA ARG D 263 -20.84 20.05 -6.94
C ARG D 263 -22.36 19.90 -6.85
N VAL D 264 -23.09 20.91 -6.39
CA VAL D 264 -24.55 20.87 -6.45
C VAL D 264 -25.11 21.77 -7.56
N CYS D 265 -26.04 21.23 -8.37
CA CYS D 265 -26.67 22.01 -9.45
C CYS D 265 -28.18 21.85 -9.42
N GLU D 266 -28.89 22.77 -10.06
CA GLU D 266 -30.34 22.64 -10.18
C GLU D 266 -30.68 21.66 -11.32
N VAL D 267 -31.56 20.71 -11.03
CA VAL D 267 -32.00 19.72 -12.01
C VAL D 267 -33.48 19.45 -11.79
N ASP D 268 -34.30 19.78 -12.79
CA ASP D 268 -35.76 19.65 -12.69
C ASP D 268 -36.28 20.27 -11.40
N ASN D 269 -35.95 21.54 -11.17
CA ASN D 269 -36.40 22.25 -9.97
C ASN D 269 -35.98 21.56 -8.68
N GLU D 270 -34.83 20.89 -8.71
CA GLU D 270 -34.33 20.19 -7.54
C GLU D 270 -32.81 20.34 -7.46
N LEU D 271 -32.29 20.55 -6.25
CA LEU D 271 -30.84 20.64 -6.05
C LEU D 271 -30.23 19.25 -5.90
N ARG D 272 -29.34 18.89 -6.82
CA ARG D 272 -28.73 17.57 -6.80
C ARG D 272 -27.22 17.60 -6.88
N ILE D 273 -26.58 16.54 -6.43
CA ILE D 273 -25.14 16.40 -6.59
C ILE D 273 -24.86 16.03 -8.04
N CYS D 274 -24.04 16.84 -8.70
CA CYS D 274 -23.57 16.57 -10.06
C CYS D 274 -22.06 16.40 -10.09
N ALA D 275 -21.58 15.68 -11.11
CA ALA D 275 -20.18 15.36 -11.25
C ALA D 275 -19.58 16.10 -12.43
N ARG D 276 -18.29 16.35 -12.39
CA ARG D 276 -17.64 16.96 -13.54
C ARG D 276 -17.74 16.03 -14.75
N ASP D 277 -17.94 16.62 -15.92
CA ASP D 277 -18.19 15.85 -17.14
C ASP D 277 -17.10 14.83 -17.40
N LYS D 278 -15.85 15.29 -17.32
CA LYS D 278 -14.68 14.46 -17.62
C LYS D 278 -14.63 13.17 -16.81
N GLU D 279 -15.33 13.13 -15.68
CA GLU D 279 -15.33 11.97 -14.81
C GLU D 279 -16.29 10.85 -15.22
N VAL D 280 -17.03 11.05 -16.32
CA VAL D 280 -18.06 10.07 -16.70
C VAL D 280 -17.48 8.63 -16.88
N GLY D 281 -16.32 8.52 -17.54
CA GLY D 281 -15.62 7.25 -17.65
C GLY D 281 -15.39 6.63 -16.29
N ASN D 282 -14.84 7.43 -15.38
CA ASN D 282 -14.61 6.96 -14.02
C ASN D 282 -15.91 6.40 -13.42
N LEU D 283 -17.03 7.07 -13.67
CA LEU D 283 -18.27 6.61 -13.06
C LEU D 283 -18.61 5.23 -13.62
N TYR D 284 -18.45 5.07 -14.92
CA TYR D 284 -18.73 3.77 -15.52
C TYR D 284 -17.83 2.74 -14.86
N ASP D 285 -16.56 3.11 -14.67
CA ASP D 285 -15.63 2.17 -14.11
C ASP D 285 -16.05 1.78 -12.70
N MET D 286 -16.63 2.74 -11.99
CA MET D 286 -17.10 2.46 -10.64
C MET D 286 -17.99 1.21 -10.66
N PHE D 287 -18.95 1.19 -11.57
CA PHE D 287 -19.88 0.08 -11.55
C PHE D 287 -19.23 -1.20 -12.02
N HIS D 288 -18.27 -1.04 -12.93
CA HIS D 288 -17.51 -2.17 -13.43
C HIS D 288 -16.85 -2.79 -12.22
N THR D 289 -16.28 -1.91 -11.37
CA THR D 289 -15.56 -2.41 -10.20
C THR D 289 -16.52 -3.20 -9.34
N ARG D 290 -17.73 -2.66 -9.16
CA ARG D 290 -18.69 -3.31 -8.29
C ARG D 290 -18.93 -4.72 -8.85
N ASN D 291 -19.15 -4.79 -10.16
CA ASN D 291 -19.41 -6.06 -10.83
C ASN D 291 -18.23 -7.01 -10.62
N SER D 292 -17.01 -6.48 -10.73
CA SER D 292 -15.81 -7.30 -10.60
C SER D 292 -15.78 -7.88 -9.21
N LEU D 293 -16.13 -7.03 -8.24
CA LEU D 293 -16.01 -7.47 -6.85
C LEU D 293 -17.03 -8.57 -6.63
N HIS D 294 -18.16 -8.45 -7.32
CA HIS D 294 -19.19 -9.44 -7.14
C HIS D 294 -18.73 -10.75 -7.77
N ARG D 295 -18.04 -10.63 -8.91
CA ARG D 295 -17.66 -11.80 -9.66
C ARG D 295 -16.54 -12.58 -8.95
N ARG D 296 -15.57 -11.86 -8.39
CA ARG D 296 -14.42 -12.49 -7.76
C ARG D 296 -14.68 -12.97 -6.34
N ALA D 297 -15.44 -12.18 -5.59
CA ALA D 297 -15.54 -12.41 -4.16
C ALA D 297 -16.96 -12.62 -3.67
N TYR D 298 -17.82 -11.60 -3.82
CA TYR D 298 -19.10 -11.62 -3.13
C TYR D 298 -20.01 -12.77 -3.59
N GLN D 299 -19.89 -13.16 -4.87
CA GLN D 299 -20.64 -14.28 -5.40
C GLN D 299 -19.73 -15.47 -5.74
N HIS D 300 -18.59 -15.56 -5.06
CA HIS D 300 -17.71 -16.72 -5.21
C HIS D 300 -18.54 -18.00 -5.00
N LYS D 301 -18.36 -18.98 -5.89
CA LYS D 301 -19.20 -20.19 -5.89
C LYS D 301 -19.18 -20.91 -4.53
N VAL D 302 -18.00 -20.96 -3.93
CA VAL D 302 -17.82 -21.66 -2.66
C VAL D 302 -18.26 -20.81 -1.47
N GLY D 303 -17.99 -19.51 -1.51
CA GLY D 303 -18.56 -18.62 -0.51
C GLY D 303 -20.06 -18.77 -0.44
N ASN D 304 -20.68 -18.75 -1.63
CA ASN D 304 -22.14 -18.87 -1.72
C ASN D 304 -22.65 -20.20 -1.22
N ILE D 305 -21.95 -21.28 -1.54
CA ILE D 305 -22.41 -22.57 -1.05
C ILE D 305 -22.25 -22.65 0.48
N ILE D 306 -21.29 -21.89 1.01
CA ILE D 306 -21.11 -21.89 2.46
C ILE D 306 -22.22 -21.11 3.18
N ASP D 307 -22.54 -19.92 2.65
CA ASP D 307 -23.73 -19.18 3.10
C ASP D 307 -24.98 -20.07 3.05
N THR D 308 -25.11 -20.84 1.97
CA THR D 308 -26.24 -21.75 1.82
C THR D 308 -26.28 -22.86 2.88
N MET D 309 -25.13 -23.44 3.19
CA MET D 309 -25.10 -24.47 4.23
C MET D 309 -25.41 -23.90 5.61
N ILE D 310 -24.91 -22.69 5.89
CA ILE D 310 -25.21 -22.04 7.17
C ILE D 310 -26.72 -21.75 7.25
N THR D 311 -27.29 -21.32 6.14
CA THR D 311 -28.72 -21.09 6.06
C THR D 311 -29.52 -22.37 6.34
N ASP D 312 -29.09 -23.48 5.73
CA ASP D 312 -29.72 -24.77 5.98
C ASP D 312 -29.67 -25.14 7.46
N ALA D 313 -28.50 -24.98 8.07
CA ALA D 313 -28.37 -25.22 9.51
C ALA D 313 -29.32 -24.34 10.34
N PHE D 314 -29.48 -23.08 9.94
CA PHE D 314 -30.33 -22.15 10.69
C PHE D 314 -31.77 -22.62 10.60
N LEU D 315 -32.14 -23.08 9.41
CA LEU D 315 -33.49 -23.60 9.18
C LEU D 315 -33.75 -24.83 10.02
N LYS D 316 -32.73 -25.66 10.19
CA LYS D 316 -32.88 -26.85 11.01
C LYS D 316 -32.76 -26.58 12.53
N ALA D 317 -32.31 -25.40 12.90
CA ALA D 317 -32.13 -25.10 14.33
C ALA D 317 -33.26 -24.21 14.85
N ASP D 318 -34.10 -23.75 13.92
CA ASP D 318 -35.03 -22.67 14.18
C ASP D 318 -36.12 -23.00 15.22
N ASP D 319 -36.50 -24.27 15.32
CA ASP D 319 -37.54 -24.68 16.25
C ASP D 319 -37.02 -24.85 17.67
N TYR D 320 -35.71 -24.68 17.85
CA TYR D 320 -35.12 -25.01 19.14
C TYR D 320 -34.39 -23.85 19.82
N ILE D 321 -33.70 -23.01 19.04
CA ILE D 321 -33.02 -21.86 19.61
C ILE D 321 -34.03 -20.83 20.11
N GLU D 322 -33.91 -20.44 21.37
CA GLU D 322 -34.80 -19.41 21.90
C GLU D 322 -34.03 -18.16 22.29
N ILE D 323 -34.55 -17.01 21.87
CA ILE D 323 -33.91 -15.74 22.18
C ILE D 323 -34.86 -14.87 22.96
N THR D 324 -34.45 -14.52 24.17
CA THR D 324 -35.29 -13.72 25.07
C THR D 324 -35.46 -12.32 24.53
N GLY D 325 -36.71 -11.92 24.33
CA GLY D 325 -37.03 -10.58 23.85
C GLY D 325 -37.45 -9.65 24.97
N ALA D 326 -38.24 -8.63 24.63
CA ALA D 326 -38.74 -7.70 25.64
C ALA D 326 -39.90 -8.32 26.43
N GLY D 327 -39.84 -8.22 27.75
CA GLY D 327 -40.86 -8.80 28.60
C GLY D 327 -40.55 -10.26 28.88
N GLY D 328 -39.35 -10.68 28.49
CA GLY D 328 -38.95 -12.05 28.67
C GLY D 328 -39.66 -12.98 27.71
N LYS D 329 -40.42 -12.42 26.78
CA LYS D 329 -41.02 -13.21 25.72
C LYS D 329 -39.92 -13.89 24.90
N LYS D 330 -40.23 -15.07 24.38
CA LYS D 330 -39.26 -15.87 23.65
C LYS D 330 -39.42 -15.66 22.15
N TYR D 331 -38.30 -15.71 21.44
CA TYR D 331 -38.32 -15.59 19.99
C TYR D 331 -37.38 -16.60 19.36
N ARG D 332 -37.58 -16.84 18.07
CA ARG D 332 -36.67 -17.70 17.32
C ARG D 332 -35.74 -16.86 16.46
N ILE D 333 -34.75 -17.51 15.88
CA ILE D 333 -33.90 -16.91 14.87
C ILE D 333 -34.76 -16.24 13.81
N SER D 334 -35.77 -16.97 13.35
CA SER D 334 -36.67 -16.45 12.32
C SER D 334 -37.64 -15.37 12.82
N THR D 335 -37.85 -15.28 14.14
CA THR D 335 -38.79 -14.27 14.65
C THR D 335 -38.12 -13.10 15.37
N ALA D 336 -36.80 -13.15 15.51
CA ALA D 336 -36.08 -12.08 16.22
C ALA D 336 -36.31 -10.71 15.61
N ILE D 337 -36.56 -10.67 14.30
CA ILE D 337 -36.75 -9.42 13.57
C ILE D 337 -38.06 -8.71 13.93
N ASP D 338 -38.85 -9.31 14.81
CA ASP D 338 -40.11 -8.71 15.23
C ASP D 338 -39.96 -8.04 16.58
N ASP D 339 -38.77 -8.16 17.15
CA ASP D 339 -38.50 -7.60 18.45
C ASP D 339 -37.05 -7.15 18.53
N MET D 340 -36.85 -5.84 18.52
CA MET D 340 -35.51 -5.27 18.45
C MET D 340 -34.66 -5.65 19.64
N GLU D 341 -35.29 -5.90 20.78
CA GLU D 341 -34.54 -6.36 21.94
C GLU D 341 -34.00 -7.77 21.70
N ALA D 342 -34.73 -8.58 20.96
CA ALA D 342 -34.25 -9.93 20.66
C ALA D 342 -33.25 -9.86 19.52
N TYR D 343 -33.59 -9.07 18.51
CA TYR D 343 -32.74 -8.92 17.35
C TYR D 343 -31.34 -8.42 17.74
N THR D 344 -31.28 -7.58 18.78
CA THR D 344 -30.00 -7.11 19.31
C THR D 344 -29.05 -8.26 19.66
N LYS D 345 -29.64 -9.35 20.13
CA LYS D 345 -28.87 -10.50 20.56
C LYS D 345 -28.61 -11.51 19.44
N LEU D 346 -29.11 -11.21 18.24
CA LEU D 346 -28.99 -12.11 17.09
C LEU D 346 -27.80 -11.74 16.17
N THR D 347 -26.68 -12.42 16.36
CA THR D 347 -25.46 -12.14 15.61
C THR D 347 -24.81 -13.43 15.11
N ASP D 348 -23.55 -13.34 14.69
CA ASP D 348 -22.82 -14.50 14.22
C ASP D 348 -22.67 -15.59 15.30
N ASN D 349 -22.75 -15.18 16.56
CA ASN D 349 -22.62 -16.12 17.69
C ASN D 349 -23.48 -17.38 17.60
N ILE D 350 -24.62 -17.30 16.93
CA ILE D 350 -25.55 -18.42 16.84
C ILE D 350 -24.93 -19.58 16.07
N PHE D 351 -24.08 -19.24 15.09
CA PHE D 351 -23.27 -20.24 14.40
C PHE D 351 -22.57 -21.10 15.42
N LEU D 352 -21.92 -20.45 16.38
CA LEU D 352 -21.20 -21.18 17.40
C LEU D 352 -22.15 -21.81 18.42
N GLU D 353 -23.27 -21.14 18.69
CA GLU D 353 -24.22 -21.69 19.66
C GLU D 353 -24.71 -23.02 19.13
N ILE D 354 -25.05 -23.04 17.85
CA ILE D 354 -25.39 -24.28 17.19
C ILE D 354 -24.23 -25.26 17.22
N LEU D 355 -23.00 -24.79 16.94
CA LEU D 355 -21.89 -25.75 16.78
C LEU D 355 -21.47 -26.42 18.08
N TYR D 356 -21.60 -25.69 19.19
CA TYR D 356 -21.14 -26.18 20.48
C TYR D 356 -22.26 -26.87 21.26
N SER D 357 -23.45 -26.94 20.67
CA SER D 357 -24.62 -27.43 21.40
C SER D 357 -24.52 -28.92 21.71
N THR D 358 -25.24 -29.36 22.73
CA THR D 358 -25.28 -30.78 23.10
C THR D 358 -26.67 -31.39 22.92
N ASP D 359 -27.69 -30.54 22.93
CA ASP D 359 -29.08 -30.96 22.72
C ASP D 359 -29.22 -31.85 21.50
N PRO D 360 -29.84 -33.03 21.68
CA PRO D 360 -30.11 -33.93 20.55
C PRO D 360 -30.96 -33.26 19.46
N LYS D 361 -31.91 -32.42 19.86
CA LYS D 361 -32.79 -31.79 18.88
C LYS D 361 -32.08 -30.83 17.92
N LEU D 362 -30.82 -30.53 18.22
CA LEU D 362 -30.03 -29.63 17.38
C LEU D 362 -29.03 -30.40 16.52
N LYS D 363 -28.92 -31.71 16.79
CA LYS D 363 -28.00 -32.61 16.10
C LYS D 363 -27.84 -32.32 14.60
N ASP D 364 -28.95 -32.40 13.86
CA ASP D 364 -28.94 -32.18 12.42
C ASP D 364 -28.23 -30.88 12.07
N ALA D 365 -28.71 -29.78 12.67
CA ALA D 365 -28.17 -28.46 12.37
C ALA D 365 -26.67 -28.54 12.63
N ARG D 366 -26.33 -29.09 13.79
CA ARG D 366 -24.96 -29.18 14.26
C ARG D 366 -24.13 -29.92 13.20
N GLU D 367 -24.67 -31.04 12.72
CA GLU D 367 -23.94 -31.83 11.75
C GLU D 367 -23.60 -31.04 10.50
N ILE D 368 -24.55 -30.22 10.06
CA ILE D 368 -24.32 -29.44 8.86
C ILE D 368 -23.11 -28.53 9.10
N LEU D 369 -23.07 -27.90 10.26
CA LEU D 369 -21.98 -26.97 10.53
C LEU D 369 -20.69 -27.76 10.61
N LYS D 370 -20.77 -29.00 11.08
CA LYS D 370 -19.55 -29.77 11.20
C LYS D 370 -19.05 -30.17 9.80
N GLN D 371 -19.99 -30.35 8.86
CA GLN D 371 -19.59 -30.56 7.47
C GLN D 371 -18.71 -29.41 7.02
N ILE D 372 -19.04 -28.20 7.49
CA ILE D 372 -18.28 -27.02 7.11
C ILE D 372 -16.88 -27.11 7.70
N GLU D 373 -16.75 -27.55 8.95
CA GLU D 373 -15.42 -27.55 9.58
C GLU D 373 -14.48 -28.57 8.95
N TYR D 374 -15.04 -29.70 8.51
CA TYR D 374 -14.23 -30.74 7.86
C TYR D 374 -14.07 -30.47 6.37
N ARG D 375 -14.67 -29.37 5.90
CA ARG D 375 -14.65 -29.00 4.46
C ARG D 375 -15.34 -30.07 3.58
N ASN D 376 -16.30 -30.78 4.15
CA ASN D 376 -17.15 -31.62 3.30
C ASN D 376 -18.34 -30.83 2.78
N LEU D 377 -18.08 -29.94 1.83
CA LEU D 377 -19.13 -29.04 1.31
C LEU D 377 -19.89 -29.64 0.12
N PHE D 378 -21.09 -29.12 -0.11
CA PHE D 378 -21.84 -29.43 -1.32
C PHE D 378 -20.94 -29.14 -2.52
N LYS D 379 -21.00 -29.98 -3.54
CA LYS D 379 -20.09 -29.88 -4.68
C LYS D 379 -20.62 -28.97 -5.77
N TYR D 380 -19.76 -28.05 -6.21
CA TYR D 380 -20.05 -27.21 -7.36
C TYR D 380 -20.08 -28.09 -8.60
N VAL D 381 -21.15 -27.97 -9.38
CA VAL D 381 -21.32 -28.76 -10.59
C VAL D 381 -21.08 -27.86 -11.78
N GLY D 382 -21.68 -26.68 -11.78
CA GLY D 382 -21.37 -25.80 -12.89
C GLY D 382 -22.14 -24.50 -12.97
N GLU D 383 -21.79 -23.69 -13.95
CA GLU D 383 -22.43 -22.41 -14.16
C GLU D 383 -22.89 -22.33 -15.59
N THR D 384 -24.07 -21.79 -15.80
CA THR D 384 -24.54 -21.50 -17.14
C THR D 384 -25.33 -20.19 -17.08
N GLN D 385 -25.78 -19.70 -18.24
CA GLN D 385 -26.63 -18.49 -18.31
C GLN D 385 -27.77 -18.73 -19.29
N PRO D 386 -28.88 -17.99 -19.14
CA PRO D 386 -29.94 -18.07 -20.15
C PRO D 386 -29.51 -17.35 -21.43
N THR D 387 -30.12 -17.67 -22.57
CA THR D 387 -29.79 -16.97 -23.81
C THR D 387 -30.99 -16.17 -24.29
N GLY D 388 -30.78 -15.42 -25.37
CA GLY D 388 -31.83 -14.62 -25.96
C GLY D 388 -32.43 -13.65 -24.98
N GLN D 389 -33.73 -13.79 -24.75
CA GLN D 389 -34.44 -12.89 -23.85
C GLN D 389 -35.20 -13.67 -22.78
N ILE D 390 -34.73 -14.89 -22.51
CA ILE D 390 -35.29 -15.68 -21.43
C ILE D 390 -34.80 -15.11 -20.11
N LYS D 391 -35.71 -14.88 -19.17
CA LYS D 391 -35.31 -14.40 -17.85
C LYS D 391 -35.98 -15.19 -16.75
N ILE D 392 -35.20 -15.87 -15.93
CA ILE D 392 -35.74 -16.71 -14.86
C ILE D 392 -36.45 -15.88 -13.79
N LYS D 393 -37.71 -16.22 -13.53
CA LYS D 393 -38.52 -15.53 -12.53
C LYS D 393 -38.31 -16.09 -11.14
N ARG D 394 -38.49 -15.25 -10.13
CA ARG D 394 -38.25 -15.63 -8.74
C ARG D 394 -39.14 -16.79 -8.25
N GLU D 395 -40.33 -16.91 -8.84
CA GLU D 395 -41.28 -17.96 -8.50
C GLU D 395 -40.94 -19.29 -9.16
N ASP D 396 -40.05 -19.24 -10.15
CA ASP D 396 -39.65 -20.43 -10.87
C ASP D 396 -38.45 -21.11 -10.20
N TYR D 397 -37.84 -20.41 -9.24
CA TYR D 397 -36.63 -20.92 -8.58
C TYR D 397 -36.85 -22.30 -8.00
N GLU D 398 -38.00 -22.49 -7.37
CA GLU D 398 -38.27 -23.70 -6.60
C GLU D 398 -38.34 -24.97 -7.46
N SER D 399 -38.76 -24.81 -8.71
CA SER D 399 -38.96 -25.95 -9.59
C SER D 399 -37.69 -26.37 -10.33
N LEU D 400 -36.62 -25.58 -10.19
CA LEU D 400 -35.42 -25.76 -11.00
C LEU D 400 -34.62 -27.05 -10.76
N PRO D 401 -34.39 -27.42 -9.48
CA PRO D 401 -33.69 -28.71 -9.28
C PRO D 401 -34.52 -29.90 -9.79
N LYS D 402 -35.84 -29.74 -9.82
CA LYS D 402 -36.69 -30.76 -10.42
C LYS D 402 -36.45 -30.86 -11.93
N GLU D 403 -36.31 -29.72 -12.61
CA GLU D 403 -36.01 -29.79 -14.03
C GLU D 403 -34.70 -30.53 -14.27
N VAL D 404 -33.70 -30.24 -13.45
CA VAL D 404 -32.38 -30.85 -13.59
C VAL D 404 -32.44 -32.36 -13.36
N ALA D 405 -33.13 -32.79 -12.31
CA ALA D 405 -33.24 -34.21 -11.97
C ALA D 405 -34.05 -34.99 -13.02
N SER D 406 -34.91 -34.30 -13.74
CA SER D 406 -35.77 -34.93 -14.74
C SER D 406 -35.12 -34.92 -16.13
N ALA D 407 -33.85 -34.54 -16.21
CA ALA D 407 -33.15 -34.53 -17.48
C ALA D 407 -32.72 -35.95 -17.84
N LYS D 408 -32.57 -36.24 -19.13
CA LYS D 408 -32.17 -37.59 -19.55
C LYS D 408 -30.89 -37.61 -20.37
N PRO D 409 -29.73 -37.44 -19.70
CA PRO D 409 -28.45 -37.54 -20.40
C PRO D 409 -28.22 -38.96 -20.90
N LYS D 410 -27.79 -39.08 -22.16
CA LYS D 410 -27.42 -40.39 -22.71
C LYS D 410 -26.03 -40.78 -22.27
N VAL D 411 -25.90 -41.12 -21.00
CA VAL D 411 -24.66 -41.61 -20.43
C VAL D 411 -25.07 -42.73 -19.47
N LEU D 412 -24.28 -43.79 -19.40
CA LEU D 412 -24.55 -44.88 -18.47
C LEU D 412 -24.19 -44.47 -17.06
N LEU D 413 -25.13 -44.61 -16.14
CA LEU D 413 -24.93 -44.18 -14.77
C LEU D 413 -25.30 -45.26 -13.76
N ASP D 414 -24.46 -45.40 -12.74
CA ASP D 414 -24.72 -46.36 -11.67
C ASP D 414 -25.35 -45.63 -10.48
N VAL D 415 -25.75 -44.37 -10.73
CA VAL D 415 -26.35 -43.54 -9.70
C VAL D 415 -27.52 -42.76 -10.28
N LYS D 416 -28.66 -42.77 -9.59
CA LYS D 416 -29.77 -41.91 -9.96
C LYS D 416 -29.95 -40.85 -8.88
N LEU D 417 -29.99 -39.59 -9.30
CA LEU D 417 -30.10 -38.49 -8.35
C LEU D 417 -31.52 -37.94 -8.37
N LYS D 418 -31.96 -37.42 -7.23
CA LYS D 418 -33.30 -36.84 -7.12
C LYS D 418 -33.19 -35.33 -7.04
N ALA D 419 -34.33 -34.66 -7.19
CA ALA D 419 -34.41 -33.21 -7.15
C ALA D 419 -33.74 -32.67 -5.89
N GLU D 420 -33.99 -33.34 -4.78
CA GLU D 420 -33.48 -32.93 -3.48
CA GLU D 420 -33.47 -32.86 -3.50
C GLU D 420 -31.95 -32.99 -3.38
N ASP D 421 -31.31 -33.62 -4.36
CA ASP D 421 -29.86 -33.72 -4.37
C ASP D 421 -29.21 -32.48 -5.02
N PHE D 422 -30.00 -31.73 -5.77
CA PHE D 422 -29.47 -30.56 -6.48
C PHE D 422 -29.82 -29.27 -5.77
N ILE D 423 -28.88 -28.33 -5.79
CA ILE D 423 -29.15 -26.94 -5.45
C ILE D 423 -28.96 -26.08 -6.69
N VAL D 424 -29.92 -25.21 -6.97
CA VAL D 424 -29.82 -24.30 -8.11
C VAL D 424 -29.90 -22.85 -7.62
N ASP D 425 -28.78 -22.15 -7.73
CA ASP D 425 -28.64 -20.82 -7.16
C ASP D 425 -28.65 -19.81 -8.28
N VAL D 426 -29.66 -18.94 -8.29
CA VAL D 426 -29.83 -17.96 -9.35
C VAL D 426 -29.37 -16.58 -8.91
N ILE D 427 -28.48 -15.99 -9.71
CA ILE D 427 -27.85 -14.75 -9.31
C ILE D 427 -28.08 -13.65 -10.33
N ASN D 428 -28.67 -12.55 -9.87
CA ASN D 428 -28.88 -11.38 -10.71
C ASN D 428 -27.71 -10.42 -10.60
N MET D 429 -26.96 -10.29 -11.68
CA MET D 429 -25.85 -9.34 -11.73
C MET D 429 -26.30 -8.12 -12.52
N ASP D 430 -26.26 -6.94 -11.91
CA ASP D 430 -26.62 -5.71 -12.64
C ASP D 430 -25.82 -4.50 -12.21
N TYR D 431 -26.09 -3.35 -12.83
CA TYR D 431 -25.46 -2.11 -12.41
C TYR D 431 -26.27 -1.41 -11.32
N GLY D 432 -27.10 -2.19 -10.63
CA GLY D 432 -27.83 -1.71 -9.45
C GLY D 432 -29.22 -1.15 -9.68
N MET D 433 -29.64 -1.04 -10.95
CA MET D 433 -30.98 -0.53 -11.25
C MET D 433 -31.69 -1.48 -12.23
N GLN D 434 -31.65 -2.77 -11.92
CA GLN D 434 -32.12 -3.82 -12.83
C GLN D 434 -31.50 -3.63 -14.20
N GLU D 435 -32.34 -3.38 -15.20
CA GLU D 435 -31.85 -3.28 -16.58
C GLU D 435 -31.44 -1.89 -17.03
N LYS D 436 -31.58 -0.89 -16.17
CA LYS D 436 -31.23 0.48 -16.57
C LYS D 436 -29.76 0.79 -16.38
N ASN D 437 -29.26 1.68 -17.22
CA ASN D 437 -27.94 2.29 -17.08
C ASN D 437 -28.00 3.43 -16.07
N PRO D 438 -27.35 3.25 -14.91
CA PRO D 438 -27.42 4.24 -13.84
C PRO D 438 -26.77 5.57 -14.22
N ILE D 439 -25.90 5.58 -15.22
CA ILE D 439 -25.24 6.80 -15.63
C ILE D 439 -26.23 7.72 -16.38
N ASP D 440 -27.33 7.13 -16.84
CA ASP D 440 -28.42 7.92 -17.41
C ASP D 440 -29.16 8.69 -16.33
N HIS D 441 -28.86 8.37 -15.08
CA HIS D 441 -29.47 9.05 -13.93
C HIS D 441 -28.41 9.82 -13.15
N VAL D 442 -27.37 10.22 -13.86
CA VAL D 442 -26.34 11.05 -13.27
C VAL D 442 -26.36 12.38 -13.98
N SER D 443 -26.27 13.46 -13.22
CA SER D 443 -26.18 14.78 -13.81
C SER D 443 -24.74 15.22 -13.73
N PHE D 444 -24.28 15.87 -14.80
CA PHE D 444 -22.91 16.37 -14.88
C PHE D 444 -22.85 17.89 -15.07
N TYR D 445 -21.65 18.44 -15.00
CA TYR D 445 -21.44 19.86 -15.29
C TYR D 445 -20.14 20.08 -16.02
N CYS D 446 -20.07 21.17 -16.76
CA CYS D 446 -18.90 21.51 -17.55
C CYS D 446 -18.09 22.61 -16.88
N LYS D 447 -16.81 22.66 -17.21
CA LYS D 447 -15.89 23.63 -16.65
C LYS D 447 -16.34 25.07 -16.89
N THR D 448 -16.79 25.36 -18.11
CA THR D 448 -17.19 26.71 -18.45
C THR D 448 -18.51 27.16 -17.78
N ALA D 449 -19.43 26.22 -17.55
CA ALA D 449 -20.71 26.58 -16.92
C ALA D 449 -21.04 25.70 -15.71
N PRO D 450 -20.36 25.96 -14.58
CA PRO D 450 -20.35 25.08 -13.40
C PRO D 450 -21.70 24.93 -12.72
N ASN D 451 -22.71 25.67 -13.15
CA ASN D 451 -24.04 25.53 -12.56
C ASN D 451 -25.08 24.99 -13.53
N ARG D 452 -24.69 24.78 -14.78
CA ARG D 452 -25.60 24.15 -15.74
C ARG D 452 -25.44 22.64 -15.73
N ALA D 453 -26.47 21.95 -15.22
CA ALA D 453 -26.50 20.50 -15.22
C ALA D 453 -26.73 19.98 -16.64
N ILE D 454 -26.06 18.89 -17.00
CA ILE D 454 -26.31 18.24 -18.30
C ILE D 454 -26.39 16.72 -18.20
N ARG D 455 -26.84 16.10 -19.28
CA ARG D 455 -26.86 14.65 -19.40
C ARG D 455 -25.84 14.21 -20.43
N ILE D 456 -25.25 13.04 -20.21
CA ILE D 456 -24.28 12.45 -21.11
C ILE D 456 -24.72 11.02 -21.40
N THR D 457 -24.89 10.68 -22.67
CA THR D 457 -25.32 9.34 -23.05
C THR D 457 -24.11 8.43 -23.21
N LYS D 458 -24.38 7.13 -23.17
CA LYS D 458 -23.34 6.12 -23.32
C LYS D 458 -22.59 6.27 -24.63
N ASN D 459 -23.30 6.64 -25.70
CA ASN D 459 -22.64 6.83 -26.99
C ASN D 459 -21.65 7.99 -27.00
N GLN D 460 -21.83 8.94 -26.08
CA GLN D 460 -20.91 10.06 -25.99
C GLN D 460 -19.62 9.70 -25.25
N VAL D 461 -19.55 8.47 -24.75
CA VAL D 461 -18.41 8.07 -23.93
C VAL D 461 -17.53 7.05 -24.64
N SER D 462 -18.10 5.89 -24.92
CA SER D 462 -17.33 4.84 -25.55
C SER D 462 -18.23 3.81 -26.22
N GLN D 463 -17.70 3.18 -27.26
CA GLN D 463 -18.36 2.05 -27.90
C GLN D 463 -17.91 0.73 -27.28
N LEU D 464 -17.03 0.81 -26.27
CA LEU D 464 -16.44 -0.35 -25.61
C LEU D 464 -17.15 -0.69 -24.29
N LEU D 465 -18.24 0.03 -24.00
CA LEU D 465 -19.01 -0.15 -22.77
C LEU D 465 -20.07 -1.23 -22.94
N PRO D 466 -20.59 -1.79 -21.83
CA PRO D 466 -21.64 -2.82 -21.89
C PRO D 466 -22.86 -2.42 -22.73
N GLU D 467 -23.47 -3.39 -23.41
CA GLU D 467 -24.67 -3.12 -24.21
C GLU D 467 -25.92 -3.43 -23.40
N LYS D 468 -25.75 -4.19 -22.32
CA LYS D 468 -26.80 -4.42 -21.33
C LYS D 468 -26.24 -4.22 -19.94
N PHE D 469 -27.12 -4.04 -18.97
CA PHE D 469 -26.70 -3.75 -17.61
C PHE D 469 -27.24 -4.73 -16.59
N ALA D 470 -27.72 -5.87 -17.07
CA ALA D 470 -28.22 -6.93 -16.19
C ALA D 470 -28.17 -8.28 -16.88
N GLU D 471 -27.80 -9.31 -16.12
CA GLU D 471 -27.77 -10.68 -16.61
C GLU D 471 -27.95 -11.62 -15.43
N GLN D 472 -28.14 -12.90 -15.71
CA GLN D 472 -28.32 -13.89 -14.68
C GLN D 472 -27.31 -15.03 -14.80
N LEU D 473 -26.77 -15.43 -13.66
CA LEU D 473 -25.83 -16.54 -13.56
C LEU D 473 -26.54 -17.66 -12.83
N ILE D 474 -26.50 -18.86 -13.39
CA ILE D 474 -27.13 -20.00 -12.76
C ILE D 474 -26.06 -20.99 -12.31
N ARG D 475 -25.94 -21.16 -11.00
CA ARG D 475 -24.97 -22.11 -10.46
C ARG D 475 -25.69 -23.37 -9.95
N VAL D 476 -25.17 -24.54 -10.30
CA VAL D 476 -25.73 -25.80 -9.84
C VAL D 476 -24.72 -26.55 -8.98
N TYR D 477 -25.25 -27.09 -7.88
CA TYR D 477 -24.47 -27.81 -6.87
C TYR D 477 -25.14 -29.14 -6.60
N CYS D 478 -24.37 -30.08 -6.05
CA CYS D 478 -24.88 -31.39 -5.70
C CYS D 478 -24.62 -31.73 -4.24
N LYS D 479 -25.67 -32.11 -3.51
CA LYS D 479 -25.52 -32.41 -2.08
C LYS D 479 -24.84 -33.76 -1.81
N LYS D 480 -24.74 -34.60 -2.84
CA LYS D 480 -24.01 -35.85 -2.74
C LYS D 480 -22.60 -35.62 -3.25
N VAL D 481 -21.62 -35.87 -2.39
CA VAL D 481 -20.26 -35.42 -2.67
C VAL D 481 -19.33 -36.50 -3.19
N ASP D 482 -19.82 -37.73 -3.31
CA ASP D 482 -18.97 -38.81 -3.79
C ASP D 482 -18.68 -38.64 -5.27
N ARG D 483 -17.66 -39.36 -5.74
CA ARG D 483 -17.16 -39.25 -7.11
C ARG D 483 -18.22 -39.61 -8.17
N LYS D 484 -18.85 -40.75 -7.98
CA LYS D 484 -19.93 -41.19 -8.85
C LYS D 484 -21.05 -40.19 -8.93
N SER D 485 -21.52 -39.73 -7.77
CA SER D 485 -22.58 -38.73 -7.69
C SER D 485 -22.21 -37.42 -8.41
N LEU D 486 -20.96 -37.00 -8.28
CA LEU D 486 -20.53 -35.76 -8.93
C LEU D 486 -20.49 -35.93 -10.44
N TYR D 487 -20.01 -37.07 -10.89
CA TYR D 487 -20.01 -37.39 -12.32
C TYR D 487 -21.44 -37.34 -12.89
N ALA D 488 -22.33 -38.06 -12.24
CA ALA D 488 -23.71 -38.10 -12.68
C ALA D 488 -24.36 -36.71 -12.67
N ALA D 489 -24.09 -35.96 -11.61
CA ALA D 489 -24.61 -34.59 -11.47
C ALA D 489 -24.13 -33.74 -12.65
N ARG D 490 -22.87 -33.92 -13.05
CA ARG D 490 -22.35 -33.20 -14.19
C ARG D 490 -23.12 -33.52 -15.48
N GLN D 491 -23.38 -34.81 -15.69
CA GLN D 491 -24.19 -35.20 -16.85
C GLN D 491 -25.61 -34.59 -16.86
N TYR D 492 -26.33 -34.75 -15.76
CA TYR D 492 -27.64 -34.09 -15.64
C TYR D 492 -27.57 -32.57 -15.91
N PHE D 493 -26.59 -31.90 -15.33
CA PHE D 493 -26.48 -30.45 -15.43
C PHE D 493 -26.29 -30.01 -16.88
N VAL D 494 -25.32 -30.64 -17.55
CA VAL D 494 -25.08 -30.24 -18.93
C VAL D 494 -26.28 -30.57 -19.82
N GLN D 495 -26.91 -31.71 -19.57
CA GLN D 495 -28.09 -32.05 -20.37
C GLN D 495 -29.20 -31.01 -20.21
N TRP D 496 -29.46 -30.63 -18.96
CA TRP D 496 -30.44 -29.59 -18.65
C TRP D 496 -30.09 -28.28 -19.34
N CYS D 497 -28.80 -27.92 -19.40
CA CYS D 497 -28.41 -26.71 -20.13
C CYS D 497 -28.76 -26.82 -21.61
N ALA D 498 -28.44 -27.97 -22.19
CA ALA D 498 -28.81 -28.24 -23.59
C ALA D 498 -30.32 -28.12 -23.83
N ASP D 499 -31.13 -28.80 -23.01
CA ASP D 499 -32.59 -28.78 -23.13
C ASP D 499 -33.16 -27.37 -23.10
N ARG D 500 -32.65 -26.52 -22.21
CA ARG D 500 -33.19 -25.17 -22.06
C ARG D 500 -32.54 -24.14 -22.98
N ASN D 501 -31.66 -24.61 -23.86
CA ASN D 501 -30.89 -23.75 -24.76
C ASN D 501 -30.08 -22.67 -24.02
N PHE D 502 -29.61 -23.01 -22.83
CA PHE D 502 -28.72 -22.15 -22.05
C PHE D 502 -27.31 -22.17 -22.64
N THR D 503 -26.42 -21.34 -22.09
CA THR D 503 -25.06 -21.25 -22.60
C THR D 503 -24.25 -22.50 -22.22
N LYS D 504 -23.34 -22.88 -23.09
CA LYS D 504 -22.47 -24.00 -22.84
C LYS D 504 -21.52 -23.70 -21.71
N PRO D 505 -21.56 -24.51 -20.64
CA PRO D 505 -20.63 -24.37 -19.52
C PRO D 505 -19.20 -24.36 -20.04
N GLN D 506 -18.35 -23.57 -19.40
CA GLN D 506 -16.97 -23.38 -19.85
C GLN D 506 -16.17 -24.68 -19.97
N ASP D 507 -16.39 -25.61 -19.04
CA ASP D 507 -15.69 -26.89 -19.03
C ASP D 507 -16.59 -28.02 -19.54
N GLY D 508 -17.64 -27.66 -20.26
CA GLY D 508 -18.60 -28.62 -20.78
C GLY D 508 -18.02 -29.80 -21.55
N ASP D 509 -17.07 -29.53 -22.44
CA ASP D 509 -16.50 -30.60 -23.25
C ASP D 509 -15.65 -31.54 -22.40
N VAL D 510 -15.16 -31.04 -21.26
CA VAL D 510 -14.36 -31.86 -20.36
C VAL D 510 -15.18 -32.69 -19.37
N ILE D 511 -16.19 -32.07 -18.74
CA ILE D 511 -16.99 -32.75 -17.72
C ILE D 511 -18.17 -33.53 -18.31
N ALA D 512 -18.49 -33.28 -19.57
CA ALA D 512 -19.57 -34.03 -20.21
C ALA D 512 -19.32 -34.24 -21.69
N PRO D 513 -18.25 -34.98 -22.03
CA PRO D 513 -17.87 -35.10 -23.44
C PRO D 513 -18.88 -35.85 -24.29
N LEU D 514 -19.81 -36.56 -23.65
CA LEU D 514 -20.80 -37.33 -24.40
C LEU D 514 -22.10 -36.56 -24.60
N ILE D 515 -22.22 -35.41 -23.94
CA ILE D 515 -23.43 -34.59 -24.03
C ILE D 515 -23.27 -33.43 -25.01
N THR D 516 -22.19 -32.67 -24.86
CA THR D 516 -21.99 -31.43 -25.62
C THR D 516 -22.03 -31.52 -27.17
N PRO D 517 -21.64 -32.67 -27.77
CA PRO D 517 -21.81 -32.81 -29.22
C PRO D 517 -23.26 -32.68 -29.72
N GLN D 518 -24.23 -33.18 -28.97
CA GLN D 518 -25.63 -33.13 -29.40
C GLN D 518 -26.13 -31.72 -29.72
N LYS D 519 -25.48 -30.72 -29.14
CA LYS D 519 -25.96 -29.35 -29.21
C LYS D 519 -25.22 -28.59 -30.29
N LYS D 520 -25.90 -28.40 -31.42
CA LYS D 520 -25.29 -27.80 -32.60
C LYS D 520 -25.01 -26.32 -32.39
N GLU D 521 -25.82 -25.69 -31.54
CA GLU D 521 -25.60 -24.28 -31.22
C GLU D 521 -24.30 -24.07 -30.42
N TRP D 522 -23.80 -25.14 -29.80
CA TRP D 522 -22.50 -25.12 -29.14
C TRP D 522 -21.39 -25.54 -30.09
N ASN D 523 -21.77 -25.92 -31.32
CA ASN D 523 -20.81 -26.31 -32.35
C ASN D 523 -21.17 -25.76 -33.72
#